data_3FHQ
#
_entry.id   3FHQ
#
_cell.length_a   78.328
_cell.length_b   79.265
_cell.length_c   117.043
_cell.angle_alpha   80.51
_cell.angle_beta   83.84
_cell.angle_gamma   64.33
#
_symmetry.space_group_name_H-M   'P 1'
#
loop_
_entity.id
_entity.type
_entity.pdbx_description
1 polymer Endo-beta-N-acetylglucosaminidase
2 branched alpha-D-mannopyranose-(1-3)-[alpha-D-mannopyranose-(1-6)]beta-D-mannopyranose
3 non-polymer 3AR,5R,6S,7R,7AR-5-HYDROXYMETHYL-2-METHYL-5,6,7,7A-TETRAHYDRO-3AH-PYRANO[3,2-D]THIAZOLE-6,7-DIOL
4 water water
#
_entity_poly.entity_id   1
_entity_poly.type   'polypeptide(L)'
_entity_poly.pdbx_seq_one_letter_code
;STYNGPLSSHWFPEELAQWEPDSDPDAPFNRSHVPLEPGRVADRVNANADKDAHLVSLSALNRHTSGVPSQGAPVFYENT
FSYWHYTDLMVYWAGSAGEGIIVPPSADVIDASHRNGVPILGNVFFPPTVYGGQLEWLEQMLEQEEDGSFPLADKLLEVA
DYYGFDGWFINQETEGADEGTAEAMQAFLVYLQEQKPEGMHIMWYDSMIDTGAIAWQNHLTDRNKMYLQNGSTRVADSMF
LNFWWRDQRQSNELAQALGRSPYDLYAGVDVEARGTSTPVQWEGLFPEGEKAHTSLGLYRPDWAFQSSETMEAFYEKELQ
FWVGSTGNPAETDGQSNWPGMAHWFPAKSTATSVPFVTHFNTGSGAQFSAEGKTVSEQEWNNRSLQDVLPTWRWIQHGGD
LEATFSWEEAFEGGSSLQWHGSLAEGEHAQIELYQTELPISEGTSLTWTFKSEHDNDLNVGFRLDGEEDFRYVEGEQRES
INGWTQWTLPLDAFAGQTITGLAFAAEGNETGLAEFYTGQLAVGADSEKPAAPNVNVRQYDPDPSGIQLVWEKQSNVHHY
RVYKETKHGKELIGTSAGDRIYIEGLVEESKQNDVRLHIEALSETFVPSDARMIDIKSGSF
;
_entity_poly.pdbx_strand_id   A,B,D,F
#
loop_
_chem_comp.id
_chem_comp.type
_chem_comp.name
_chem_comp.formula
BMA D-saccharide, beta linking beta-D-mannopyranose 'C6 H12 O6'
MAN D-saccharide, alpha linking alpha-D-mannopyranose 'C6 H12 O6'
NGT non-polymer 3AR,5R,6S,7R,7AR-5-HYDROXYMETHYL-2-METHYL-5,6,7,7A-TETRAHYDRO-3AH-PYRANO[3,2-D]THIAZOLE-6,7-DIOL 'C8 H13 N O4 S'
#
# COMPACT_ATOMS: atom_id res chain seq x y z
N THR A 2 36.72 -44.88 -23.30
CA THR A 2 35.68 -45.71 -23.91
C THR A 2 34.59 -44.86 -24.56
N TYR A 3 34.46 -43.61 -24.13
CA TYR A 3 33.42 -42.73 -24.68
C TYR A 3 33.88 -42.11 -26.00
N ASN A 4 33.08 -42.32 -27.04
CA ASN A 4 33.40 -41.80 -28.36
C ASN A 4 32.35 -40.82 -28.89
N GLY A 5 31.56 -40.27 -27.97
CA GLY A 5 30.52 -39.34 -28.34
C GLY A 5 31.03 -37.92 -28.45
N PRO A 6 30.11 -36.99 -28.69
CA PRO A 6 30.37 -35.55 -28.79
C PRO A 6 30.91 -35.01 -27.46
N LEU A 7 31.85 -34.06 -27.55
CA LEU A 7 32.48 -33.48 -26.40
C LEU A 7 32.29 -31.98 -26.36
N SER A 8 32.16 -31.44 -25.15
CA SER A 8 32.14 -30.01 -24.94
C SER A 8 33.45 -29.46 -25.50
N SER A 9 33.35 -28.30 -26.15
CA SER A 9 34.45 -27.67 -26.85
C SER A 9 35.45 -26.96 -25.95
N HIS A 10 36.66 -26.84 -26.45
CA HIS A 10 37.74 -26.06 -25.88
C HIS A 10 38.73 -25.72 -26.97
N TRP A 11 39.39 -24.59 -26.87
CA TRP A 11 40.24 -24.15 -27.94
C TRP A 11 41.48 -23.45 -27.43
N PHE A 12 42.57 -23.61 -28.16
CA PHE A 12 43.67 -22.65 -28.12
C PHE A 12 43.29 -21.65 -29.20
N PRO A 13 43.87 -20.45 -29.16
CA PRO A 13 43.46 -19.39 -30.07
C PRO A 13 43.48 -19.76 -31.55
N GLU A 14 44.45 -20.50 -32.02
CA GLU A 14 44.51 -20.91 -33.41
C GLU A 14 43.42 -21.90 -33.87
N GLU A 15 42.95 -22.73 -32.96
CA GLU A 15 41.85 -23.63 -33.30
C GLU A 15 40.54 -22.84 -33.40
N LEU A 16 40.38 -21.86 -32.52
CA LEU A 16 39.17 -21.03 -32.51
C LEU A 16 39.04 -20.24 -33.82
N ALA A 17 40.13 -19.61 -34.20
CA ALA A 17 40.22 -18.86 -35.45
C ALA A 17 39.59 -19.61 -36.62
N GLN A 18 39.90 -20.90 -36.75
CA GLN A 18 39.40 -21.68 -37.86
C GLN A 18 38.20 -22.55 -37.50
N TRP A 19 37.59 -22.29 -36.35
CA TRP A 19 36.42 -23.06 -35.93
C TRP A 19 35.15 -22.54 -36.61
N GLU A 20 34.42 -23.46 -37.19
CA GLU A 20 33.13 -23.22 -37.79
C GLU A 20 32.06 -24.20 -37.31
N PRO A 21 30.95 -23.73 -36.74
CA PRO A 21 29.91 -24.62 -36.22
C PRO A 21 29.46 -25.64 -37.27
N ASP A 22 29.24 -25.20 -38.51
CA ASP A 22 28.76 -26.09 -39.58
C ASP A 22 29.71 -27.26 -39.91
N SER A 23 30.97 -27.16 -39.52
CA SER A 23 31.96 -28.18 -39.85
C SER A 23 32.35 -28.97 -38.62
N ASP A 24 31.88 -28.53 -37.46
CA ASP A 24 32.17 -29.22 -36.19
C ASP A 24 31.11 -30.26 -35.91
N PRO A 25 31.49 -31.54 -35.95
CA PRO A 25 30.52 -32.60 -35.68
C PRO A 25 29.86 -32.41 -34.30
N ASP A 26 30.58 -31.81 -33.36
CA ASP A 26 30.14 -31.70 -31.97
C ASP A 26 29.34 -30.45 -31.68
N ALA A 27 29.50 -29.43 -32.50
CA ALA A 27 28.88 -28.12 -32.25
C ALA A 27 27.38 -28.19 -31.96
N PRO A 28 26.63 -29.02 -32.71
CA PRO A 28 25.18 -29.02 -32.47
C PRO A 28 24.78 -29.63 -31.11
N PHE A 29 25.61 -30.52 -30.60
CA PHE A 29 25.42 -31.09 -29.28
C PHE A 29 25.73 -30.12 -28.15
N ASN A 30 26.51 -29.09 -28.45
CA ASN A 30 26.97 -28.17 -27.44
C ASN A 30 26.12 -26.91 -27.35
N ARG A 31 25.10 -26.80 -28.20
CA ARG A 31 24.17 -25.68 -28.11
C ARG A 31 23.18 -25.89 -26.97
N SER A 32 23.05 -24.87 -26.13
CA SER A 32 21.98 -24.82 -25.16
C SER A 32 20.65 -24.54 -25.85
N HIS A 33 19.60 -25.25 -25.44
CA HIS A 33 18.25 -24.95 -25.94
C HIS A 33 17.34 -24.47 -24.84
N VAL A 34 17.91 -23.88 -23.80
CA VAL A 34 17.15 -23.35 -22.67
C VAL A 34 17.56 -21.89 -22.46
N PRO A 35 16.67 -20.96 -22.82
CA PRO A 35 17.01 -19.54 -22.75
C PRO A 35 17.15 -19.06 -21.31
N LEU A 36 18.00 -18.10 -21.07
CA LEU A 36 18.09 -17.47 -19.76
C LEU A 36 16.72 -16.97 -19.29
N GLU A 37 16.20 -17.57 -18.22
CA GLU A 37 14.95 -17.10 -17.61
C GLU A 37 15.13 -15.68 -17.08
N PRO A 38 14.33 -14.74 -17.60
CA PRO A 38 14.36 -13.33 -17.18
C PRO A 38 13.54 -13.12 -15.91
N GLY A 39 13.88 -12.09 -15.14
CA GLY A 39 13.07 -11.72 -14.00
C GLY A 39 12.97 -12.76 -12.90
N ARG A 40 14.03 -12.86 -12.11
CA ARG A 40 13.97 -13.64 -10.89
C ARG A 40 13.31 -12.77 -9.82
N VAL A 41 12.79 -13.39 -8.77
CA VAL A 41 12.19 -12.63 -7.70
C VAL A 41 12.92 -12.96 -6.39
N ALA A 42 13.18 -11.94 -5.60
CA ALA A 42 13.99 -12.11 -4.40
C ALA A 42 13.12 -12.48 -3.21
N ASP A 43 13.74 -13.07 -2.19
CA ASP A 43 13.05 -13.44 -0.97
C ASP A 43 13.38 -12.39 0.07
N ARG A 44 12.77 -12.47 1.23
CA ARG A 44 13.09 -11.48 2.25
C ARG A 44 13.24 -12.10 3.65
N VAL A 45 13.58 -13.38 3.71
CA VAL A 45 13.56 -14.11 4.99
C VAL A 45 14.75 -13.84 5.90
N ASN A 46 15.81 -13.28 5.35
CA ASN A 46 16.97 -12.95 6.20
C ASN A 46 17.13 -11.44 6.35
N ALA A 47 17.02 -10.99 7.60
CA ALA A 47 16.91 -9.56 7.88
C ALA A 47 18.19 -8.82 7.56
N ASN A 48 19.32 -9.53 7.64
CA ASN A 48 20.63 -8.93 7.40
C ASN A 48 20.99 -8.77 5.93
N ALA A 49 20.32 -9.52 5.05
CA ALA A 49 20.68 -9.54 3.64
C ALA A 49 20.29 -8.23 2.97
N ASP A 50 21.17 -7.73 2.11
CA ASP A 50 20.95 -6.46 1.41
C ASP A 50 20.71 -6.70 -0.08
N LYS A 51 20.23 -5.67 -0.76
CA LYS A 51 19.81 -5.80 -2.17
C LYS A 51 20.85 -5.23 -3.14
N ASP A 52 21.95 -4.71 -2.61
CA ASP A 52 22.90 -4.00 -3.44
C ASP A 52 23.99 -4.91 -4.01
N ALA A 53 24.67 -5.62 -3.12
CA ALA A 53 25.80 -6.46 -3.48
C ALA A 53 25.39 -7.62 -4.41
N HIS A 54 26.20 -7.88 -5.43
CA HIS A 54 25.98 -9.07 -6.26
C HIS A 54 26.98 -10.16 -5.90
N LEU A 55 26.81 -11.33 -6.50
CA LEU A 55 27.68 -12.46 -6.26
C LEU A 55 27.98 -13.21 -7.56
N VAL A 56 29.27 -13.38 -7.88
CA VAL A 56 29.67 -14.24 -8.97
C VAL A 56 30.34 -15.48 -8.41
N SER A 57 30.04 -16.62 -9.02
CA SER A 57 30.74 -17.85 -8.74
C SER A 57 31.64 -18.24 -9.92
N LEU A 58 32.91 -18.49 -9.63
CA LEU A 58 33.82 -19.13 -10.57
C LEU A 58 33.88 -20.60 -10.15
N SER A 59 33.17 -21.44 -10.88
CA SER A 59 33.01 -22.83 -10.46
C SER A 59 33.42 -23.80 -11.54
N ALA A 60 34.27 -24.74 -11.15
CA ALA A 60 34.58 -25.84 -12.03
C ALA A 60 33.39 -26.81 -12.09
N LEU A 61 32.31 -26.41 -12.75
CA LEU A 61 31.15 -27.28 -12.91
C LEU A 61 31.54 -28.61 -13.54
N ASN A 62 32.67 -28.62 -14.23
CA ASN A 62 33.25 -29.86 -14.70
C ASN A 62 34.69 -29.87 -14.22
N ARG A 63 35.12 -30.98 -13.62
CA ARG A 63 36.45 -31.03 -13.05
C ARG A 63 37.52 -30.78 -14.13
N HIS A 64 37.28 -31.31 -15.33
CA HIS A 64 38.23 -31.17 -16.43
C HIS A 64 37.72 -30.32 -17.63
N THR A 65 38.68 -29.74 -18.35
CA THR A 65 38.37 -29.01 -19.55
C THR A 65 38.06 -29.94 -20.72
N SER A 66 38.86 -30.97 -20.89
CA SER A 66 38.63 -31.90 -21.99
C SER A 66 37.89 -33.15 -21.53
N GLY A 67 37.35 -33.89 -22.49
CA GLY A 67 36.74 -35.16 -22.19
C GLY A 67 35.38 -35.05 -21.55
N VAL A 68 34.78 -33.88 -21.61
CA VAL A 68 33.45 -33.68 -21.08
C VAL A 68 32.37 -33.99 -22.13
N PRO A 69 31.60 -35.06 -21.92
CA PRO A 69 30.52 -35.39 -22.87
C PRO A 69 29.56 -34.23 -23.02
N SER A 70 29.09 -33.96 -24.24
CA SER A 70 28.23 -32.80 -24.49
C SER A 70 27.00 -32.71 -23.58
N GLN A 71 26.37 -33.85 -23.30
CA GLN A 71 24.99 -33.84 -22.84
C GLN A 71 24.70 -34.74 -21.65
N GLY A 72 25.62 -34.83 -20.71
CA GLY A 72 25.46 -35.76 -19.61
C GLY A 72 26.27 -37.03 -19.84
N ALA A 73 26.27 -37.89 -18.83
CA ALA A 73 27.08 -39.09 -18.82
C ALA A 73 26.51 -40.02 -17.74
N PRO A 74 26.84 -41.31 -17.85
CA PRO A 74 26.40 -42.33 -16.90
C PRO A 74 27.25 -42.28 -15.61
N VAL A 75 27.24 -41.12 -14.96
CA VAL A 75 27.98 -40.92 -13.72
C VAL A 75 27.13 -40.19 -12.70
N PHE A 76 26.91 -40.82 -11.56
CA PHE A 76 26.07 -40.24 -10.51
C PHE A 76 26.81 -39.06 -9.92
N TYR A 77 28.06 -39.29 -9.51
CA TYR A 77 28.81 -38.27 -8.80
C TYR A 77 29.33 -37.23 -9.79
N GLU A 78 28.53 -36.22 -10.06
CA GLU A 78 28.92 -35.13 -10.94
C GLU A 78 28.50 -33.85 -10.22
N ASN A 79 29.15 -32.74 -10.58
CA ASN A 79 28.96 -31.47 -9.87
C ASN A 79 27.58 -30.85 -10.18
N THR A 80 26.62 -31.16 -9.32
CA THR A 80 25.22 -30.81 -9.52
C THR A 80 24.87 -29.58 -8.65
N PHE A 81 25.68 -28.54 -8.77
CA PHE A 81 25.47 -27.30 -8.02
C PHE A 81 23.99 -26.91 -7.96
N SER A 82 23.52 -26.57 -6.78
CA SER A 82 22.09 -26.31 -6.61
C SER A 82 21.84 -24.99 -5.89
N TYR A 83 22.85 -24.13 -5.81
CA TYR A 83 22.66 -22.86 -5.14
C TYR A 83 22.63 -21.68 -6.10
N TRP A 84 22.04 -21.93 -7.26
CA TRP A 84 21.85 -20.89 -8.25
C TRP A 84 21.11 -19.71 -7.62
N HIS A 85 20.26 -19.98 -6.65
CA HIS A 85 19.49 -18.91 -6.05
C HIS A 85 20.26 -17.79 -5.31
N TYR A 86 21.51 -18.05 -4.91
CA TYR A 86 22.32 -16.99 -4.29
C TYR A 86 23.33 -16.47 -5.28
N THR A 87 23.21 -16.91 -6.52
CA THR A 87 24.19 -16.57 -7.54
C THR A 87 23.63 -15.59 -8.56
N ASP A 88 24.33 -14.49 -8.81
CA ASP A 88 23.86 -13.53 -9.82
C ASP A 88 24.51 -13.78 -11.16
N LEU A 89 25.70 -14.38 -11.10
CA LEU A 89 26.51 -14.60 -12.28
C LEU A 89 27.32 -15.86 -12.05
N MET A 90 27.33 -16.74 -13.04
CA MET A 90 28.16 -17.92 -12.98
C MET A 90 29.25 -17.88 -14.02
N VAL A 91 30.49 -18.07 -13.57
CA VAL A 91 31.60 -18.22 -14.50
C VAL A 91 32.05 -19.69 -14.54
N TYR A 92 31.96 -20.31 -15.72
CA TYR A 92 32.38 -21.68 -15.93
C TYR A 92 33.91 -21.78 -15.82
N TRP A 93 34.39 -22.28 -14.70
CA TRP A 93 35.84 -22.30 -14.53
C TRP A 93 36.55 -23.42 -15.29
N ALA A 94 37.40 -23.03 -16.25
CA ALA A 94 38.13 -24.04 -17.01
C ALA A 94 39.31 -23.45 -17.77
N GLY A 95 40.04 -24.30 -18.49
CA GLY A 95 41.17 -23.83 -19.26
C GLY A 95 42.49 -24.28 -18.68
N SER A 96 43.38 -24.76 -19.56
CA SER A 96 44.71 -25.14 -19.15
C SER A 96 45.63 -25.13 -20.35
N ALA A 97 46.92 -24.93 -20.06
CA ALA A 97 47.96 -24.94 -21.07
C ALA A 97 47.95 -26.26 -21.88
N GLY A 98 47.64 -27.38 -21.22
CA GLY A 98 47.61 -28.68 -21.88
C GLY A 98 46.35 -29.00 -22.68
N GLU A 99 45.23 -28.36 -22.35
CA GLU A 99 43.98 -28.73 -23.00
C GLU A 99 43.35 -27.68 -23.92
N GLY A 100 43.64 -26.39 -23.68
CA GLY A 100 42.89 -25.32 -24.30
C GLY A 100 42.54 -24.24 -23.28
N ILE A 101 42.64 -23.00 -23.71
CA ILE A 101 42.52 -21.87 -22.81
C ILE A 101 41.24 -21.04 -23.00
N ILE A 102 40.48 -21.34 -24.06
CA ILE A 102 39.18 -20.73 -24.27
C ILE A 102 38.14 -21.82 -24.13
N VAL A 103 37.32 -21.73 -23.11
CA VAL A 103 36.37 -22.82 -22.90
C VAL A 103 34.98 -22.37 -22.48
N PRO A 104 34.00 -22.65 -23.34
CA PRO A 104 32.60 -22.31 -23.08
C PRO A 104 32.04 -23.28 -22.05
N PRO A 105 30.94 -22.92 -21.36
CA PRO A 105 30.28 -23.88 -20.48
C PRO A 105 29.62 -24.94 -21.34
N SER A 106 29.65 -26.20 -20.90
CA SER A 106 28.92 -27.27 -21.56
C SER A 106 27.40 -27.02 -21.49
N ALA A 107 26.68 -27.55 -22.48
CA ALA A 107 25.25 -27.27 -22.66
C ALA A 107 24.36 -27.67 -21.47
N ASP A 108 24.74 -28.73 -20.75
CA ASP A 108 23.96 -29.20 -19.60
C ASP A 108 23.97 -28.13 -18.52
N VAL A 109 25.11 -27.50 -18.35
CA VAL A 109 25.34 -26.53 -17.30
C VAL A 109 24.76 -25.15 -17.67
N ILE A 110 24.92 -24.78 -18.95
CA ILE A 110 24.23 -23.59 -19.49
C ILE A 110 22.73 -23.69 -19.18
N ASP A 111 22.17 -24.87 -19.43
CA ASP A 111 20.74 -25.12 -19.18
C ASP A 111 20.33 -24.98 -17.74
N ALA A 112 21.08 -25.61 -16.83
CA ALA A 112 20.79 -25.51 -15.42
C ALA A 112 20.83 -24.06 -14.97
N SER A 113 21.93 -23.38 -15.30
CA SER A 113 22.09 -21.97 -15.00
C SER A 113 20.89 -21.18 -15.54
N HIS A 114 20.56 -21.37 -16.81
CA HIS A 114 19.48 -20.57 -17.42
C HIS A 114 18.12 -20.75 -16.79
N ARG A 115 17.74 -22.00 -16.46
CA ARG A 115 16.48 -22.24 -15.74
C ARG A 115 16.35 -21.42 -14.46
N ASN A 116 17.48 -21.10 -13.82
CA ASN A 116 17.47 -20.29 -12.60
C ASN A 116 17.78 -18.83 -12.86
N GLY A 117 17.65 -18.42 -14.13
CA GLY A 117 17.85 -17.05 -14.51
C GLY A 117 19.23 -16.54 -14.21
N VAL A 118 20.22 -17.43 -14.21
CA VAL A 118 21.58 -17.02 -13.94
C VAL A 118 22.36 -16.94 -15.26
N PRO A 119 22.96 -15.77 -15.54
CA PRO A 119 23.78 -15.67 -16.77
C PRO A 119 25.05 -16.46 -16.57
N ILE A 120 25.48 -17.23 -17.56
CA ILE A 120 26.70 -18.02 -17.40
C ILE A 120 27.76 -17.60 -18.43
N LEU A 121 28.98 -17.39 -17.92
CA LEU A 121 30.08 -16.95 -18.76
C LEU A 121 31.04 -18.10 -19.01
N GLY A 122 31.66 -18.09 -20.18
CA GLY A 122 32.72 -19.03 -20.49
C GLY A 122 34.02 -18.40 -20.04
N ASN A 123 35.12 -19.14 -20.17
CA ASN A 123 36.41 -18.71 -19.63
C ASN A 123 37.44 -18.58 -20.73
N VAL A 124 38.18 -17.48 -20.69
CA VAL A 124 39.37 -17.28 -21.51
C VAL A 124 40.52 -17.22 -20.51
N PHE A 125 41.28 -18.30 -20.42
CA PHE A 125 42.29 -18.47 -19.37
C PHE A 125 43.73 -18.36 -19.89
N PHE A 126 44.35 -17.18 -19.77
CA PHE A 126 45.76 -17.01 -20.09
C PHE A 126 46.60 -17.36 -18.87
N PRO A 127 47.17 -18.57 -18.83
CA PRO A 127 47.75 -19.12 -17.60
C PRO A 127 49.11 -18.51 -17.25
N PRO A 128 49.43 -18.46 -15.96
CA PRO A 128 50.81 -18.15 -15.57
C PRO A 128 51.81 -19.05 -16.30
N THR A 129 52.96 -18.51 -16.70
CA THR A 129 54.00 -19.30 -17.32
C THR A 129 54.39 -20.57 -16.54
N VAL A 130 54.31 -20.51 -15.21
CA VAL A 130 54.65 -21.66 -14.40
C VAL A 130 53.68 -22.81 -14.67
N TYR A 131 52.54 -22.48 -15.27
CA TYR A 131 51.56 -23.51 -15.58
C TYR A 131 51.44 -23.74 -17.07
N GLY A 132 52.50 -23.44 -17.81
CA GLY A 132 52.53 -23.62 -19.25
C GLY A 132 51.94 -22.48 -20.07
N GLY A 133 51.66 -21.35 -19.42
CA GLY A 133 51.25 -20.15 -20.12
C GLY A 133 52.22 -19.76 -21.24
N GLN A 134 51.68 -19.21 -22.32
CA GLN A 134 52.47 -18.77 -23.45
C GLN A 134 51.99 -17.40 -23.91
N LEU A 135 52.88 -16.41 -23.91
CA LEU A 135 52.58 -15.08 -24.45
C LEU A 135 51.98 -15.16 -25.84
N GLU A 136 52.46 -16.13 -26.62
CA GLU A 136 52.01 -16.29 -27.98
C GLU A 136 50.48 -16.31 -28.04
N TRP A 137 49.88 -17.12 -27.18
CA TRP A 137 48.43 -17.27 -27.19
C TRP A 137 47.78 -15.92 -26.97
N LEU A 138 48.30 -15.17 -26.00
CA LEU A 138 47.77 -13.85 -25.73
C LEU A 138 47.87 -12.98 -26.98
N GLU A 139 49.05 -12.98 -27.60
CA GLU A 139 49.28 -12.16 -28.79
C GLU A 139 48.33 -12.57 -29.94
N GLN A 140 48.13 -13.87 -30.10
CA GLN A 140 47.20 -14.39 -31.09
C GLN A 140 45.78 -13.84 -30.89
N MET A 141 45.30 -13.90 -29.65
CA MET A 141 43.97 -13.40 -29.34
C MET A 141 43.89 -11.91 -29.64
N LEU A 142 45.00 -11.21 -29.47
CA LEU A 142 45.02 -9.75 -29.57
C LEU A 142 45.30 -9.21 -30.99
N GLU A 143 45.38 -10.10 -31.97
CA GLU A 143 45.54 -9.69 -33.36
C GLU A 143 44.42 -8.76 -33.88
N GLN A 144 44.82 -7.76 -34.65
CA GLN A 144 43.89 -6.72 -35.07
C GLN A 144 43.99 -6.50 -36.57
N GLU A 145 42.86 -6.42 -37.25
CA GLU A 145 42.84 -6.16 -38.69
C GLU A 145 43.00 -4.67 -38.97
N GLU A 146 43.22 -4.31 -40.23
CA GLU A 146 43.30 -2.90 -40.63
C GLU A 146 41.99 -2.27 -40.19
N ASP A 147 40.93 -3.06 -40.38
CA ASP A 147 39.59 -2.81 -39.91
C ASP A 147 39.52 -2.20 -38.50
N GLY A 148 40.45 -2.59 -37.65
CA GLY A 148 40.41 -2.23 -36.24
C GLY A 148 39.79 -3.36 -35.42
N SER A 149 39.01 -4.21 -36.09
CA SER A 149 38.35 -5.34 -35.43
C SER A 149 39.35 -6.41 -34.94
N PHE A 150 38.92 -7.19 -33.95
CA PHE A 150 39.72 -8.33 -33.48
C PHE A 150 39.02 -9.62 -33.86
N PRO A 151 39.57 -10.36 -34.83
CA PRO A 151 38.90 -11.57 -35.33
C PRO A 151 38.60 -12.60 -34.22
N LEU A 152 39.49 -12.76 -33.25
CA LEU A 152 39.26 -13.73 -32.20
C LEU A 152 38.24 -13.25 -31.17
N ALA A 153 38.09 -11.93 -31.04
CA ALA A 153 36.97 -11.39 -30.26
C ALA A 153 35.67 -11.77 -30.94
N ASP A 154 35.68 -11.68 -32.27
CA ASP A 154 34.49 -12.01 -33.06
C ASP A 154 34.13 -13.47 -32.85
N LYS A 155 35.15 -14.31 -32.71
CA LYS A 155 34.93 -15.72 -32.44
C LYS A 155 34.38 -15.98 -31.04
N LEU A 156 34.78 -15.16 -30.06
CA LEU A 156 34.22 -15.27 -28.72
C LEU A 156 32.74 -14.98 -28.74
N LEU A 157 32.36 -13.89 -29.41
CA LEU A 157 30.96 -13.52 -29.55
C LEU A 157 30.17 -14.59 -30.32
N GLU A 158 30.75 -15.10 -31.40
CA GLU A 158 30.07 -16.10 -32.23
C GLU A 158 29.84 -17.42 -31.48
N VAL A 159 30.83 -17.84 -30.68
CA VAL A 159 30.69 -19.03 -29.86
C VAL A 159 29.55 -18.82 -28.86
N ALA A 160 29.55 -17.66 -28.21
CA ALA A 160 28.57 -17.38 -27.16
C ALA A 160 27.18 -17.31 -27.77
N ASP A 161 27.09 -16.80 -29.00
CA ASP A 161 25.84 -16.72 -29.69
C ASP A 161 25.34 -18.11 -30.10
N TYR A 162 26.23 -18.89 -30.70
CA TYR A 162 25.84 -20.20 -31.21
C TYR A 162 25.49 -21.16 -30.09
N TYR A 163 26.35 -21.23 -29.08
CA TYR A 163 26.15 -22.20 -28.01
C TYR A 163 25.10 -21.74 -27.01
N GLY A 164 24.85 -20.43 -26.98
CA GLY A 164 23.78 -19.90 -26.15
C GLY A 164 24.14 -19.55 -24.70
N PHE A 165 25.27 -18.88 -24.48
CA PHE A 165 25.60 -18.34 -23.15
C PHE A 165 25.87 -16.83 -23.20
N ASP A 166 26.35 -16.25 -22.10
CA ASP A 166 26.12 -14.84 -21.83
C ASP A 166 27.35 -13.95 -21.71
N GLY A 167 28.46 -14.38 -22.31
CA GLY A 167 29.69 -13.65 -22.23
C GLY A 167 30.89 -14.46 -21.78
N TRP A 168 31.88 -13.75 -21.27
CA TRP A 168 33.19 -14.31 -21.02
C TRP A 168 33.85 -13.75 -19.75
N PHE A 169 34.65 -14.59 -19.08
CA PHE A 169 35.55 -14.16 -18.05
C PHE A 169 36.92 -14.11 -18.71
N ILE A 170 37.65 -13.01 -18.55
CA ILE A 170 38.96 -12.87 -19.16
C ILE A 170 40.04 -12.86 -18.06
N ASN A 171 40.91 -13.84 -18.10
CA ASN A 171 41.88 -14.09 -17.03
C ASN A 171 43.30 -14.00 -17.63
N GLN A 172 43.92 -12.84 -17.47
CA GLN A 172 45.22 -12.59 -18.10
C GLN A 172 46.31 -12.67 -17.03
N GLU A 173 46.93 -13.83 -16.92
CA GLU A 173 47.99 -14.02 -15.95
C GLU A 173 49.30 -14.43 -16.61
N THR A 174 49.38 -14.35 -17.93
CA THR A 174 50.63 -14.67 -18.64
C THR A 174 51.61 -13.48 -18.55
N GLU A 175 52.77 -13.74 -17.95
CA GLU A 175 53.82 -12.74 -17.83
C GLU A 175 54.51 -12.47 -19.17
N GLY A 176 55.22 -11.33 -19.23
CA GLY A 176 56.03 -10.98 -20.39
C GLY A 176 55.39 -9.99 -21.32
N ALA A 177 54.23 -9.47 -20.93
CA ALA A 177 53.50 -8.51 -21.75
C ALA A 177 53.99 -7.09 -21.50
N ASP A 178 54.22 -6.34 -22.58
CA ASP A 178 54.67 -4.96 -22.45
C ASP A 178 53.47 -4.02 -22.40
N GLU A 179 53.71 -2.71 -22.37
CA GLU A 179 52.60 -1.77 -22.30
C GLU A 179 51.74 -1.76 -23.58
N GLY A 180 52.35 -2.14 -24.71
CA GLY A 180 51.61 -2.21 -25.96
C GLY A 180 50.58 -3.34 -25.94
N THR A 181 50.96 -4.47 -25.35
CA THR A 181 50.06 -5.58 -25.17
C THR A 181 48.90 -5.17 -24.27
N ALA A 182 49.21 -4.45 -23.19
CA ALA A 182 48.20 -3.96 -22.28
C ALA A 182 47.17 -3.10 -23.03
N GLU A 183 47.64 -2.13 -23.78
CA GLU A 183 46.75 -1.27 -24.55
C GLU A 183 45.91 -2.07 -25.53
N ALA A 184 46.52 -3.10 -26.12
CA ALA A 184 45.82 -3.92 -27.09
C ALA A 184 44.70 -4.70 -26.39
N MET A 185 45.00 -5.23 -25.21
CA MET A 185 43.99 -5.88 -24.37
C MET A 185 42.82 -4.95 -24.08
N GLN A 186 43.13 -3.70 -23.71
CA GLN A 186 42.11 -2.69 -23.47
C GLN A 186 41.26 -2.44 -24.72
N ALA A 187 41.91 -2.36 -25.87
CA ALA A 187 41.21 -2.21 -27.14
C ALA A 187 40.34 -3.43 -27.42
N PHE A 188 40.88 -4.61 -27.12
CA PHE A 188 40.18 -5.87 -27.30
C PHE A 188 38.91 -5.90 -26.44
N LEU A 189 39.03 -5.56 -25.16
CA LEU A 189 37.86 -5.52 -24.29
C LEU A 189 36.83 -4.49 -24.75
N VAL A 190 37.30 -3.33 -25.19
CA VAL A 190 36.41 -2.29 -25.67
C VAL A 190 35.69 -2.75 -26.93
N TYR A 191 36.42 -3.43 -27.81
CA TYR A 191 35.83 -3.95 -29.05
C TYR A 191 34.71 -4.95 -28.70
N LEU A 192 34.97 -5.78 -27.70
CA LEU A 192 33.94 -6.66 -27.17
C LEU A 192 32.69 -5.88 -26.77
N GLN A 193 32.87 -4.80 -26.00
CA GLN A 193 31.74 -4.01 -25.53
C GLN A 193 30.92 -3.45 -26.70
N GLU A 194 31.58 -2.99 -27.74
CA GLU A 194 30.93 -2.40 -28.90
C GLU A 194 30.17 -3.43 -29.72
N GLN A 195 30.70 -4.63 -29.83
CA GLN A 195 30.18 -5.71 -30.63
C GLN A 195 29.23 -6.69 -29.97
N LYS A 196 29.29 -6.83 -28.66
CA LYS A 196 28.47 -7.81 -27.95
C LYS A 196 26.98 -7.48 -28.06
N PRO A 197 26.14 -8.52 -27.97
CA PRO A 197 24.68 -8.39 -27.90
C PRO A 197 24.29 -7.77 -26.56
N GLU A 198 23.15 -7.09 -26.50
CA GLU A 198 22.69 -6.52 -25.24
C GLU A 198 22.57 -7.63 -24.21
N GLY A 199 22.99 -7.35 -22.98
CA GLY A 199 22.88 -8.33 -21.92
C GLY A 199 24.15 -9.12 -21.67
N MET A 200 24.96 -9.29 -22.72
CA MET A 200 26.21 -10.04 -22.60
C MET A 200 27.22 -9.38 -21.64
N HIS A 201 27.93 -10.22 -20.93
CA HIS A 201 28.73 -9.75 -19.81
C HIS A 201 30.18 -10.20 -19.99
N ILE A 202 31.10 -9.23 -20.01
CA ILE A 202 32.52 -9.51 -20.03
C ILE A 202 33.08 -9.09 -18.69
N MET A 203 33.62 -10.06 -17.96
CA MET A 203 34.19 -9.83 -16.64
C MET A 203 35.70 -9.98 -16.70
N TRP A 204 36.41 -8.97 -16.21
CA TRP A 204 37.85 -8.96 -16.29
C TRP A 204 38.45 -9.29 -14.92
N TYR A 205 39.44 -10.15 -14.86
CA TYR A 205 40.11 -10.45 -13.62
C TYR A 205 41.13 -9.42 -13.29
N ASP A 206 41.22 -9.00 -12.06
CA ASP A 206 42.20 -8.02 -11.68
C ASP A 206 43.52 -8.74 -11.62
N SER A 207 44.32 -8.56 -12.67
CA SER A 207 45.66 -9.13 -12.75
C SER A 207 46.65 -8.25 -13.55
N MET A 208 46.54 -8.25 -14.88
CA MET A 208 47.41 -7.40 -15.71
C MET A 208 47.12 -5.91 -15.53
N ILE A 209 48.13 -5.17 -15.13
CA ILE A 209 47.95 -3.73 -14.90
C ILE A 209 48.24 -2.91 -16.17
N ASP A 210 48.24 -1.58 -16.05
CA ASP A 210 48.42 -0.72 -17.20
C ASP A 210 49.74 -0.96 -17.94
N THR A 211 50.77 -1.38 -17.21
CA THR A 211 52.08 -1.61 -17.83
C THR A 211 52.17 -2.97 -18.54
N GLY A 212 51.17 -3.82 -18.35
CA GLY A 212 51.22 -5.16 -18.90
C GLY A 212 51.76 -6.16 -17.88
N ALA A 213 52.38 -5.64 -16.83
CA ALA A 213 52.88 -6.52 -15.78
C ALA A 213 51.74 -7.23 -15.07
N ILE A 214 52.03 -8.40 -14.53
CA ILE A 214 51.04 -9.07 -13.72
C ILE A 214 51.26 -8.64 -12.29
N ALA A 215 50.27 -7.96 -11.75
CA ALA A 215 50.42 -7.33 -10.46
C ALA A 215 49.04 -7.10 -9.85
N TRP A 216 48.41 -8.21 -9.47
CA TRP A 216 47.14 -8.17 -8.78
C TRP A 216 47.06 -6.98 -7.81
N GLN A 217 46.02 -6.18 -7.94
CA GLN A 217 45.82 -5.03 -7.05
C GLN A 217 44.96 -5.35 -5.83
N ASN A 218 44.08 -6.35 -5.95
CA ASN A 218 43.19 -6.75 -4.85
C ASN A 218 42.13 -5.71 -4.56
N HIS A 219 42.11 -4.68 -5.40
CA HIS A 219 41.20 -3.55 -5.27
C HIS A 219 41.08 -2.97 -6.66
N LEU A 220 40.10 -2.10 -6.87
CA LEU A 220 40.12 -1.24 -8.03
C LEU A 220 41.10 -0.10 -7.76
N THR A 221 42.13 0.04 -8.58
CA THR A 221 43.12 1.11 -8.40
C THR A 221 43.39 1.86 -9.69
N ASP A 222 44.28 2.84 -9.62
CA ASP A 222 44.73 3.58 -10.80
C ASP A 222 45.49 2.66 -11.73
N ARG A 223 46.04 1.58 -11.18
CA ARG A 223 46.80 0.60 -11.94
C ARG A 223 45.95 -0.35 -12.82
N ASN A 224 44.67 -0.48 -12.49
CA ASN A 224 43.81 -1.42 -13.20
C ASN A 224 42.47 -0.88 -13.68
N LYS A 225 42.17 0.37 -13.33
CA LYS A 225 40.87 0.95 -13.65
C LYS A 225 40.62 1.08 -15.15
N MET A 226 41.70 1.15 -15.92
CA MET A 226 41.54 1.34 -17.36
C MET A 226 40.97 0.09 -18.02
N TYR A 227 40.87 -1.00 -17.26
CA TYR A 227 40.33 -2.28 -17.74
C TYR A 227 38.85 -2.42 -17.43
N LEU A 228 38.34 -1.51 -16.60
CA LEU A 228 36.92 -1.43 -16.28
C LEU A 228 36.25 -0.27 -17.03
N GLN A 229 36.82 0.92 -16.91
CA GLN A 229 36.26 2.15 -17.49
C GLN A 229 37.36 3.17 -17.74
N ASN A 230 37.29 3.85 -18.87
CA ASN A 230 38.29 4.85 -19.22
C ASN A 230 37.58 6.10 -19.69
N GLY A 231 37.51 7.08 -18.79
CA GLY A 231 36.69 8.22 -19.06
C GLY A 231 35.28 7.76 -19.36
N SER A 232 34.80 8.05 -20.56
CA SER A 232 33.43 7.75 -20.96
C SER A 232 33.34 6.43 -21.72
N THR A 233 34.48 5.80 -21.99
CA THR A 233 34.48 4.51 -22.65
C THR A 233 34.35 3.38 -21.63
N ARG A 234 33.42 2.46 -21.87
CA ARG A 234 33.27 1.28 -21.05
C ARG A 234 34.21 0.20 -21.57
N VAL A 235 35.01 -0.36 -20.67
CA VAL A 235 35.99 -1.38 -21.07
C VAL A 235 35.51 -2.77 -20.75
N ALA A 236 34.91 -2.92 -19.58
CA ALA A 236 34.39 -4.21 -19.15
C ALA A 236 33.15 -4.02 -18.29
N ASP A 237 32.33 -5.07 -18.23
CA ASP A 237 31.12 -5.00 -17.44
C ASP A 237 31.38 -5.13 -15.92
N SER A 238 32.49 -5.77 -15.55
CA SER A 238 32.81 -5.98 -14.16
C SER A 238 34.26 -6.39 -13.97
N MET A 239 34.73 -6.35 -12.73
CA MET A 239 36.09 -6.76 -12.44
C MET A 239 36.06 -7.66 -11.23
N PHE A 240 36.75 -8.79 -11.35
CA PHE A 240 36.89 -9.71 -10.24
C PHE A 240 38.18 -9.33 -9.54
N LEU A 241 38.06 -8.77 -8.34
CA LEU A 241 39.24 -8.37 -7.55
C LEU A 241 39.99 -9.56 -6.93
N ASN A 242 41.30 -9.57 -7.05
CA ASN A 242 42.14 -10.58 -6.38
C ASN A 242 41.99 -10.57 -4.85
N PHE A 243 42.43 -11.66 -4.22
CA PHE A 243 42.05 -12.04 -2.84
C PHE A 243 42.67 -11.28 -1.67
N TRP A 244 43.80 -10.62 -1.88
CA TRP A 244 44.58 -10.12 -0.75
C TRP A 244 44.19 -8.69 -0.31
N TRP A 245 42.94 -8.59 0.17
CA TRP A 245 42.37 -7.31 0.62
C TRP A 245 41.83 -7.50 2.01
N ARG A 246 41.84 -6.41 2.79
CA ARG A 246 41.25 -6.44 4.11
C ARG A 246 40.03 -5.52 4.15
N ASP A 247 39.99 -4.59 3.20
CA ASP A 247 38.90 -3.64 3.15
C ASP A 247 38.65 -3.15 1.73
N GLN A 248 37.43 -2.75 1.42
CA GLN A 248 37.10 -2.42 0.03
C GLN A 248 36.49 -1.04 -0.15
N ARG A 249 36.44 -0.26 0.93
CA ARG A 249 35.96 1.12 0.86
C ARG A 249 36.62 1.92 -0.25
N GLN A 250 37.94 1.79 -0.36
CA GLN A 250 38.69 2.54 -1.36
C GLN A 250 38.28 2.22 -2.80
N SER A 251 37.95 0.95 -3.07
CA SER A 251 37.52 0.54 -4.40
C SER A 251 36.13 1.11 -4.71
N ASN A 252 35.26 1.06 -3.69
CA ASN A 252 33.95 1.67 -3.77
C ASN A 252 34.06 3.15 -4.14
N GLU A 253 34.87 3.89 -3.39
CA GLU A 253 35.11 5.31 -3.65
C GLU A 253 35.67 5.59 -5.06
N LEU A 254 36.66 4.80 -5.47
CA LEU A 254 37.23 4.96 -6.79
C LEU A 254 36.19 4.66 -7.89
N ALA A 255 35.36 3.67 -7.66
CA ALA A 255 34.32 3.28 -8.61
C ALA A 255 33.32 4.42 -8.81
N GLN A 256 32.96 5.07 -7.71
CA GLN A 256 32.05 6.21 -7.77
C GLN A 256 32.69 7.34 -8.57
N ALA A 257 33.98 7.60 -8.33
CA ALA A 257 34.70 8.62 -9.09
C ALA A 257 34.78 8.30 -10.59
N LEU A 258 34.74 7.01 -10.93
CA LEU A 258 34.77 6.60 -12.32
C LEU A 258 33.38 6.65 -12.92
N GLY A 259 32.37 6.88 -12.09
CA GLY A 259 30.99 6.84 -12.52
C GLY A 259 30.45 5.43 -12.77
N ARG A 260 30.97 4.47 -12.02
CA ARG A 260 30.54 3.08 -12.13
C ARG A 260 30.02 2.61 -10.77
N SER A 261 29.10 1.66 -10.79
CA SER A 261 28.61 1.06 -9.56
C SER A 261 29.72 0.29 -8.89
N PRO A 262 29.92 0.53 -7.58
CA PRO A 262 30.86 -0.27 -6.81
C PRO A 262 30.51 -1.77 -6.87
N TYR A 263 29.29 -2.07 -7.27
CA TYR A 263 28.85 -3.46 -7.30
C TYR A 263 29.13 -4.17 -8.62
N ASP A 264 29.90 -3.53 -9.49
CA ASP A 264 30.46 -4.19 -10.67
C ASP A 264 31.86 -4.67 -10.32
N LEU A 265 32.26 -4.44 -9.08
CA LEU A 265 33.51 -4.94 -8.56
C LEU A 265 33.18 -6.13 -7.71
N TYR A 266 33.86 -7.24 -7.92
CA TYR A 266 33.56 -8.42 -7.12
C TYR A 266 34.77 -8.79 -6.29
N ALA A 267 34.74 -8.42 -5.00
CA ALA A 267 35.85 -8.71 -4.11
C ALA A 267 36.02 -10.21 -4.04
N GLY A 268 37.17 -10.70 -4.44
CA GLY A 268 37.38 -12.13 -4.54
C GLY A 268 37.72 -12.81 -3.22
N VAL A 269 37.17 -14.00 -3.04
CA VAL A 269 37.49 -14.85 -1.91
C VAL A 269 37.88 -16.22 -2.42
N ASP A 270 39.05 -16.69 -2.02
CA ASP A 270 39.55 -17.98 -2.53
C ASP A 270 39.11 -19.09 -1.60
N VAL A 271 38.12 -19.86 -2.01
CA VAL A 271 37.58 -20.90 -1.13
C VAL A 271 37.91 -22.29 -1.62
N GLU A 272 38.77 -22.38 -2.64
CA GLU A 272 39.06 -23.67 -3.26
C GLU A 272 39.49 -24.74 -2.27
N ALA A 273 40.45 -24.41 -1.41
CA ALA A 273 41.08 -25.42 -0.54
C ALA A 273 40.28 -25.74 0.71
N ARG A 274 39.59 -24.74 1.26
CA ARG A 274 39.06 -24.87 2.62
C ARG A 274 37.56 -24.63 2.72
N GLY A 275 36.95 -24.18 1.63
CA GLY A 275 35.54 -23.89 1.61
C GLY A 275 35.13 -23.06 2.80
N THR A 276 34.26 -23.59 3.64
CA THR A 276 33.74 -22.86 4.80
C THR A 276 34.79 -22.58 5.86
N SER A 277 35.98 -23.17 5.76
CA SER A 277 37.05 -22.88 6.71
C SER A 277 37.97 -21.80 6.18
N THR A 278 37.56 -21.17 5.09
CA THR A 278 38.33 -20.07 4.52
C THR A 278 38.21 -18.83 5.39
N PRO A 279 39.33 -18.31 5.88
CA PRO A 279 39.27 -17.08 6.68
C PRO A 279 38.96 -15.89 5.79
N VAL A 280 38.01 -15.04 6.20
CA VAL A 280 37.61 -13.88 5.42
C VAL A 280 37.35 -12.67 6.31
N GLN A 281 37.85 -11.50 5.89
CA GLN A 281 37.56 -10.24 6.56
C GLN A 281 36.21 -9.68 6.12
N TRP A 282 35.12 -10.33 6.55
CA TRP A 282 33.78 -9.98 6.08
C TRP A 282 33.42 -8.50 6.32
N GLU A 283 33.81 -7.96 7.46
CA GLU A 283 33.55 -6.55 7.77
C GLU A 283 34.15 -5.64 6.69
N GLY A 284 35.26 -6.08 6.09
CA GLY A 284 35.95 -5.32 5.06
C GLY A 284 35.15 -5.20 3.78
N LEU A 285 34.14 -6.05 3.64
CA LEU A 285 33.30 -6.07 2.45
C LEU A 285 31.88 -5.63 2.83
N PHE A 286 31.40 -6.15 3.96
CA PHE A 286 30.06 -5.85 4.47
C PHE A 286 30.13 -5.15 5.83
N PRO A 287 30.38 -3.86 5.85
CA PRO A 287 30.45 -3.07 7.07
C PRO A 287 29.13 -2.92 7.83
N GLU A 288 29.20 -2.59 9.12
CA GLU A 288 28.08 -2.63 10.06
C GLU A 288 26.82 -1.80 9.85
N GLY A 289 26.89 -0.52 9.57
CA GLY A 289 25.64 0.19 9.42
C GLY A 289 25.64 0.81 8.08
N GLU A 290 26.57 0.33 7.30
CA GLU A 290 26.81 0.85 6.01
C GLU A 290 26.52 -0.26 5.10
N LYS A 291 26.17 0.08 3.89
CA LYS A 291 25.93 -0.94 2.88
C LYS A 291 27.22 -1.57 2.37
N ALA A 292 27.11 -2.64 1.60
CA ALA A 292 28.30 -3.35 1.09
C ALA A 292 29.19 -2.42 0.27
N HIS A 293 30.50 -2.52 0.43
CA HIS A 293 31.41 -1.68 -0.36
C HIS A 293 31.41 -2.08 -1.83
N THR A 294 31.39 -3.39 -2.10
CA THR A 294 31.36 -3.88 -3.48
C THR A 294 30.53 -5.15 -3.54
N SER A 295 30.59 -5.85 -4.68
CA SER A 295 29.99 -7.18 -4.78
C SER A 295 30.97 -8.28 -4.35
N LEU A 296 30.52 -9.53 -4.38
CA LEU A 296 31.32 -10.63 -3.88
C LEU A 296 31.71 -11.58 -5.02
N GLY A 297 32.95 -12.04 -4.98
CA GLY A 297 33.46 -13.01 -5.95
C GLY A 297 33.97 -14.29 -5.28
N LEU A 298 33.31 -15.40 -5.59
CA LEU A 298 33.68 -16.68 -5.00
C LEU A 298 34.52 -17.51 -5.97
N TYR A 299 35.78 -17.71 -5.61
CA TYR A 299 36.63 -18.51 -6.45
C TYR A 299 36.40 -19.91 -5.91
N ARG A 300 35.86 -20.78 -6.75
CA ARG A 300 35.86 -22.24 -6.56
C ARG A 300 34.96 -22.87 -5.47
N PRO A 301 33.68 -22.44 -5.41
CA PRO A 301 32.73 -23.04 -4.45
C PRO A 301 32.55 -24.50 -4.74
N ASP A 302 33.05 -24.97 -5.88
CA ASP A 302 32.98 -26.40 -6.20
C ASP A 302 33.96 -27.22 -5.33
N TRP A 303 34.68 -26.54 -4.44
CA TRP A 303 35.31 -27.18 -3.28
C TRP A 303 34.40 -28.23 -2.67
N ALA A 304 33.11 -27.91 -2.60
CA ALA A 304 32.11 -28.76 -1.95
C ALA A 304 32.05 -30.12 -2.64
N PHE A 305 32.25 -30.08 -3.96
CA PHE A 305 32.23 -31.27 -4.78
C PHE A 305 33.59 -31.96 -4.75
N GLN A 306 34.64 -31.17 -4.87
CA GLN A 306 35.98 -31.74 -5.05
C GLN A 306 36.70 -32.22 -3.80
N SER A 307 36.23 -31.78 -2.65
CA SER A 307 36.77 -32.24 -1.39
C SER A 307 35.88 -33.36 -0.84
N SER A 308 34.87 -33.77 -1.60
CA SER A 308 33.96 -34.78 -1.11
C SER A 308 34.06 -36.05 -1.96
N GLU A 309 33.61 -37.17 -1.42
CA GLU A 309 33.66 -38.44 -2.12
C GLU A 309 32.26 -38.85 -2.55
N THR A 310 31.25 -38.35 -1.85
CA THR A 310 29.89 -38.80 -2.06
C THR A 310 28.89 -37.66 -2.26
N MET A 311 27.87 -37.93 -3.07
CA MET A 311 26.82 -36.96 -3.35
C MET A 311 26.24 -36.35 -2.08
N GLU A 312 26.07 -37.16 -1.03
CA GLU A 312 25.45 -36.66 0.21
C GLU A 312 26.37 -35.70 0.95
N ALA A 313 27.66 -36.01 0.97
CA ALA A 313 28.63 -35.13 1.61
C ALA A 313 28.82 -33.84 0.79
N PHE A 314 28.79 -33.98 -0.53
CA PHE A 314 28.82 -32.86 -1.46
C PHE A 314 27.62 -31.93 -1.22
N TYR A 315 26.42 -32.50 -1.19
CA TYR A 315 25.22 -31.72 -0.90
C TYR A 315 25.18 -31.07 0.50
N GLU A 316 25.74 -31.73 1.51
CA GLU A 316 25.82 -31.14 2.84
C GLU A 316 26.77 -29.95 2.91
N LYS A 317 27.92 -30.10 2.27
CA LYS A 317 28.90 -29.03 2.24
C LYS A 317 28.39 -27.82 1.46
N GLU A 318 27.59 -28.04 0.43
CA GLU A 318 26.99 -26.92 -0.27
C GLU A 318 26.01 -26.16 0.60
N LEU A 319 25.20 -26.89 1.37
CA LEU A 319 24.30 -26.26 2.33
C LEU A 319 25.08 -25.43 3.38
N GLN A 320 26.08 -26.05 3.99
CA GLN A 320 26.87 -25.40 5.02
C GLN A 320 27.58 -24.15 4.47
N PHE A 321 27.89 -24.17 3.18
CA PHE A 321 28.63 -23.11 2.53
C PHE A 321 27.70 -21.99 2.11
N TRP A 322 26.61 -22.34 1.43
CA TRP A 322 25.73 -21.30 0.88
C TRP A 322 24.69 -20.78 1.89
N VAL A 323 24.33 -21.62 2.86
CA VAL A 323 23.33 -21.26 3.85
C VAL A 323 23.91 -21.07 5.27
N GLY A 324 24.94 -21.83 5.63
CA GLY A 324 25.60 -21.65 6.90
C GLY A 324 25.38 -22.83 7.83
N SER A 325 25.99 -22.77 9.00
CA SER A 325 25.93 -23.85 10.01
C SER A 325 24.54 -24.02 10.61
N THR A 326 23.74 -22.97 10.49
CA THR A 326 22.37 -22.98 10.98
C THR A 326 21.47 -23.99 10.27
N GLY A 327 21.74 -24.19 8.97
CA GLY A 327 20.87 -24.99 8.13
C GLY A 327 19.56 -24.26 7.86
N ASN A 328 19.56 -22.96 8.13
CA ASN A 328 18.35 -22.15 7.99
C ASN A 328 18.64 -20.76 7.45
N PRO A 329 18.27 -20.52 6.18
CA PRO A 329 18.58 -19.25 5.53
C PRO A 329 18.05 -18.04 6.29
N ALA A 330 17.01 -18.24 7.09
CA ALA A 330 16.37 -17.13 7.78
C ALA A 330 17.03 -16.83 9.11
N GLU A 331 17.72 -17.82 9.68
CA GLU A 331 18.34 -17.67 11.00
C GLU A 331 19.85 -17.85 10.90
N THR A 332 20.53 -16.85 10.36
CA THR A 332 21.98 -16.96 10.17
C THR A 332 22.77 -16.31 11.29
N ASP A 333 23.92 -16.89 11.61
CA ASP A 333 24.76 -16.41 12.69
C ASP A 333 25.88 -15.54 12.14
N GLY A 334 25.65 -14.24 12.17
CA GLY A 334 26.60 -13.29 11.61
C GLY A 334 27.90 -13.18 12.38
N GLN A 335 28.00 -13.89 13.50
CA GLN A 335 29.21 -13.88 14.32
C GLN A 335 30.06 -15.09 14.01
N SER A 336 29.47 -16.05 13.31
CA SER A 336 30.20 -17.24 12.87
C SER A 336 31.35 -16.88 11.94
N ASN A 337 32.42 -17.68 11.96
CA ASN A 337 33.49 -17.51 10.98
C ASN A 337 32.93 -17.59 9.55
N TRP A 338 31.94 -18.44 9.36
CA TRP A 338 31.29 -18.57 8.06
C TRP A 338 29.78 -18.45 8.21
N PRO A 339 29.26 -17.22 8.12
CA PRO A 339 27.83 -16.94 8.25
C PRO A 339 27.03 -17.53 7.08
N GLY A 340 27.69 -17.73 5.94
CA GLY A 340 27.03 -18.29 4.77
C GLY A 340 26.46 -17.20 3.90
N MET A 341 26.26 -17.51 2.62
CA MET A 341 25.89 -16.50 1.68
C MET A 341 24.48 -15.94 2.01
N ALA A 342 23.61 -16.77 2.57
CA ALA A 342 22.27 -16.32 2.88
C ALA A 342 22.30 -15.19 3.89
N HIS A 343 23.39 -15.08 4.63
CA HIS A 343 23.56 -13.99 5.59
C HIS A 343 23.57 -12.64 4.90
N TRP A 344 24.11 -12.59 3.67
CA TRP A 344 24.26 -11.34 2.93
C TRP A 344 23.37 -11.20 1.69
N PHE A 345 22.97 -12.33 1.11
CA PHE A 345 22.30 -12.26 -0.19
C PHE A 345 20.90 -12.83 -0.15
N PRO A 346 19.94 -12.03 -0.61
CA PRO A 346 18.60 -12.57 -0.79
C PRO A 346 18.67 -13.76 -1.74
N ALA A 347 17.88 -14.79 -1.47
CA ALA A 347 17.69 -15.87 -2.43
C ALA A 347 16.73 -15.41 -3.53
N LYS A 348 17.05 -15.73 -4.78
CA LYS A 348 16.16 -15.39 -5.88
C LYS A 348 15.53 -16.65 -6.40
N SER A 349 14.36 -16.50 -6.98
CA SER A 349 13.65 -17.63 -7.52
C SER A 349 13.15 -17.31 -8.91
N THR A 350 13.09 -18.32 -9.76
CA THR A 350 12.67 -18.12 -11.13
C THR A 350 11.31 -18.76 -11.33
N ALA A 351 10.67 -19.07 -10.21
CA ALA A 351 9.35 -19.65 -10.19
C ALA A 351 8.33 -18.52 -10.36
N THR A 352 8.41 -17.88 -11.50
CA THR A 352 7.79 -16.57 -11.70
C THR A 352 6.79 -16.61 -12.82
N SER A 353 6.49 -17.81 -13.31
CA SER A 353 5.70 -17.97 -14.50
C SER A 353 4.93 -19.29 -14.45
N VAL A 354 3.70 -19.28 -14.96
CA VAL A 354 2.90 -20.50 -15.01
C VAL A 354 2.97 -21.11 -16.41
N PRO A 355 3.12 -22.44 -16.49
CA PRO A 355 3.16 -23.41 -15.39
C PRO A 355 4.49 -23.40 -14.65
N PHE A 356 4.44 -23.58 -13.35
CA PHE A 356 5.66 -23.88 -12.60
C PHE A 356 5.64 -25.35 -12.22
N VAL A 357 6.68 -26.06 -12.61
CA VAL A 357 6.74 -27.48 -12.37
C VAL A 357 8.12 -27.83 -11.84
N THR A 358 8.16 -28.66 -10.81
CA THR A 358 9.40 -29.23 -10.37
C THR A 358 9.25 -30.68 -9.90
N HIS A 359 10.25 -31.50 -10.18
CA HIS A 359 10.26 -32.89 -9.76
C HIS A 359 11.39 -33.17 -8.75
N PHE A 360 11.98 -32.07 -8.30
CA PHE A 360 13.13 -32.08 -7.44
C PHE A 360 14.26 -32.90 -8.03
N ASN A 361 14.41 -32.81 -9.34
CA ASN A 361 15.54 -33.42 -10.02
C ASN A 361 16.81 -32.62 -9.71
N THR A 362 17.78 -33.26 -9.06
CA THR A 362 19.02 -32.55 -8.73
C THR A 362 20.03 -32.56 -9.89
N GLY A 363 19.77 -33.30 -10.95
CA GLY A 363 20.67 -33.28 -12.06
C GLY A 363 21.41 -34.58 -12.24
N SER A 364 21.44 -35.41 -11.20
CA SER A 364 21.99 -36.75 -11.35
C SER A 364 21.23 -37.72 -10.50
N GLY A 365 21.50 -39.01 -10.69
CA GLY A 365 20.90 -40.07 -9.89
C GLY A 365 21.57 -41.42 -10.01
N ALA A 366 21.22 -42.33 -9.09
CA ALA A 366 21.79 -43.67 -9.11
C ALA A 366 20.86 -44.53 -9.93
N GLN A 367 19.79 -43.90 -10.41
CA GLN A 367 18.68 -44.61 -11.00
C GLN A 367 17.82 -43.57 -11.70
N PHE A 368 16.94 -43.99 -12.60
CA PHE A 368 16.02 -43.03 -13.22
C PHE A 368 14.58 -43.57 -13.20
N SER A 369 13.66 -42.77 -12.69
CA SER A 369 12.26 -43.17 -12.55
C SER A 369 11.36 -42.43 -13.53
N ALA A 370 10.30 -43.10 -13.97
CA ALA A 370 9.20 -42.44 -14.69
C ALA A 370 7.90 -42.81 -14.02
N GLU A 371 7.10 -41.81 -13.67
CA GLU A 371 5.88 -42.05 -12.89
C GLU A 371 6.11 -43.00 -11.73
N GLY A 372 7.24 -42.85 -11.05
CA GLY A 372 7.49 -43.61 -9.83
C GLY A 372 8.07 -45.01 -10.02
N LYS A 373 8.23 -45.44 -11.28
CA LYS A 373 8.84 -46.73 -11.58
C LYS A 373 10.23 -46.59 -12.18
N THR A 374 11.21 -47.34 -11.65
CA THR A 374 12.54 -47.34 -12.21
C THR A 374 12.52 -47.78 -13.68
N VAL A 375 13.08 -46.95 -14.57
CA VAL A 375 13.12 -47.31 -15.98
C VAL A 375 14.58 -47.41 -16.50
N SER A 376 15.51 -47.20 -15.57
CA SER A 376 16.90 -47.50 -15.77
C SER A 376 17.57 -47.59 -14.41
N GLU A 377 18.42 -48.57 -14.20
CA GLU A 377 19.10 -48.73 -12.93
C GLU A 377 20.48 -48.08 -12.95
N GLN A 378 20.83 -47.45 -14.07
CA GLN A 378 22.17 -46.87 -14.25
C GLN A 378 22.38 -45.50 -13.65
N GLU A 379 23.57 -45.25 -13.12
CA GLU A 379 23.91 -43.90 -12.70
C GLU A 379 23.72 -43.00 -13.91
N TRP A 380 23.37 -41.74 -13.67
CA TRP A 380 23.29 -40.79 -14.77
C TRP A 380 23.46 -39.43 -14.16
N ASN A 381 24.05 -38.53 -14.94
CA ASN A 381 23.87 -37.12 -14.70
C ASN A 381 23.46 -36.43 -16.00
N ASN A 382 22.66 -35.42 -15.88
CA ASN A 382 22.28 -34.61 -17.01
C ASN A 382 21.67 -33.37 -16.45
N ARG A 383 22.52 -32.37 -16.23
CA ARG A 383 22.09 -31.15 -15.54
C ARG A 383 21.10 -30.30 -16.31
N SER A 384 20.83 -30.67 -17.55
CA SER A 384 19.71 -30.07 -18.31
C SER A 384 18.37 -30.45 -17.68
N LEU A 385 18.36 -31.50 -16.87
CA LEU A 385 17.13 -32.01 -16.26
C LEU A 385 17.05 -31.54 -14.81
N GLN A 386 18.04 -30.77 -14.36
CA GLN A 386 17.95 -30.24 -13.02
C GLN A 386 16.76 -29.28 -12.93
N ASP A 387 15.88 -29.53 -11.98
CA ASP A 387 14.76 -28.64 -11.75
C ASP A 387 15.18 -27.38 -10.98
N VAL A 388 14.30 -26.38 -10.99
CA VAL A 388 14.39 -25.29 -10.05
C VAL A 388 14.10 -25.87 -8.68
N LEU A 389 15.09 -25.81 -7.79
CA LEU A 389 15.03 -26.46 -6.49
C LEU A 389 14.61 -25.45 -5.39
N PRO A 390 14.24 -25.93 -4.20
CA PRO A 390 13.70 -25.01 -3.17
C PRO A 390 14.53 -23.76 -2.87
N THR A 391 13.91 -22.61 -3.01
CA THR A 391 14.46 -21.34 -2.56
C THR A 391 15.14 -21.42 -1.21
N TRP A 392 14.50 -22.11 -0.27
CA TRP A 392 15.01 -22.17 1.10
C TRP A 392 15.54 -23.57 1.50
N ARG A 393 16.74 -23.59 2.09
CA ARG A 393 17.35 -24.84 2.55
C ARG A 393 17.90 -24.65 3.93
N TRP A 394 17.11 -24.89 4.96
CA TRP A 394 15.72 -25.31 4.85
C TRP A 394 14.94 -24.56 5.92
N ILE A 395 13.68 -24.25 5.66
CA ILE A 395 12.86 -23.54 6.65
C ILE A 395 11.66 -24.38 7.11
N GLN A 396 11.72 -24.91 8.33
CA GLN A 396 10.58 -25.65 8.88
C GLN A 396 10.09 -25.07 10.20
N HIS A 397 8.86 -25.42 10.55
CA HIS A 397 8.31 -25.03 11.84
C HIS A 397 7.68 -26.26 12.46
N GLY A 398 8.03 -26.53 13.72
CA GLY A 398 7.46 -27.65 14.44
C GLY A 398 8.00 -29.00 14.06
N GLY A 399 7.75 -29.98 14.92
CA GLY A 399 8.27 -31.33 14.73
C GLY A 399 9.76 -31.39 14.97
N ASP A 400 10.31 -32.60 14.94
CA ASP A 400 11.75 -32.81 14.94
C ASP A 400 12.15 -33.50 13.65
N LEU A 401 12.07 -32.73 12.58
CA LEU A 401 12.19 -33.26 11.23
C LEU A 401 13.45 -32.75 10.53
N GLU A 402 13.91 -33.50 9.55
CA GLU A 402 15.01 -33.05 8.70
C GLU A 402 14.58 -33.14 7.25
N ALA A 403 15.08 -32.20 6.44
CA ALA A 403 14.79 -32.21 5.02
C ALA A 403 16.10 -32.24 4.24
N THR A 404 16.11 -33.07 3.20
CA THR A 404 17.28 -33.25 2.39
C THR A 404 16.81 -33.82 1.06
N PHE A 405 17.71 -33.93 0.10
CA PHE A 405 17.41 -34.64 -1.12
C PHE A 405 17.68 -36.10 -0.90
N SER A 406 16.84 -36.94 -1.50
CA SER A 406 17.03 -38.38 -1.45
C SER A 406 17.27 -38.89 -2.86
N TRP A 407 18.19 -39.83 -3.01
CA TRP A 407 18.41 -40.46 -4.30
C TRP A 407 17.95 -41.91 -4.28
N GLU A 408 17.20 -42.24 -3.23
CA GLU A 408 16.60 -43.58 -3.06
C GLU A 408 15.22 -43.65 -3.69
N GLU A 409 14.53 -42.50 -3.75
CA GLU A 409 13.15 -42.45 -4.21
C GLU A 409 13.01 -41.36 -5.25
N ALA A 410 12.28 -41.65 -6.31
CA ALA A 410 12.05 -40.65 -7.32
C ALA A 410 10.76 -40.93 -8.04
N PHE A 411 10.09 -39.85 -8.46
CA PHE A 411 8.88 -39.96 -9.27
C PHE A 411 9.18 -39.63 -10.74
N GLU A 412 9.99 -38.60 -10.95
CA GLU A 412 10.47 -38.34 -12.31
C GLU A 412 11.92 -37.97 -12.24
N GLY A 413 12.79 -38.77 -12.85
CA GLY A 413 14.21 -38.54 -12.69
C GLY A 413 14.86 -39.38 -11.59
N GLY A 414 15.73 -38.78 -10.80
CA GLY A 414 16.56 -39.60 -9.93
C GLY A 414 16.62 -39.20 -8.49
N SER A 415 15.83 -38.21 -8.11
CA SER A 415 15.79 -37.72 -6.74
C SER A 415 14.42 -37.25 -6.29
N SER A 416 14.27 -37.17 -4.97
CA SER A 416 13.04 -36.60 -4.41
C SER A 416 13.45 -35.70 -3.28
N LEU A 417 12.49 -34.96 -2.75
CA LEU A 417 12.73 -34.18 -1.55
C LEU A 417 12.25 -35.01 -0.35
N GLN A 418 13.19 -35.33 0.55
CA GLN A 418 12.88 -36.15 1.71
C GLN A 418 12.63 -35.31 2.96
N TRP A 419 11.53 -35.57 3.64
CA TRP A 419 11.17 -34.82 4.81
C TRP A 419 10.79 -35.86 5.85
N HIS A 420 11.64 -36.02 6.86
CA HIS A 420 11.59 -37.22 7.70
C HIS A 420 12.11 -36.99 9.12
N GLY A 421 11.63 -37.81 10.05
CA GLY A 421 12.00 -37.67 11.44
C GLY A 421 10.84 -37.95 12.38
N SER A 422 10.82 -37.24 13.51
CA SER A 422 9.80 -37.45 14.54
C SER A 422 8.74 -36.37 14.48
N LEU A 423 7.49 -36.79 14.47
CA LEU A 423 6.37 -35.88 14.55
C LEU A 423 5.32 -36.52 15.46
N ALA A 424 5.17 -35.97 16.66
CA ALA A 424 4.25 -36.53 17.64
C ALA A 424 2.80 -36.40 17.21
N GLU A 425 1.97 -37.30 17.68
CA GLU A 425 0.58 -37.27 17.34
C GLU A 425 -0.03 -35.93 17.65
N GLY A 426 -0.74 -35.40 16.67
CA GLY A 426 -1.46 -34.17 16.78
C GLY A 426 -0.62 -32.94 16.57
N GLU A 427 0.67 -33.14 16.48
CA GLU A 427 1.58 -32.07 16.20
C GLU A 427 1.60 -31.67 14.71
N HIS A 428 1.84 -30.40 14.45
CA HIS A 428 1.85 -29.91 13.10
C HIS A 428 3.22 -29.43 12.71
N ALA A 429 3.62 -29.69 11.48
CA ALA A 429 4.91 -29.23 10.96
C ALA A 429 4.75 -28.66 9.56
N GLN A 430 5.46 -27.57 9.29
CA GLN A 430 5.46 -26.99 7.96
C GLN A 430 6.87 -26.82 7.43
N ILE A 431 7.00 -26.90 6.11
CA ILE A 431 8.26 -26.61 5.47
C ILE A 431 7.96 -25.68 4.29
N GLU A 432 8.51 -24.47 4.37
CA GLU A 432 8.35 -23.47 3.33
C GLU A 432 9.47 -23.63 2.31
N LEU A 433 9.08 -23.85 1.06
CA LEU A 433 10.02 -24.32 0.07
C LEU A 433 10.37 -23.26 -0.96
N TYR A 434 9.36 -22.58 -1.52
CA TYR A 434 9.59 -21.67 -2.66
C TYR A 434 9.08 -20.25 -2.46
N GLN A 435 9.95 -19.28 -2.76
CA GLN A 435 9.52 -17.93 -3.08
C GLN A 435 9.05 -17.96 -4.53
N THR A 436 7.88 -17.40 -4.81
CA THR A 436 7.32 -17.48 -6.15
C THR A 436 6.59 -16.21 -6.59
N GLU A 437 6.16 -16.20 -7.84
CA GLU A 437 5.30 -15.13 -8.33
C GLU A 437 4.47 -15.71 -9.45
N LEU A 438 3.41 -16.42 -9.09
CA LEU A 438 2.60 -17.17 -10.03
C LEU A 438 1.19 -16.63 -10.02
N PRO A 439 0.79 -15.97 -11.12
CA PRO A 439 -0.56 -15.44 -11.32
C PRO A 439 -1.54 -16.59 -11.41
N ILE A 440 -2.53 -16.62 -10.52
CA ILE A 440 -3.57 -17.66 -10.61
C ILE A 440 -4.68 -17.23 -11.56
N SER A 441 -5.04 -18.12 -12.46
CA SER A 441 -6.20 -17.89 -13.31
C SER A 441 -7.06 -19.16 -13.32
N GLU A 442 -8.28 -19.06 -13.81
CA GLU A 442 -9.14 -20.23 -13.89
C GLU A 442 -8.48 -21.33 -14.72
N GLY A 443 -8.63 -22.58 -14.28
CA GLY A 443 -7.98 -23.69 -14.94
C GLY A 443 -6.62 -24.01 -14.33
N THR A 444 -6.15 -23.15 -13.43
CA THR A 444 -4.88 -23.35 -12.75
C THR A 444 -5.06 -24.22 -11.52
N SER A 445 -4.31 -25.33 -11.46
CA SER A 445 -4.36 -26.23 -10.31
C SER A 445 -3.01 -26.38 -9.59
N LEU A 446 -3.07 -26.66 -8.29
CA LEU A 446 -1.90 -27.13 -7.54
C LEU A 446 -1.87 -28.66 -7.48
N THR A 447 -0.84 -29.27 -8.07
CA THR A 447 -0.65 -30.72 -7.89
C THR A 447 0.63 -31.03 -7.12
N TRP A 448 0.64 -32.15 -6.41
CA TRP A 448 1.87 -32.62 -5.79
C TRP A 448 1.84 -34.12 -5.57
N THR A 449 3.02 -34.73 -5.49
CA THR A 449 3.14 -36.17 -5.52
C THR A 449 4.18 -36.66 -4.51
N PHE A 450 3.76 -37.58 -3.65
CA PHE A 450 4.58 -37.98 -2.53
C PHE A 450 4.32 -39.43 -2.14
N LYS A 451 5.28 -40.01 -1.42
CA LYS A 451 5.11 -41.26 -0.70
C LYS A 451 5.12 -40.91 0.76
N SER A 452 4.38 -41.65 1.57
CA SER A 452 4.49 -41.46 3.00
C SER A 452 4.65 -42.80 3.71
N GLU A 453 5.83 -43.02 4.30
CA GLU A 453 6.17 -44.29 4.94
C GLU A 453 5.32 -44.60 6.17
N HIS A 454 4.71 -43.58 6.77
CA HIS A 454 3.94 -43.78 7.99
C HIS A 454 2.49 -43.34 7.82
N ASP A 455 2.08 -43.16 6.57
CA ASP A 455 0.69 -42.89 6.25
C ASP A 455 0.18 -41.46 6.51
N ASN A 456 0.94 -40.60 7.22
CA ASN A 456 0.51 -39.19 7.31
C ASN A 456 0.18 -38.67 5.91
N ASP A 457 -0.79 -37.77 5.80
CA ASP A 457 -1.08 -37.17 4.51
C ASP A 457 -0.12 -35.98 4.38
N LEU A 458 0.13 -35.54 3.15
CA LEU A 458 0.99 -34.37 2.96
C LEU A 458 0.17 -33.18 2.41
N ASN A 459 -0.03 -32.15 3.22
CA ASN A 459 -0.81 -31.00 2.77
C ASN A 459 0.07 -30.06 1.94
N VAL A 460 -0.56 -29.32 1.02
CA VAL A 460 0.17 -28.27 0.31
C VAL A 460 -0.01 -26.94 1.00
N GLY A 461 0.99 -26.07 0.85
CA GLY A 461 0.92 -24.74 1.40
C GLY A 461 1.16 -23.72 0.32
N PHE A 462 0.31 -22.70 0.26
CA PHE A 462 0.53 -21.59 -0.67
C PHE A 462 0.27 -20.23 -0.02
N ARG A 463 1.14 -19.29 -0.30
CA ARG A 463 1.05 -17.93 0.23
C ARG A 463 0.58 -17.01 -0.88
N LEU A 464 -0.40 -16.17 -0.58
CA LEU A 464 -0.93 -15.25 -1.59
C LEU A 464 -0.39 -13.86 -1.34
N ASP A 465 -0.24 -13.09 -2.40
CA ASP A 465 0.08 -11.68 -2.31
C ASP A 465 -1.03 -11.04 -1.50
N ASP A 469 1.77 -15.21 5.87
CA ASP A 469 1.12 -16.44 6.29
C ASP A 469 0.72 -17.38 5.15
N PHE A 470 1.13 -18.63 5.25
CA PHE A 470 0.77 -19.65 4.25
C PHE A 470 -0.61 -20.25 4.52
N ARG A 471 -1.36 -20.56 3.46
CA ARG A 471 -2.58 -21.33 3.57
C ARG A 471 -2.28 -22.82 3.40
N TYR A 472 -2.47 -23.60 4.46
CA TYR A 472 -2.31 -25.04 4.34
C TYR A 472 -3.65 -25.76 4.17
N VAL A 473 -3.79 -26.47 3.07
CA VAL A 473 -5.03 -27.18 2.78
C VAL A 473 -4.69 -28.56 2.25
N GLU A 474 -5.66 -29.48 2.31
CA GLU A 474 -5.47 -30.79 1.75
C GLU A 474 -5.99 -30.85 0.33
N GLY A 475 -5.41 -31.72 -0.49
CA GLY A 475 -5.83 -31.83 -1.86
C GLY A 475 -7.30 -32.17 -2.00
N GLU A 476 -7.82 -32.01 -3.21
CA GLU A 476 -9.23 -32.26 -3.48
C GLU A 476 -9.41 -33.62 -4.14
N GLN A 477 -8.58 -33.91 -5.14
CA GLN A 477 -8.69 -35.15 -5.89
C GLN A 477 -7.41 -35.97 -5.71
N ARG A 478 -7.55 -37.19 -5.22
CA ARG A 478 -6.42 -38.06 -4.96
C ARG A 478 -6.23 -39.09 -6.09
N GLU A 479 -4.99 -39.43 -6.39
CA GLU A 479 -4.73 -40.48 -7.36
C GLU A 479 -3.49 -41.29 -6.99
N SER A 480 -3.56 -42.60 -7.18
CA SER A 480 -2.43 -43.46 -6.88
C SER A 480 -1.72 -43.83 -8.17
N ILE A 481 -0.39 -43.68 -8.15
CA ILE A 481 0.43 -43.93 -9.31
C ILE A 481 1.70 -44.64 -8.85
N ASN A 482 1.77 -45.94 -9.11
CA ASN A 482 2.93 -46.73 -8.72
C ASN A 482 3.45 -46.45 -7.31
N GLY A 483 2.54 -46.31 -6.36
CA GLY A 483 2.94 -46.23 -4.98
C GLY A 483 2.99 -44.81 -4.48
N TRP A 484 2.85 -43.88 -5.41
CA TRP A 484 2.85 -42.46 -5.08
C TRP A 484 1.44 -41.92 -5.03
N THR A 485 1.23 -40.95 -4.15
CA THR A 485 -0.04 -40.27 -4.05
C THR A 485 0.06 -38.91 -4.73
N GLN A 486 -0.83 -38.66 -5.69
CA GLN A 486 -0.88 -37.36 -6.34
C GLN A 486 -2.18 -36.62 -6.01
N TRP A 487 -2.03 -35.50 -5.32
CA TRP A 487 -3.15 -34.62 -5.04
C TRP A 487 -3.29 -33.56 -6.12
N THR A 488 -4.53 -33.19 -6.42
CA THR A 488 -4.82 -32.04 -7.27
C THR A 488 -5.73 -31.10 -6.47
N LEU A 489 -5.33 -29.84 -6.36
CA LEU A 489 -6.10 -28.82 -5.67
C LEU A 489 -6.42 -27.68 -6.64
N PRO A 490 -7.66 -27.62 -7.13
CA PRO A 490 -8.04 -26.52 -8.00
C PRO A 490 -7.91 -25.18 -7.28
N LEU A 491 -7.49 -24.17 -8.02
CA LEU A 491 -7.26 -22.87 -7.41
C LEU A 491 -8.18 -21.81 -8.04
N ASP A 492 -9.22 -22.26 -8.74
CA ASP A 492 -10.12 -21.34 -9.43
C ASP A 492 -10.70 -20.28 -8.49
N ALA A 493 -11.01 -20.67 -7.26
CA ALA A 493 -11.49 -19.74 -6.25
C ALA A 493 -10.54 -18.57 -5.97
N PHE A 494 -9.32 -18.65 -6.51
CA PHE A 494 -8.32 -17.61 -6.24
C PHE A 494 -7.87 -16.88 -7.49
N ALA A 495 -8.51 -17.15 -8.62
CA ALA A 495 -8.16 -16.48 -9.88
C ALA A 495 -8.07 -14.98 -9.71
N GLY A 496 -7.02 -14.39 -10.27
CA GLY A 496 -6.77 -12.97 -10.10
C GLY A 496 -5.79 -12.69 -8.99
N GLN A 497 -5.57 -13.70 -8.15
CA GLN A 497 -4.60 -13.61 -7.06
C GLN A 497 -3.22 -14.05 -7.53
N THR A 498 -2.20 -13.79 -6.73
CA THR A 498 -0.85 -14.24 -7.07
C THR A 498 -0.20 -15.02 -5.94
N ILE A 499 0.23 -16.24 -6.23
CA ILE A 499 0.97 -17.05 -5.26
C ILE A 499 2.41 -16.56 -5.18
N THR A 500 2.87 -16.31 -3.97
CA THR A 500 4.20 -15.80 -3.75
C THR A 500 5.03 -16.80 -2.97
N GLY A 501 4.44 -17.96 -2.70
CA GLY A 501 5.15 -18.97 -1.94
C GLY A 501 4.49 -20.35 -1.95
N LEU A 502 5.32 -21.38 -1.92
CA LEU A 502 4.85 -22.76 -1.91
C LEU A 502 5.49 -23.46 -0.72
N ALA A 503 4.73 -24.37 -0.12
CA ALA A 503 5.12 -25.06 1.10
C ALA A 503 4.41 -26.42 1.23
N PHE A 504 4.81 -27.20 2.24
CA PHE A 504 4.10 -28.42 2.62
C PHE A 504 3.85 -28.43 4.13
N ALA A 505 2.87 -29.20 4.56
CA ALA A 505 2.60 -29.36 5.98
C ALA A 505 2.06 -30.77 6.27
N ALA A 506 2.34 -31.24 7.48
CA ALA A 506 1.91 -32.57 7.88
C ALA A 506 1.51 -32.59 9.34
N GLU A 507 0.67 -33.56 9.69
CA GLU A 507 0.22 -33.75 11.06
C GLU A 507 0.71 -35.11 11.53
N GLY A 508 1.33 -35.15 12.70
CA GLY A 508 1.83 -36.41 13.23
C GLY A 508 0.67 -37.30 13.63
N ASN A 509 0.89 -38.60 13.55
CA ASN A 509 -0.11 -39.55 13.98
C ASN A 509 0.44 -40.44 15.09
N GLU A 510 -0.31 -41.48 15.42
CA GLU A 510 0.02 -42.34 16.56
C GLU A 510 1.44 -42.89 16.44
N THR A 511 1.85 -43.08 15.20
CA THR A 511 3.20 -43.55 14.89
C THR A 511 4.28 -42.70 15.55
N GLY A 512 4.07 -41.39 15.59
CA GLY A 512 5.07 -40.46 16.07
C GLY A 512 6.23 -40.21 15.10
N LEU A 513 6.16 -40.88 13.96
CA LEU A 513 7.19 -40.75 12.93
C LEU A 513 6.60 -40.15 11.66
N ALA A 514 7.43 -39.43 10.91
CA ALA A 514 7.06 -38.98 9.58
C ALA A 514 8.19 -39.24 8.61
N GLU A 515 7.85 -39.73 7.43
CA GLU A 515 8.86 -39.91 6.41
C GLU A 515 8.20 -39.71 5.06
N PHE A 516 8.34 -38.49 4.54
CA PHE A 516 7.79 -38.16 3.23
C PHE A 516 8.89 -38.16 2.16
N TYR A 517 8.50 -38.52 0.94
CA TYR A 517 9.29 -38.29 -0.24
C TYR A 517 8.39 -37.60 -1.23
N THR A 518 8.80 -36.44 -1.71
CA THR A 518 7.94 -35.69 -2.59
C THR A 518 8.66 -35.55 -3.92
N GLY A 519 7.99 -35.95 -5.00
CA GLY A 519 8.66 -36.11 -6.29
C GLY A 519 8.07 -35.22 -7.36
N GLN A 520 7.04 -34.46 -7.01
CA GLN A 520 6.50 -33.49 -7.96
C GLN A 520 5.68 -32.46 -7.23
N LEU A 521 5.77 -31.23 -7.71
CA LEU A 521 5.00 -30.10 -7.19
C LEU A 521 4.79 -29.18 -8.40
N ALA A 522 3.59 -28.65 -8.55
CA ALA A 522 3.29 -27.85 -9.74
C ALA A 522 2.07 -26.95 -9.58
N VAL A 523 2.17 -25.77 -10.19
CA VAL A 523 1.06 -24.85 -10.37
C VAL A 523 0.88 -24.68 -11.86
N GLY A 524 -0.29 -25.06 -12.36
CA GLY A 524 -0.59 -24.93 -13.79
C GLY A 524 -1.70 -25.83 -14.31
N LYS A 529 -0.24 -31.90 -24.23
CA LYS A 529 0.17 -33.19 -24.77
C LYS A 529 0.90 -33.05 -26.11
N PRO A 530 2.22 -33.21 -26.11
CA PRO A 530 3.03 -33.00 -27.32
C PRO A 530 2.90 -34.01 -28.44
N ALA A 531 3.20 -33.51 -29.61
CA ALA A 531 3.21 -34.36 -30.77
C ALA A 531 4.35 -35.35 -30.71
N ALA A 532 4.12 -36.53 -31.26
CA ALA A 532 5.22 -37.47 -31.35
C ALA A 532 6.36 -36.79 -32.09
N PRO A 533 7.58 -36.88 -31.55
CA PRO A 533 8.74 -36.21 -32.14
C PRO A 533 9.00 -36.73 -33.55
N ASN A 534 9.30 -35.83 -34.48
CA ASN A 534 9.71 -36.26 -35.81
C ASN A 534 11.20 -36.54 -35.83
N VAL A 535 11.56 -37.82 -35.81
CA VAL A 535 12.94 -38.21 -35.53
C VAL A 535 13.65 -38.84 -36.70
N ASN A 536 14.85 -38.36 -36.96
CA ASN A 536 15.72 -38.95 -37.97
C ASN A 536 16.98 -39.56 -37.37
N VAL A 537 17.38 -40.69 -37.95
CA VAL A 537 18.66 -41.31 -37.62
C VAL A 537 19.74 -40.75 -38.53
N ARG A 538 20.75 -40.09 -37.96
CA ARG A 538 21.86 -39.56 -38.76
C ARG A 538 23.18 -40.14 -38.30
N GLN A 539 24.19 -40.06 -39.15
CA GLN A 539 25.54 -40.44 -38.76
C GLN A 539 26.09 -39.45 -37.74
N TYR A 540 26.78 -39.96 -36.73
CA TYR A 540 27.71 -39.12 -35.97
C TYR A 540 29.09 -39.46 -36.51
N ASP A 541 29.55 -38.64 -37.46
CA ASP A 541 30.75 -38.94 -38.25
C ASP A 541 31.94 -39.48 -37.45
N PRO A 542 32.31 -38.80 -36.35
CA PRO A 542 33.51 -39.23 -35.63
C PRO A 542 33.41 -40.66 -35.08
N ASP A 543 32.19 -41.17 -34.99
CA ASP A 543 31.98 -42.51 -34.49
C ASP A 543 31.03 -43.30 -35.38
N PRO A 544 31.60 -43.98 -36.41
CA PRO A 544 30.76 -44.97 -37.09
C PRO A 544 30.43 -45.98 -36.02
N SER A 545 29.40 -46.78 -36.20
CA SER A 545 28.99 -47.70 -35.13
C SER A 545 28.30 -46.99 -33.95
N GLY A 546 28.33 -45.66 -33.95
CA GLY A 546 27.44 -44.87 -33.14
C GLY A 546 26.47 -44.18 -34.08
N ILE A 547 25.42 -43.56 -33.54
CA ILE A 547 24.45 -42.80 -34.34
C ILE A 547 23.97 -41.62 -33.53
N GLN A 548 23.29 -40.68 -34.17
CA GLN A 548 22.58 -39.64 -33.44
C GLN A 548 21.14 -39.55 -33.91
N LEU A 549 20.24 -39.38 -32.95
CA LEU A 549 18.84 -39.13 -33.26
C LEU A 549 18.66 -37.62 -33.30
N VAL A 550 18.03 -37.10 -34.35
CA VAL A 550 17.84 -35.66 -34.50
C VAL A 550 16.37 -35.37 -34.75
N TRP A 551 15.81 -34.44 -33.98
CA TRP A 551 14.41 -34.06 -34.12
C TRP A 551 14.28 -32.54 -34.26
N GLU A 552 13.10 -32.04 -34.49
CA GLU A 552 12.94 -30.62 -34.47
C GLU A 552 12.47 -30.20 -33.08
N LYS A 553 13.23 -29.37 -32.38
CA LYS A 553 12.85 -29.12 -30.99
C LYS A 553 11.73 -28.15 -30.80
N GLN A 554 10.68 -28.69 -30.24
CA GLN A 554 9.40 -28.07 -29.98
C GLN A 554 9.44 -27.23 -28.67
N SER A 555 8.78 -26.10 -28.63
CA SER A 555 8.91 -25.16 -27.53
C SER A 555 7.96 -25.47 -26.43
N ASN A 556 7.29 -26.56 -26.60
CA ASN A 556 6.36 -27.02 -25.65
C ASN A 556 7.03 -28.12 -24.88
N VAL A 557 8.27 -28.38 -25.18
CA VAL A 557 8.90 -29.54 -24.66
C VAL A 557 9.98 -29.30 -23.64
N HIS A 558 9.91 -30.02 -22.55
CA HIS A 558 10.95 -29.92 -21.56
C HIS A 558 12.13 -30.80 -21.87
N HIS A 559 11.89 -31.96 -22.40
CA HIS A 559 13.01 -32.85 -22.73
C HIS A 559 12.50 -34.09 -23.39
N TYR A 560 13.42 -34.85 -24.00
CA TYR A 560 13.07 -36.06 -24.74
C TYR A 560 13.67 -37.28 -24.04
N ARG A 561 12.94 -38.38 -24.08
CA ARG A 561 13.39 -39.65 -23.49
C ARG A 561 13.55 -40.69 -24.58
N VAL A 562 14.69 -41.37 -24.61
CA VAL A 562 14.88 -42.47 -25.55
C VAL A 562 14.85 -43.80 -24.82
N TYR A 563 13.86 -44.63 -25.14
CA TYR A 563 13.79 -45.97 -24.60
C TYR A 563 14.24 -46.97 -25.63
N LYS A 564 14.87 -48.05 -25.19
CA LYS A 564 15.08 -49.19 -26.07
C LYS A 564 14.39 -50.43 -25.51
N GLU A 565 13.86 -51.26 -26.40
CA GLU A 565 13.12 -52.45 -26.01
C GLU A 565 14.12 -53.52 -25.57
N THR A 566 13.80 -54.20 -24.48
CA THR A 566 14.63 -55.32 -24.03
C THR A 566 13.74 -56.48 -23.59
N LYS A 567 14.35 -57.64 -23.36
CA LYS A 567 13.61 -58.81 -22.89
C LYS A 567 12.99 -58.54 -21.51
N HIS A 568 13.45 -57.48 -20.86
CA HIS A 568 12.99 -57.12 -19.51
C HIS A 568 12.19 -55.81 -19.48
N GLY A 569 11.52 -55.51 -20.59
CA GLY A 569 10.70 -54.31 -20.67
C GLY A 569 11.41 -53.14 -21.34
N LYS A 570 10.78 -51.97 -21.33
CA LYS A 570 11.38 -50.77 -21.90
C LYS A 570 12.45 -50.20 -20.97
N GLU A 571 13.69 -49.92 -21.39
CA GLU A 571 14.77 -49.32 -20.61
C GLU A 571 15.07 -47.91 -21.10
N LEU A 572 15.13 -46.96 -20.29
CA LEU A 572 15.57 -45.61 -20.63
C LEU A 572 17.07 -45.64 -20.90
N ILE A 573 17.51 -45.17 -22.07
CA ILE A 573 18.95 -45.14 -22.39
C ILE A 573 19.46 -43.76 -22.70
N GLY A 574 18.56 -42.78 -22.72
CA GLY A 574 18.96 -41.43 -23.09
C GLY A 574 17.95 -40.37 -22.78
N THR A 575 18.42 -39.18 -22.49
CA THR A 575 17.57 -38.02 -22.29
C THR A 575 18.29 -36.87 -22.97
N SER A 576 17.51 -35.97 -23.54
CA SER A 576 18.05 -34.76 -24.12
C SER A 576 17.05 -33.61 -23.99
N ALA A 577 17.58 -32.43 -23.69
CA ALA A 577 16.80 -31.20 -23.66
C ALA A 577 17.15 -30.36 -24.87
N GLY A 578 17.87 -30.94 -25.82
CA GLY A 578 18.26 -30.26 -27.04
C GLY A 578 17.48 -30.81 -28.22
N ASP A 579 18.10 -30.81 -29.41
CA ASP A 579 17.41 -31.32 -30.59
C ASP A 579 17.96 -32.66 -31.09
N ARG A 580 18.87 -33.25 -30.33
CA ARG A 580 19.48 -34.52 -30.73
C ARG A 580 20.07 -35.29 -29.55
N ILE A 581 20.42 -36.53 -29.80
CA ILE A 581 21.14 -37.30 -28.81
C ILE A 581 22.03 -38.32 -29.49
N TYR A 582 23.23 -38.51 -28.94
CA TYR A 582 24.16 -39.50 -29.47
C TYR A 582 24.00 -40.79 -28.68
N ILE A 583 23.89 -41.89 -29.40
CA ILE A 583 23.79 -43.20 -28.81
C ILE A 583 24.90 -44.03 -29.37
N GLU A 584 25.71 -44.60 -28.52
CA GLU A 584 26.83 -45.40 -28.92
C GLU A 584 26.47 -46.82 -29.25
N GLY A 585 27.19 -47.42 -30.16
CA GLY A 585 27.13 -48.84 -30.41
C GLY A 585 25.91 -49.36 -31.12
N LEU A 586 25.07 -48.50 -31.61
CA LEU A 586 23.86 -48.93 -32.23
C LEU A 586 24.06 -49.75 -33.48
N VAL A 587 24.97 -49.32 -34.35
CA VAL A 587 25.32 -50.07 -35.54
C VAL A 587 25.99 -51.28 -34.98
N GLU A 588 25.19 -52.31 -34.75
CA GLU A 588 25.64 -53.47 -34.02
C GLU A 588 24.63 -53.84 -32.94
N VAL A 595 17.06 -53.97 -32.84
CA VAL A 595 17.10 -52.78 -31.98
C VAL A 595 15.96 -51.78 -32.24
N ARG A 596 14.94 -51.82 -31.39
CA ARG A 596 13.82 -50.90 -31.49
C ARG A 596 13.91 -49.77 -30.47
N LEU A 597 13.74 -48.54 -30.93
CA LEU A 597 13.80 -47.39 -30.04
C LEU A 597 12.45 -46.70 -29.95
N HIS A 598 12.23 -45.99 -28.86
CA HIS A 598 11.01 -45.20 -28.66
C HIS A 598 11.39 -43.85 -28.11
N ILE A 599 11.06 -42.81 -28.86
CA ILE A 599 11.33 -41.45 -28.46
C ILE A 599 10.05 -40.75 -28.08
N GLU A 600 10.01 -40.24 -26.86
CA GLU A 600 8.86 -39.44 -26.44
C GLU A 600 9.29 -38.04 -26.07
N ALA A 601 8.41 -37.08 -26.33
CA ALA A 601 8.65 -35.72 -25.90
C ALA A 601 7.80 -35.47 -24.66
N LEU A 602 8.37 -34.85 -23.64
CA LEU A 602 7.61 -34.55 -22.45
C LEU A 602 7.42 -33.05 -22.39
N SER A 603 6.17 -32.62 -22.17
CA SER A 603 5.86 -31.20 -22.11
C SER A 603 6.45 -30.59 -20.85
N GLU A 604 6.35 -29.28 -20.71
CA GLU A 604 6.74 -28.61 -19.46
C GLU A 604 6.00 -29.20 -18.25
N THR A 605 4.78 -29.69 -18.49
CA THR A 605 3.98 -30.29 -17.43
C THR A 605 4.28 -31.78 -17.31
N PHE A 606 5.26 -32.25 -18.07
CA PHE A 606 5.66 -33.65 -18.04
C PHE A 606 4.61 -34.62 -18.58
N VAL A 607 3.70 -34.08 -19.41
CA VAL A 607 2.83 -34.93 -20.19
C VAL A 607 3.63 -35.54 -21.34
N PRO A 608 3.66 -36.84 -21.39
CA PRO A 608 4.38 -37.50 -22.43
C PRO A 608 3.59 -37.60 -23.72
N SER A 609 4.27 -37.40 -24.82
CA SER A 609 3.72 -37.62 -26.12
C SER A 609 3.67 -39.10 -26.44
N ASP A 610 2.97 -39.43 -27.50
CA ASP A 610 2.98 -40.75 -28.06
C ASP A 610 4.41 -41.02 -28.54
N ALA A 611 4.92 -42.22 -28.34
CA ALA A 611 6.28 -42.49 -28.73
C ALA A 611 6.49 -42.65 -30.24
N ARG A 612 7.49 -41.99 -30.80
CA ARG A 612 7.87 -42.31 -32.17
C ARG A 612 8.67 -43.62 -32.13
N MET A 613 8.35 -44.54 -33.03
CA MET A 613 9.11 -45.77 -33.13
C MET A 613 10.23 -45.57 -34.14
N ILE A 614 11.41 -46.11 -33.87
CA ILE A 614 12.52 -46.04 -34.78
C ILE A 614 13.25 -47.37 -34.84
N ASP A 615 13.47 -47.85 -36.05
CA ASP A 615 14.23 -49.05 -36.24
C ASP A 615 15.59 -48.69 -36.73
N THR B 2 6.35 7.01 -58.66
CA THR B 2 7.40 7.87 -58.20
C THR B 2 8.44 7.08 -57.45
N TYR B 3 7.98 6.34 -56.44
CA TYR B 3 8.84 5.62 -55.50
C TYR B 3 9.22 4.25 -56.04
N ASN B 4 10.51 4.01 -56.17
CA ASN B 4 11.01 2.75 -56.71
C ASN B 4 11.83 1.97 -55.69
N GLY B 5 11.55 2.23 -54.41
CA GLY B 5 12.36 1.67 -53.36
C GLY B 5 11.79 0.34 -52.97
N PRO B 6 12.36 -0.27 -51.91
CA PRO B 6 11.85 -1.49 -51.28
C PRO B 6 10.45 -1.30 -50.68
N LEU B 7 9.65 -2.35 -50.72
CA LEU B 7 8.28 -2.26 -50.28
C LEU B 7 7.98 -3.37 -49.28
N SER B 8 7.12 -3.04 -48.33
CA SER B 8 6.65 -4.00 -47.38
C SER B 8 5.93 -5.11 -48.16
N SER B 9 6.14 -6.33 -47.70
CA SER B 9 5.67 -7.54 -48.39
C SER B 9 4.18 -7.78 -48.22
N HIS B 10 3.60 -8.64 -48.89
CA HIS B 10 2.21 -9.03 -49.05
C HIS B 10 2.20 -10.06 -50.16
N TRP B 11 1.41 -11.22 -49.82
CA TRP B 11 1.39 -12.39 -50.65
C TRP B 11 0.00 -12.95 -50.84
N PHE B 12 -0.26 -13.49 -52.03
CA PHE B 12 -1.28 -14.54 -52.16
C PHE B 12 -0.58 -15.85 -51.82
N PRO B 13 -1.36 -16.90 -51.48
CA PRO B 13 -0.72 -18.14 -51.01
C PRO B 13 0.35 -18.76 -51.93
N GLU B 14 0.18 -18.67 -53.25
CA GLU B 14 1.17 -19.25 -54.14
C GLU B 14 2.46 -18.44 -54.26
N GLU B 15 2.40 -17.14 -53.97
CA GLU B 15 3.63 -16.36 -53.96
C GLU B 15 4.44 -16.68 -52.68
N LEU B 16 3.73 -16.87 -51.58
CA LEU B 16 4.36 -17.15 -50.29
C LEU B 16 5.10 -18.47 -50.37
N ALA B 17 4.43 -19.48 -50.91
CA ALA B 17 5.00 -20.80 -51.10
C ALA B 17 6.39 -20.73 -51.69
N GLN B 18 6.58 -19.91 -52.72
CA GLN B 18 7.87 -19.83 -53.39
C GLN B 18 8.72 -18.66 -52.93
N TRP B 19 8.41 -18.11 -51.77
CA TRP B 19 9.22 -17.06 -51.18
C TRP B 19 10.32 -17.56 -50.26
N GLU B 20 11.50 -17.03 -50.49
CA GLU B 20 12.64 -17.21 -49.64
C GLU B 20 13.33 -15.88 -49.59
N PRO B 21 13.68 -15.44 -48.40
CA PRO B 21 14.31 -14.13 -48.19
C PRO B 21 15.54 -13.84 -49.00
N ASP B 22 16.43 -14.80 -49.10
CA ASP B 22 17.69 -14.64 -49.83
C ASP B 22 17.51 -14.18 -51.29
N SER B 23 16.33 -14.43 -51.86
CA SER B 23 16.09 -14.09 -53.26
C SER B 23 15.19 -12.86 -53.43
N ASP B 24 14.65 -12.38 -52.33
CA ASP B 24 13.79 -11.20 -52.33
C ASP B 24 14.64 -9.96 -52.07
N PRO B 25 14.71 -9.07 -53.06
CA PRO B 25 15.53 -7.86 -52.92
C PRO B 25 15.06 -7.02 -51.73
N ASP B 26 13.77 -7.11 -51.40
CA ASP B 26 13.17 -6.24 -50.39
C ASP B 26 13.20 -6.85 -49.00
N ALA B 27 13.31 -8.17 -48.91
CA ALA B 27 13.26 -8.84 -47.62
C ALA B 27 14.16 -8.19 -46.54
N PRO B 28 15.37 -7.74 -46.90
CA PRO B 28 16.26 -7.29 -45.82
C PRO B 28 15.82 -5.96 -45.25
N PHE B 29 15.13 -5.20 -46.08
CA PHE B 29 14.56 -3.92 -45.67
C PHE B 29 13.34 -4.10 -44.78
N ASN B 30 12.71 -5.26 -44.83
CA ASN B 30 11.48 -5.49 -44.10
C ASN B 30 11.68 -6.20 -42.77
N ARG B 31 12.94 -6.52 -42.45
CA ARG B 31 13.27 -7.05 -41.13
C ARG B 31 13.27 -5.99 -40.04
N SER B 32 12.53 -6.23 -38.97
CA SER B 32 12.66 -5.43 -37.76
C SER B 32 13.98 -5.69 -37.05
N HIS B 33 14.64 -4.63 -36.59
CA HIS B 33 15.84 -4.79 -35.78
C HIS B 33 15.62 -4.26 -34.37
N VAL B 34 14.37 -4.27 -33.92
CA VAL B 34 14.02 -3.83 -32.56
C VAL B 34 13.25 -4.94 -31.85
N PRO B 35 13.91 -5.66 -30.94
CA PRO B 35 13.25 -6.79 -30.30
C PRO B 35 12.08 -6.34 -29.42
N LEU B 36 11.09 -7.19 -29.26
CA LEU B 36 9.99 -6.92 -28.35
C LEU B 36 10.52 -6.64 -26.94
N GLU B 37 10.32 -5.41 -26.44
CA GLU B 37 10.67 -5.11 -25.05
C GLU B 37 9.83 -5.94 -24.09
N PRO B 38 10.50 -6.74 -23.24
CA PRO B 38 9.84 -7.59 -22.24
C PRO B 38 9.54 -6.81 -20.97
N GLY B 39 8.53 -7.23 -20.25
CA GLY B 39 8.25 -6.65 -18.95
C GLY B 39 7.89 -5.18 -18.95
N ARG B 40 6.65 -4.90 -19.33
CA ARG B 40 6.09 -3.58 -19.17
C ARG B 40 5.62 -3.44 -17.72
N VAL B 41 5.43 -2.22 -17.26
CA VAL B 41 4.97 -2.03 -15.90
C VAL B 41 3.69 -1.21 -15.94
N ALA B 42 2.73 -1.59 -15.12
CA ALA B 42 1.41 -0.98 -15.19
C ALA B 42 1.32 0.22 -14.26
N ASP B 43 0.37 1.10 -14.55
CA ASP B 43 0.13 2.28 -13.73
C ASP B 43 -1.07 2.01 -12.84
N ARG B 44 -1.35 2.93 -11.93
CA ARG B 44 -2.43 2.78 -10.99
C ARG B 44 -3.34 3.97 -10.86
N VAL B 45 -3.32 4.87 -11.78
CA VAL B 45 -3.98 6.17 -11.61
C VAL B 45 -5.49 6.17 -11.82
N ASN B 46 -6.03 5.11 -12.42
CA ASN B 46 -7.47 5.06 -12.60
C ASN B 46 -8.08 3.94 -11.76
N ALA B 47 -8.92 4.33 -10.81
CA ALA B 47 -9.39 3.41 -9.78
C ALA B 47 -10.28 2.33 -10.35
N ASN B 48 -10.95 2.65 -11.45
CA ASN B 48 -11.87 1.71 -12.08
C ASN B 48 -11.20 0.66 -12.95
N ALA B 49 -9.96 0.91 -13.35
CA ALA B 49 -9.28 -0.01 -14.26
C ALA B 49 -8.89 -1.30 -13.55
N ASP B 50 -9.10 -2.43 -14.23
CA ASP B 50 -8.81 -3.76 -13.68
C ASP B 50 -7.61 -4.38 -14.37
N LYS B 51 -7.08 -5.46 -13.78
CA LYS B 51 -5.84 -6.06 -14.23
C LYS B 51 -6.06 -7.33 -15.04
N ASP B 52 -7.32 -7.71 -15.22
CA ASP B 52 -7.62 -9.00 -15.83
C ASP B 52 -7.77 -8.91 -17.33
N ALA B 53 -8.63 -7.99 -17.79
CA ALA B 53 -8.98 -7.87 -19.19
C ALA B 53 -7.81 -7.40 -20.06
N HIS B 54 -7.65 -8.02 -21.22
CA HIS B 54 -6.66 -7.55 -22.18
C HIS B 54 -7.33 -6.81 -23.31
N LEU B 55 -6.50 -6.23 -24.18
CA LEU B 55 -6.99 -5.42 -25.27
C LEU B 55 -6.15 -5.68 -26.53
N VAL B 56 -6.80 -6.06 -27.62
CA VAL B 56 -6.17 -6.15 -28.93
C VAL B 56 -6.68 -5.04 -29.83
N SER B 57 -5.77 -4.46 -30.59
CA SER B 57 -6.11 -3.51 -31.61
C SER B 57 -5.88 -4.12 -33.00
N LEU B 58 -6.91 -4.12 -33.84
CA LEU B 58 -6.77 -4.42 -35.25
C LEU B 58 -6.73 -3.09 -35.93
N SER B 59 -5.53 -2.66 -36.30
CA SER B 59 -5.33 -1.31 -36.82
C SER B 59 -4.66 -1.33 -38.18
N ALA B 60 -5.25 -0.59 -39.11
CA ALA B 60 -4.61 -0.34 -40.38
C ALA B 60 -3.50 0.71 -40.20
N LEU B 61 -2.44 0.33 -39.50
CA LEU B 61 -1.28 1.23 -39.35
C LEU B 61 -0.77 1.77 -40.70
N ASN B 62 -1.10 1.06 -41.78
CA ASN B 62 -0.90 1.59 -43.11
C ASN B 62 -2.23 1.51 -43.84
N ARG B 63 -2.64 2.60 -44.46
CA ARG B 63 -3.94 2.61 -45.12
C ARG B 63 -4.04 1.50 -46.16
N HIS B 64 -2.96 1.28 -46.91
CA HIS B 64 -2.97 0.28 -47.97
C HIS B 64 -2.06 -0.91 -47.70
N THR B 65 -2.41 -2.06 -48.27
CA THR B 65 -1.57 -3.25 -48.28
C THR B 65 -0.33 -3.13 -49.18
N SER B 66 -0.50 -2.60 -50.38
CA SER B 66 0.61 -2.50 -51.32
C SER B 66 1.15 -1.08 -51.37
N GLY B 67 2.34 -0.92 -51.94
CA GLY B 67 2.92 0.40 -52.10
C GLY B 67 3.45 1.03 -50.83
N VAL B 68 3.62 0.23 -49.79
CA VAL B 68 4.17 0.75 -48.53
C VAL B 68 5.68 0.66 -48.50
N PRO B 69 6.36 1.80 -48.51
CA PRO B 69 7.82 1.79 -48.44
C PRO B 69 8.30 1.06 -47.20
N SER B 70 9.37 0.29 -47.31
CA SER B 70 9.81 -0.56 -46.20
C SER B 70 10.10 0.21 -44.93
N GLN B 71 10.69 1.40 -45.05
CA GLN B 71 11.32 2.06 -43.90
C GLN B 71 10.96 3.51 -43.68
N GLY B 72 9.72 3.89 -43.96
CA GLY B 72 9.38 5.29 -43.84
C GLY B 72 9.26 5.93 -45.20
N ALA B 73 8.80 7.17 -45.22
CA ALA B 73 8.52 7.91 -46.44
C ALA B 73 8.45 9.38 -46.11
N PRO B 74 8.61 10.23 -47.12
CA PRO B 74 8.57 11.69 -46.96
C PRO B 74 7.13 12.19 -46.86
N VAL B 75 6.39 11.68 -45.89
CA VAL B 75 5.00 12.06 -45.69
C VAL B 75 4.78 12.28 -44.22
N PHE B 76 4.35 13.50 -43.85
CA PHE B 76 4.09 13.86 -42.47
C PHE B 76 2.84 13.17 -41.93
N TYR B 77 1.75 13.25 -42.71
CA TYR B 77 0.50 12.65 -42.29
C TYR B 77 0.53 11.14 -42.54
N GLU B 78 1.05 10.42 -41.54
CA GLU B 78 1.03 8.98 -41.56
C GLU B 78 0.47 8.52 -40.24
N ASN B 79 -0.06 7.30 -40.20
CA ASN B 79 -0.64 6.77 -38.98
C ASN B 79 0.39 6.47 -37.87
N THR B 80 0.61 7.48 -37.02
CA THR B 80 1.61 7.46 -35.97
C THR B 80 0.98 7.10 -34.61
N PHE B 81 0.19 6.02 -34.58
CA PHE B 81 -0.48 5.54 -33.37
C PHE B 81 0.43 5.66 -32.15
N SER B 82 -0.09 6.26 -31.08
CA SER B 82 0.73 6.54 -29.89
C SER B 82 0.15 5.98 -28.61
N TYR B 83 -0.88 5.14 -28.71
CA TYR B 83 -1.49 4.58 -27.53
C TYR B 83 -1.15 3.10 -27.31
N TRP B 84 0.08 2.74 -27.68
CA TRP B 84 0.64 1.43 -27.35
C TRP B 84 0.45 1.10 -25.88
N HIS B 85 0.44 2.10 -25.00
CA HIS B 85 0.35 1.83 -23.57
C HIS B 85 -0.97 1.18 -23.08
N TYR B 86 -2.06 1.32 -23.84
CA TYR B 86 -3.31 0.65 -23.47
C TYR B 86 -3.51 -0.60 -24.29
N THR B 87 -2.49 -0.98 -25.05
CA THR B 87 -2.63 -2.08 -25.98
C THR B 87 -1.79 -3.27 -25.51
N ASP B 88 -2.40 -4.46 -25.44
CA ASP B 88 -1.65 -5.66 -25.07
C ASP B 88 -1.18 -6.43 -26.29
N LEU B 89 -1.94 -6.27 -27.38
CA LEU B 89 -1.68 -6.99 -28.60
C LEU B 89 -2.09 -6.13 -29.79
N MET B 90 -1.22 -6.04 -30.79
CA MET B 90 -1.51 -5.27 -31.99
C MET B 90 -1.58 -6.17 -33.20
N VAL B 91 -2.66 -6.03 -33.93
CA VAL B 91 -2.80 -6.81 -35.14
C VAL B 91 -2.75 -5.83 -36.29
N TYR B 92 -1.76 -6.02 -37.18
CA TYR B 92 -1.57 -5.20 -38.38
C TYR B 92 -2.70 -5.49 -39.37
N TRP B 93 -3.65 -4.58 -39.46
CA TRP B 93 -4.77 -4.84 -40.33
C TRP B 93 -4.48 -4.60 -41.79
N ALA B 94 -4.56 -5.65 -42.59
CA ALA B 94 -4.31 -5.54 -44.03
C ALA B 94 -4.78 -6.76 -44.81
N GLY B 95 -4.61 -6.73 -46.12
CA GLY B 95 -5.03 -7.82 -46.96
C GLY B 95 -6.22 -7.46 -47.82
N SER B 96 -6.16 -7.84 -49.09
CA SER B 96 -7.28 -7.68 -50.00
C SER B 96 -7.15 -8.65 -51.16
N ALA B 97 -8.31 -8.98 -51.76
CA ALA B 97 -8.38 -9.82 -52.93
C ALA B 97 -7.51 -9.28 -54.08
N GLY B 98 -7.42 -7.96 -54.23
CA GLY B 98 -6.63 -7.37 -55.29
C GLY B 98 -5.13 -7.21 -55.05
N GLU B 99 -4.69 -7.23 -53.79
CA GLU B 99 -3.29 -6.94 -53.48
C GLU B 99 -2.51 -8.09 -52.84
N GLY B 100 -3.20 -8.96 -52.11
CA GLY B 100 -2.53 -9.98 -51.31
C GLY B 100 -3.25 -10.17 -49.99
N ILE B 101 -3.36 -11.42 -49.55
CA ILE B 101 -4.18 -11.73 -48.39
C ILE B 101 -3.36 -12.17 -47.17
N ILE B 102 -2.06 -12.32 -47.35
CA ILE B 102 -1.17 -12.60 -46.22
C ILE B 102 -0.23 -11.43 -46.13
N VAL B 103 -0.34 -10.68 -45.04
CA VAL B 103 0.48 -9.46 -44.94
C VAL B 103 1.05 -9.24 -43.56
N PRO B 104 2.39 -9.22 -43.48
CA PRO B 104 3.13 -8.95 -42.23
C PRO B 104 3.09 -7.47 -41.94
N PRO B 105 3.42 -7.05 -40.70
CA PRO B 105 3.51 -5.62 -40.42
C PRO B 105 4.80 -5.12 -41.01
N SER B 106 4.80 -3.89 -41.51
CA SER B 106 6.01 -3.28 -42.02
C SER B 106 6.99 -3.05 -40.85
N ALA B 107 8.28 -3.06 -41.15
CA ALA B 107 9.34 -2.95 -40.15
C ALA B 107 9.26 -1.70 -39.24
N ASP B 108 8.74 -0.60 -39.79
CA ASP B 108 8.68 0.64 -39.02
C ASP B 108 7.69 0.48 -37.85
N VAL B 109 6.64 -0.25 -38.14
CA VAL B 109 5.53 -0.44 -37.23
C VAL B 109 5.84 -1.56 -36.25
N ILE B 110 6.50 -2.60 -36.72
CA ILE B 110 7.02 -3.65 -35.82
C ILE B 110 7.88 -2.99 -34.75
N ASP B 111 8.76 -2.08 -35.18
CA ASP B 111 9.68 -1.39 -34.27
C ASP B 111 8.94 -0.56 -33.21
N ALA B 112 7.99 0.25 -33.66
CA ALA B 112 7.27 1.09 -32.74
C ALA B 112 6.59 0.21 -31.72
N SER B 113 5.85 -0.79 -32.20
CA SER B 113 5.18 -1.75 -31.35
C SER B 113 6.16 -2.35 -30.33
N HIS B 114 7.30 -2.84 -30.81
CA HIS B 114 8.23 -3.54 -29.93
C HIS B 114 8.80 -2.65 -28.83
N ARG B 115 9.11 -1.39 -29.18
CA ARG B 115 9.66 -0.46 -28.20
C ARG B 115 8.74 -0.32 -27.00
N ASN B 116 7.44 -0.44 -27.24
CA ASN B 116 6.46 -0.40 -26.17
C ASN B 116 6.03 -1.77 -25.64
N GLY B 117 6.82 -2.79 -25.97
CA GLY B 117 6.59 -4.13 -25.48
C GLY B 117 5.27 -4.73 -25.93
N VAL B 118 4.78 -4.30 -27.09
CA VAL B 118 3.52 -4.80 -27.61
C VAL B 118 3.84 -5.81 -28.69
N PRO B 119 3.31 -7.03 -28.54
CA PRO B 119 3.51 -8.03 -29.59
C PRO B 119 2.67 -7.62 -30.81
N ILE B 120 3.23 -7.74 -32.00
CA ILE B 120 2.48 -7.36 -33.18
C ILE B 120 2.28 -8.55 -34.11
N LEU B 121 1.02 -8.75 -34.54
CA LEU B 121 0.67 -9.84 -35.42
C LEU B 121 0.45 -9.39 -36.86
N GLY B 122 0.80 -10.29 -37.78
CA GLY B 122 0.55 -10.11 -39.20
C GLY B 122 -0.86 -10.59 -39.44
N ASN B 123 -1.35 -10.36 -40.66
CA ASN B 123 -2.73 -10.70 -40.99
C ASN B 123 -2.76 -11.73 -42.11
N VAL B 124 -3.61 -12.73 -41.93
CA VAL B 124 -4.00 -13.67 -42.99
C VAL B 124 -5.48 -13.43 -43.24
N PHE B 125 -5.79 -12.79 -44.36
CA PHE B 125 -7.13 -12.29 -44.63
C PHE B 125 -7.81 -13.06 -45.75
N PHE B 126 -8.64 -14.05 -45.39
CA PHE B 126 -9.50 -14.73 -46.36
C PHE B 126 -10.81 -13.95 -46.52
N PRO B 127 -10.93 -13.15 -47.60
CA PRO B 127 -12.02 -12.18 -47.75
C PRO B 127 -13.35 -12.79 -48.12
N PRO B 128 -14.45 -12.16 -47.66
CA PRO B 128 -15.76 -12.55 -48.17
C PRO B 128 -15.76 -12.55 -49.70
N THR B 129 -16.51 -13.46 -50.33
CA THR B 129 -16.57 -13.51 -51.79
C THR B 129 -17.02 -12.19 -52.43
N VAL B 130 -17.85 -11.44 -51.71
CA VAL B 130 -18.35 -10.17 -52.22
C VAL B 130 -17.19 -9.22 -52.41
N TYR B 131 -16.07 -9.54 -51.77
CA TYR B 131 -14.92 -8.68 -51.83
C TYR B 131 -13.79 -9.34 -52.58
N GLY B 132 -14.14 -10.31 -53.42
CA GLY B 132 -13.17 -10.96 -54.30
C GLY B 132 -12.52 -12.17 -53.65
N GLY B 133 -13.03 -12.57 -52.51
CA GLY B 133 -12.54 -13.76 -51.84
C GLY B 133 -12.61 -14.97 -52.76
N GLN B 134 -11.68 -15.90 -52.58
CA GLN B 134 -11.58 -17.13 -53.39
C GLN B 134 -11.30 -18.33 -52.49
N LEU B 135 -12.21 -19.31 -52.48
CA LEU B 135 -11.97 -20.58 -51.77
C LEU B 135 -10.61 -21.17 -52.08
N GLU B 136 -10.21 -21.09 -53.34
CA GLU B 136 -8.92 -21.59 -53.78
C GLU B 136 -7.80 -21.18 -52.82
N TRP B 137 -7.68 -19.87 -52.57
CA TRP B 137 -6.63 -19.38 -51.65
C TRP B 137 -6.68 -20.12 -50.31
N LEU B 138 -7.89 -20.32 -49.78
CA LEU B 138 -8.03 -21.00 -48.51
C LEU B 138 -7.51 -22.43 -48.63
N GLU B 139 -7.93 -23.11 -49.70
CA GLU B 139 -7.49 -24.50 -49.96
C GLU B 139 -5.98 -24.58 -50.14
N GLN B 140 -5.41 -23.60 -50.83
CA GLN B 140 -3.96 -23.55 -50.99
C GLN B 140 -3.27 -23.50 -49.63
N MET B 141 -3.71 -22.58 -48.77
CA MET B 141 -3.10 -22.42 -47.46
C MET B 141 -3.22 -23.72 -46.68
N LEU B 142 -4.28 -24.47 -46.94
CA LEU B 142 -4.59 -25.64 -46.14
C LEU B 142 -4.00 -26.94 -46.68
N GLU B 143 -3.15 -26.84 -47.69
CA GLU B 143 -2.50 -28.04 -48.24
C GLU B 143 -1.60 -28.75 -47.23
N GLN B 144 -1.65 -30.08 -47.23
CA GLN B 144 -0.98 -30.88 -46.22
C GLN B 144 -0.13 -31.98 -46.86
N GLU B 145 1.10 -32.13 -46.40
CA GLU B 145 2.02 -33.15 -46.94
C GLU B 145 1.70 -34.50 -46.31
N GLU B 146 2.28 -35.57 -46.85
CA GLU B 146 2.13 -36.91 -46.26
C GLU B 146 2.62 -36.81 -44.83
N ASP B 147 3.70 -36.04 -44.70
CA ASP B 147 4.27 -35.59 -43.43
C ASP B 147 3.24 -35.21 -42.37
N GLY B 148 2.11 -34.65 -42.80
CA GLY B 148 1.13 -34.10 -41.88
C GLY B 148 1.31 -32.60 -41.73
N SER B 149 2.52 -32.12 -42.04
CA SER B 149 2.83 -30.70 -41.94
C SER B 149 2.10 -29.87 -43.01
N PHE B 150 1.94 -28.58 -42.73
CA PHE B 150 1.37 -27.66 -43.69
C PHE B 150 2.45 -26.69 -44.16
N PRO B 151 2.89 -26.84 -45.42
CA PRO B 151 3.99 -26.02 -45.93
C PRO B 151 3.73 -24.51 -45.80
N LEU B 152 2.51 -24.05 -46.03
CA LEU B 152 2.23 -22.62 -45.93
C LEU B 152 2.15 -22.13 -44.49
N ALA B 153 1.79 -23.00 -43.56
CA ALA B 153 1.93 -22.65 -42.15
C ALA B 153 3.42 -22.45 -41.83
N ASP B 154 4.26 -23.29 -42.42
CA ASP B 154 5.69 -23.19 -42.22
C ASP B 154 6.18 -21.83 -42.71
N LYS B 155 5.63 -21.39 -43.84
CA LYS B 155 5.98 -20.08 -44.39
C LYS B 155 5.49 -18.93 -43.48
N LEU B 156 4.34 -19.11 -42.82
CA LEU B 156 3.88 -18.08 -41.90
C LEU B 156 4.88 -17.92 -40.76
N LEU B 157 5.31 -19.06 -40.20
CA LEU B 157 6.29 -19.05 -39.11
C LEU B 157 7.64 -18.52 -39.55
N GLU B 158 8.07 -18.92 -40.74
CA GLU B 158 9.33 -18.44 -41.31
C GLU B 158 9.33 -16.91 -41.53
N VAL B 159 8.23 -16.37 -42.09
CA VAL B 159 8.09 -14.93 -42.32
C VAL B 159 8.18 -14.19 -40.97
N ALA B 160 7.41 -14.66 -40.01
CA ALA B 160 7.39 -14.05 -38.69
C ALA B 160 8.76 -14.09 -38.03
N ASP B 161 9.51 -15.16 -38.29
CA ASP B 161 10.83 -15.30 -37.71
C ASP B 161 11.82 -14.34 -38.38
N TYR B 162 11.81 -14.34 -39.70
CA TYR B 162 12.75 -13.54 -40.45
C TYR B 162 12.49 -12.06 -40.24
N TYR B 163 11.24 -11.64 -40.38
CA TYR B 163 10.92 -10.21 -40.32
C TYR B 163 10.91 -9.70 -38.90
N GLY B 164 10.63 -10.57 -37.93
CA GLY B 164 10.75 -10.18 -36.54
C GLY B 164 9.46 -9.69 -35.89
N PHE B 165 8.36 -10.43 -36.10
CA PHE B 165 7.11 -10.17 -35.37
C PHE B 165 6.59 -11.45 -34.68
N ASP B 166 5.39 -11.37 -34.11
CA ASP B 166 5.01 -12.27 -33.02
C ASP B 166 3.82 -13.21 -33.27
N GLY B 167 3.53 -13.51 -34.53
CA GLY B 167 2.39 -14.35 -34.82
C GLY B 167 1.47 -13.79 -35.90
N TRP B 168 0.22 -14.25 -35.85
CA TRP B 168 -0.69 -14.02 -36.95
C TRP B 168 -2.13 -13.91 -36.47
N PHE B 169 -2.91 -13.09 -37.18
CA PHE B 169 -4.35 -13.06 -37.02
C PHE B 169 -4.90 -13.87 -38.20
N ILE B 170 -5.78 -14.82 -37.93
CA ILE B 170 -6.38 -15.59 -39.00
C ILE B 170 -7.85 -15.23 -39.16
N ASN B 171 -8.19 -14.72 -40.35
CA ASN B 171 -9.52 -14.18 -40.64
C ASN B 171 -10.13 -14.94 -41.80
N GLN B 172 -11.01 -15.90 -41.48
CA GLN B 172 -11.57 -16.81 -42.48
C GLN B 172 -13.01 -16.41 -42.73
N GLU B 173 -13.25 -15.70 -43.82
CA GLU B 173 -14.60 -15.25 -44.12
C GLU B 173 -14.98 -15.65 -45.53
N THR B 174 -14.14 -16.44 -46.20
CA THR B 174 -14.49 -16.96 -47.52
C THR B 174 -15.55 -18.05 -47.41
N GLU B 175 -16.69 -17.83 -48.05
CA GLU B 175 -17.78 -18.81 -48.08
C GLU B 175 -17.47 -19.98 -49.01
N GLY B 176 -18.22 -21.08 -48.86
CA GLY B 176 -18.10 -22.23 -49.74
C GLY B 176 -17.27 -23.38 -49.17
N ALA B 177 -16.88 -23.27 -47.91
CA ALA B 177 -16.05 -24.28 -47.26
C ALA B 177 -16.94 -25.35 -46.63
N ASP B 178 -16.59 -26.62 -46.84
CA ASP B 178 -17.35 -27.73 -46.25
C ASP B 178 -16.77 -28.09 -44.90
N GLU B 179 -17.30 -29.14 -44.29
CA GLU B 179 -16.81 -29.54 -42.97
C GLU B 179 -15.38 -30.06 -43.02
N GLY B 180 -14.95 -30.56 -44.18
CA GLY B 180 -13.59 -31.07 -44.31
C GLY B 180 -12.58 -29.93 -44.28
N THR B 181 -12.94 -28.83 -44.92
CA THR B 181 -12.12 -27.65 -44.89
C THR B 181 -12.00 -27.15 -43.46
N ALA B 182 -13.12 -27.14 -42.75
CA ALA B 182 -13.14 -26.71 -41.37
C ALA B 182 -12.14 -27.53 -40.53
N GLU B 183 -12.21 -28.85 -40.65
CA GLU B 183 -11.30 -29.71 -39.89
C GLU B 183 -9.87 -29.45 -40.31
N ALA B 184 -9.66 -29.19 -41.61
CA ALA B 184 -8.29 -28.92 -42.06
C ALA B 184 -7.76 -27.63 -41.45
N MET B 185 -8.63 -26.62 -41.34
CA MET B 185 -8.27 -25.35 -40.71
C MET B 185 -7.86 -25.59 -39.26
N GLN B 186 -8.65 -26.42 -38.57
CA GLN B 186 -8.36 -26.75 -37.18
C GLN B 186 -7.02 -27.47 -37.08
N ALA B 187 -6.73 -28.32 -38.05
CA ALA B 187 -5.45 -29.01 -38.08
C ALA B 187 -4.33 -28.02 -38.35
N PHE B 188 -4.61 -27.10 -39.28
CA PHE B 188 -3.66 -26.03 -39.61
C PHE B 188 -3.34 -25.17 -38.37
N LEU B 189 -4.36 -24.76 -37.63
CA LEU B 189 -4.12 -23.94 -36.44
C LEU B 189 -3.36 -24.73 -35.39
N VAL B 190 -3.71 -26.01 -35.23
CA VAL B 190 -3.03 -26.89 -34.28
C VAL B 190 -1.57 -27.07 -34.67
N TYR B 191 -1.32 -27.24 -35.97
CA TYR B 191 0.04 -27.38 -36.46
C TYR B 191 0.86 -26.11 -36.13
N LEU B 192 0.23 -24.95 -36.31
CA LEU B 192 0.86 -23.69 -35.91
C LEU B 192 1.28 -23.73 -34.44
N GLN B 193 0.35 -24.11 -33.57
CA GLN B 193 0.66 -24.19 -32.14
C GLN B 193 1.87 -25.09 -31.84
N GLU B 194 1.92 -26.24 -32.45
CA GLU B 194 3.00 -27.15 -32.25
C GLU B 194 4.32 -26.64 -32.76
N GLN B 195 4.34 -25.93 -33.89
CA GLN B 195 5.56 -25.46 -34.51
C GLN B 195 6.03 -24.07 -34.17
N LYS B 196 5.17 -23.24 -33.64
CA LYS B 196 5.52 -21.86 -33.36
C LYS B 196 6.56 -21.75 -32.23
N PRO B 197 7.37 -20.67 -32.27
CA PRO B 197 8.32 -20.33 -31.20
C PRO B 197 7.56 -19.94 -29.95
N GLU B 198 8.16 -20.13 -28.78
CA GLU B 198 7.51 -19.72 -27.55
C GLU B 198 7.21 -18.23 -27.63
N GLY B 199 6.04 -17.84 -27.16
CA GLY B 199 5.69 -16.42 -27.16
C GLY B 199 4.82 -16.01 -28.34
N MET B 200 4.98 -16.71 -29.46
CA MET B 200 4.19 -16.39 -30.65
C MET B 200 2.69 -16.57 -30.44
N HIS B 201 1.92 -15.73 -31.10
CA HIS B 201 0.50 -15.65 -30.82
C HIS B 201 -0.32 -15.80 -32.11
N ILE B 202 -1.17 -16.82 -32.13
CA ILE B 202 -2.13 -16.99 -33.22
C ILE B 202 -3.52 -16.69 -32.74
N MET B 203 -4.11 -15.65 -33.29
CA MET B 203 -5.44 -15.21 -32.90
C MET B 203 -6.42 -15.52 -34.03
N TRP B 204 -7.53 -16.13 -33.66
CA TRP B 204 -8.50 -16.63 -34.62
C TRP B 204 -9.74 -15.73 -34.58
N TYR B 205 -10.25 -15.38 -35.75
CA TYR B 205 -11.49 -14.61 -35.83
C TYR B 205 -12.68 -15.57 -35.64
N ASP B 206 -13.64 -15.14 -34.83
CA ASP B 206 -14.95 -15.75 -34.74
C ASP B 206 -15.80 -15.61 -36.01
N SER B 207 -15.53 -16.46 -36.98
CA SER B 207 -16.32 -16.50 -38.20
C SER B 207 -16.69 -17.91 -38.69
N MET B 208 -15.74 -18.63 -39.28
CA MET B 208 -16.01 -20.00 -39.74
C MET B 208 -16.31 -20.96 -38.60
N ILE B 209 -17.48 -21.56 -38.60
CA ILE B 209 -17.88 -22.48 -37.54
C ILE B 209 -17.47 -23.93 -37.85
N ASP B 210 -17.93 -24.88 -37.02
CA ASP B 210 -17.49 -26.27 -37.19
C ASP B 210 -17.85 -26.89 -38.55
N THR B 211 -18.98 -26.46 -39.11
CA THR B 211 -19.42 -26.95 -40.42
C THR B 211 -18.67 -26.33 -41.58
N GLY B 212 -17.88 -25.28 -41.32
CA GLY B 212 -17.17 -24.58 -42.37
C GLY B 212 -17.98 -23.38 -42.87
N ALA B 213 -19.24 -23.32 -42.47
CA ALA B 213 -20.07 -22.18 -42.84
C ALA B 213 -19.52 -20.93 -42.17
N ILE B 214 -19.79 -19.77 -42.76
CA ILE B 214 -19.43 -18.53 -42.12
C ILE B 214 -20.62 -18.06 -41.35
N ALA B 215 -20.48 -18.05 -40.03
CA ALA B 215 -21.60 -17.80 -39.13
C ALA B 215 -21.10 -17.25 -37.80
N TRP B 216 -20.63 -16.01 -37.85
CA TRP B 216 -20.19 -15.28 -36.68
C TRP B 216 -21.08 -15.61 -35.49
N GLN B 217 -20.46 -16.01 -34.37
CA GLN B 217 -21.21 -16.35 -33.16
C GLN B 217 -21.32 -15.18 -32.20
N ASN B 218 -20.38 -14.23 -32.30
CA ASN B 218 -20.36 -13.05 -31.43
C ASN B 218 -20.07 -13.41 -29.98
N HIS B 219 -19.75 -14.69 -29.76
CA HIS B 219 -19.48 -15.25 -28.46
C HIS B 219 -18.63 -16.48 -28.70
N LEU B 220 -18.05 -17.02 -27.63
CA LEU B 220 -17.51 -18.36 -27.70
C LEU B 220 -18.68 -19.35 -27.52
N THR B 221 -18.91 -20.19 -28.52
CA THR B 221 -19.99 -21.17 -28.45
C THR B 221 -19.52 -22.58 -28.79
N ASP B 222 -20.45 -23.51 -28.75
CA ASP B 222 -20.19 -24.88 -29.21
C ASP B 222 -19.86 -24.90 -30.70
N ARG B 223 -20.29 -23.87 -31.41
CA ARG B 223 -20.13 -23.82 -32.86
C ARG B 223 -18.72 -23.37 -33.27
N ASN B 224 -18.01 -22.72 -32.35
CA ASN B 224 -16.69 -22.19 -32.68
C ASN B 224 -15.56 -22.56 -31.71
N LYS B 225 -15.88 -23.21 -30.59
CA LYS B 225 -14.88 -23.48 -29.56
C LYS B 225 -13.77 -24.40 -30.03
N MET B 226 -14.04 -25.21 -31.05
CA MET B 226 -13.02 -26.13 -31.53
C MET B 226 -11.87 -25.40 -32.18
N TYR B 227 -12.02 -24.10 -32.40
CA TYR B 227 -11.00 -23.25 -33.03
C TYR B 227 -10.09 -22.58 -32.01
N LEU B 228 -10.50 -22.67 -30.75
CA LEU B 228 -9.72 -22.16 -29.63
C LEU B 228 -9.07 -23.31 -28.87
N GLN B 229 -9.88 -24.30 -28.50
CA GLN B 229 -9.44 -25.43 -27.68
C GLN B 229 -10.31 -26.67 -27.89
N ASN B 230 -9.67 -27.82 -28.06
CA ASN B 230 -10.39 -29.08 -28.27
C ASN B 230 -9.92 -30.13 -27.29
N GLY B 231 -10.72 -30.34 -26.24
CA GLY B 231 -10.25 -31.13 -25.12
C GLY B 231 -8.93 -30.57 -24.61
N SER B 232 -7.87 -31.37 -24.75
CA SER B 232 -6.58 -31.01 -24.21
C SER B 232 -5.66 -30.47 -25.29
N THR B 233 -6.16 -30.40 -26.52
CA THR B 233 -5.37 -29.79 -27.58
C THR B 233 -5.66 -28.28 -27.65
N ARG B 234 -4.60 -27.49 -27.75
CA ARG B 234 -4.74 -26.04 -27.90
C ARG B 234 -4.75 -25.74 -29.39
N VAL B 235 -5.76 -24.99 -29.84
CA VAL B 235 -5.93 -24.74 -31.27
C VAL B 235 -5.46 -23.33 -31.61
N ALA B 236 -5.78 -22.40 -30.73
CA ALA B 236 -5.35 -21.02 -30.93
C ALA B 236 -5.07 -20.33 -29.60
N ASP B 237 -4.28 -19.28 -29.65
CA ASP B 237 -3.95 -18.54 -28.44
C ASP B 237 -5.08 -17.62 -28.00
N SER B 238 -5.95 -17.23 -28.92
CA SER B 238 -7.07 -16.36 -28.59
C SER B 238 -8.12 -16.36 -29.69
N MET B 239 -9.28 -15.80 -29.38
CA MET B 239 -10.31 -15.62 -30.39
C MET B 239 -10.83 -14.21 -30.33
N PHE B 240 -10.99 -13.60 -31.49
CA PHE B 240 -11.60 -12.28 -31.60
C PHE B 240 -13.06 -12.49 -31.90
N LEU B 241 -13.92 -12.23 -30.91
CA LEU B 241 -15.36 -12.37 -31.06
C LEU B 241 -15.98 -11.28 -31.95
N ASN B 242 -16.88 -11.68 -32.86
CA ASN B 242 -17.61 -10.71 -33.70
C ASN B 242 -18.52 -9.79 -32.88
N PHE B 243 -18.96 -8.70 -33.51
CA PHE B 243 -19.49 -7.53 -32.81
C PHE B 243 -20.91 -7.60 -32.20
N TRP B 244 -21.73 -8.54 -32.64
CA TRP B 244 -23.16 -8.46 -32.33
C TRP B 244 -23.56 -9.18 -31.03
N TRP B 245 -23.03 -8.66 -29.93
CA TRP B 245 -23.22 -9.24 -28.61
C TRP B 245 -23.73 -8.14 -27.69
N ARG B 246 -24.51 -8.52 -26.67
CA ARG B 246 -24.96 -7.56 -25.67
C ARG B 246 -24.39 -7.92 -24.32
N ASP B 247 -23.94 -9.16 -24.20
CA ASP B 247 -23.38 -9.63 -22.95
C ASP B 247 -22.38 -10.76 -23.20
N GLN B 248 -21.41 -10.93 -22.30
CA GLN B 248 -20.37 -11.90 -22.56
C GLN B 248 -20.18 -12.93 -21.45
N ARG B 249 -21.04 -12.88 -20.43
CA ARG B 249 -21.00 -13.85 -19.33
C ARG B 249 -20.94 -15.28 -19.84
N GLN B 250 -21.76 -15.60 -20.85
CA GLN B 250 -21.84 -16.96 -21.37
C GLN B 250 -20.53 -17.44 -21.95
N SER B 251 -19.79 -16.53 -22.58
CA SER B 251 -18.51 -16.89 -23.20
C SER B 251 -17.47 -17.11 -22.12
N ASN B 252 -17.53 -16.26 -21.09
CA ASN B 252 -16.70 -16.43 -19.92
C ASN B 252 -16.90 -17.82 -19.31
N GLU B 253 -18.16 -18.16 -19.05
CA GLU B 253 -18.52 -19.47 -18.49
C GLU B 253 -18.05 -20.65 -19.34
N LEU B 254 -18.30 -20.57 -20.64
CA LEU B 254 -17.88 -21.64 -21.56
C LEU B 254 -16.35 -21.76 -21.58
N ALA B 255 -15.64 -20.63 -21.51
CA ALA B 255 -14.19 -20.63 -21.53
C ALA B 255 -13.64 -21.34 -20.29
N GLN B 256 -14.26 -21.08 -19.15
CA GLN B 256 -13.90 -21.77 -17.93
C GLN B 256 -14.10 -23.28 -18.05
N ALA B 257 -15.21 -23.68 -18.66
CA ALA B 257 -15.50 -25.10 -18.86
C ALA B 257 -14.50 -25.74 -19.82
N LEU B 258 -13.90 -24.92 -20.67
CA LEU B 258 -12.91 -25.42 -21.61
C LEU B 258 -11.54 -25.46 -20.97
N GLY B 259 -11.44 -24.88 -19.77
CA GLY B 259 -10.16 -24.76 -19.09
C GLY B 259 -9.25 -23.68 -19.70
N ARG B 260 -9.87 -22.65 -20.27
CA ARG B 260 -9.13 -21.52 -20.83
C ARG B 260 -9.54 -20.23 -20.12
N SER B 261 -8.63 -19.26 -20.10
CA SER B 261 -8.94 -17.96 -19.51
C SER B 261 -9.98 -17.27 -20.37
N PRO B 262 -11.03 -16.71 -19.73
CA PRO B 262 -12.01 -15.91 -20.45
C PRO B 262 -11.33 -14.74 -21.15
N TYR B 263 -10.12 -14.40 -20.72
CA TYR B 263 -9.45 -13.23 -21.26
C TYR B 263 -8.59 -13.54 -22.47
N ASP B 264 -8.75 -14.74 -23.02
CA ASP B 264 -8.17 -15.07 -24.30
C ASP B 264 -9.25 -14.84 -25.34
N LEU B 265 -10.40 -14.39 -24.87
CA LEU B 265 -11.49 -14.06 -25.77
C LEU B 265 -11.53 -12.55 -25.85
N TYR B 266 -11.60 -12.02 -27.06
CA TYR B 266 -11.62 -10.58 -27.20
C TYR B 266 -12.94 -10.12 -27.79
N ALA B 267 -13.82 -9.61 -26.93
CA ALA B 267 -15.13 -9.18 -27.40
C ALA B 267 -14.92 -8.03 -28.35
N GLY B 268 -15.35 -8.21 -29.59
CA GLY B 268 -15.09 -7.21 -30.62
C GLY B 268 -16.00 -6.01 -30.59
N VAL B 269 -15.43 -4.85 -30.90
CA VAL B 269 -16.20 -3.63 -31.05
C VAL B 269 -15.75 -2.98 -32.35
N ASP B 270 -16.71 -2.69 -33.22
CA ASP B 270 -16.40 -2.12 -34.52
C ASP B 270 -16.44 -0.60 -34.42
N VAL B 271 -15.26 0.03 -34.48
CA VAL B 271 -15.19 1.48 -34.28
C VAL B 271 -14.77 2.17 -35.56
N GLU B 272 -14.72 1.41 -36.65
CA GLU B 272 -14.17 1.94 -37.87
C GLU B 272 -14.85 3.23 -38.31
N ALA B 273 -16.18 3.23 -38.33
CA ALA B 273 -16.91 4.35 -38.94
C ALA B 273 -17.11 5.54 -38.02
N ARG B 274 -17.27 5.28 -36.72
CA ARG B 274 -17.71 6.29 -35.79
C ARG B 274 -16.78 6.57 -34.61
N GLY B 275 -15.75 5.73 -34.47
CA GLY B 275 -14.82 5.88 -33.37
C GLY B 275 -15.54 6.10 -32.05
N THR B 276 -15.33 7.24 -31.42
CA THR B 276 -15.89 7.46 -30.10
C THR B 276 -17.41 7.59 -30.08
N SER B 277 -18.02 7.66 -31.25
CA SER B 277 -19.48 7.72 -31.34
C SER B 277 -20.06 6.33 -31.58
N THR B 278 -19.23 5.31 -31.44
CA THR B 278 -19.67 3.94 -31.59
C THR B 278 -20.46 3.53 -30.36
N PRO B 279 -21.73 3.12 -30.53
CA PRO B 279 -22.53 2.65 -29.39
C PRO B 279 -22.03 1.29 -28.92
N VAL B 280 -21.86 1.14 -27.60
CA VAL B 280 -21.34 -0.11 -27.04
C VAL B 280 -22.08 -0.45 -25.75
N GLN B 281 -22.44 -1.73 -25.58
CA GLN B 281 -23.00 -2.22 -24.33
C GLN B 281 -21.88 -2.55 -23.35
N TRP B 282 -21.24 -1.51 -22.82
CA TRP B 282 -20.06 -1.72 -21.95
C TRP B 282 -20.33 -2.62 -20.75
N GLU B 283 -21.49 -2.46 -20.10
CA GLU B 283 -21.88 -3.31 -18.97
C GLU B 283 -21.85 -4.79 -19.35
N GLY B 284 -22.14 -5.08 -20.61
CA GLY B 284 -22.11 -6.43 -21.12
C GLY B 284 -20.73 -7.07 -21.14
N LEU B 285 -19.70 -6.24 -21.07
CA LEU B 285 -18.32 -6.72 -21.06
C LEU B 285 -17.67 -6.43 -19.70
N PHE B 286 -17.98 -5.27 -19.15
CA PHE B 286 -17.51 -4.81 -17.87
C PHE B 286 -18.68 -4.57 -16.89
N PRO B 287 -19.06 -5.63 -16.21
CA PRO B 287 -20.15 -5.59 -15.26
C PRO B 287 -19.80 -4.75 -14.06
N GLU B 288 -20.75 -4.01 -13.51
CA GLU B 288 -20.50 -2.92 -12.56
C GLU B 288 -19.71 -3.33 -11.34
N GLY B 289 -19.84 -4.57 -10.96
CA GLY B 289 -18.93 -5.17 -10.04
C GLY B 289 -18.53 -6.40 -10.82
N GLU B 290 -18.28 -7.49 -10.11
CA GLU B 290 -17.64 -8.65 -10.69
C GLU B 290 -16.61 -8.18 -11.70
N LYS B 291 -15.88 -9.09 -12.30
CA LYS B 291 -14.86 -8.66 -13.19
C LYS B 291 -15.40 -8.39 -14.56
N ALA B 292 -14.48 -8.13 -15.45
CA ALA B 292 -14.77 -8.18 -16.86
C ALA B 292 -14.98 -9.62 -17.26
N HIS B 293 -15.96 -9.87 -18.11
CA HIS B 293 -16.28 -11.23 -18.58
C HIS B 293 -15.20 -11.78 -19.50
N THR B 294 -14.65 -10.92 -20.37
CA THR B 294 -13.63 -11.33 -21.32
C THR B 294 -12.70 -10.17 -21.57
N SER B 295 -11.79 -10.32 -22.52
CA SER B 295 -10.96 -9.20 -22.95
C SER B 295 -11.66 -8.36 -24.03
N LEU B 296 -11.00 -7.29 -24.47
CA LEU B 296 -11.57 -6.36 -25.44
C LEU B 296 -10.86 -6.40 -26.79
N GLY B 297 -11.64 -6.33 -27.86
CA GLY B 297 -11.11 -6.35 -29.20
C GLY B 297 -11.63 -5.15 -29.95
N LEU B 298 -10.71 -4.26 -30.33
CA LEU B 298 -11.04 -3.03 -31.04
C LEU B 298 -10.75 -3.17 -32.53
N TYR B 299 -11.81 -3.18 -33.32
CA TYR B 299 -11.66 -3.24 -34.77
C TYR B 299 -11.48 -1.78 -35.22
N ARG B 300 -10.30 -1.48 -35.77
CA ARG B 300 -10.03 -0.24 -36.50
C ARG B 300 -9.94 1.11 -35.78
N PRO B 301 -9.25 1.18 -34.63
CA PRO B 301 -9.02 2.45 -33.92
C PRO B 301 -8.34 3.52 -34.80
N ASP B 302 -7.82 3.08 -35.95
CA ASP B 302 -7.19 3.99 -36.89
C ASP B 302 -8.25 4.83 -37.60
N TRP B 303 -9.52 4.65 -37.21
CA TRP B 303 -10.57 5.64 -37.47
C TRP B 303 -10.06 7.03 -37.16
N ALA B 304 -9.27 7.15 -36.09
CA ALA B 304 -8.79 8.45 -35.64
C ALA B 304 -7.93 9.11 -36.73
N PHE B 305 -7.18 8.27 -37.44
CA PHE B 305 -6.33 8.73 -38.54
C PHE B 305 -7.12 8.93 -39.85
N GLN B 306 -8.03 8.01 -40.12
CA GLN B 306 -8.68 7.97 -41.43
C GLN B 306 -9.90 8.86 -41.59
N SER B 307 -10.46 9.29 -40.47
CA SER B 307 -11.54 10.24 -40.50
C SER B 307 -11.01 11.66 -40.27
N SER B 308 -9.69 11.81 -40.14
CA SER B 308 -9.09 13.14 -39.96
C SER B 308 -8.25 13.56 -41.16
N GLU B 309 -8.01 14.86 -41.28
CA GLU B 309 -7.29 15.42 -42.40
C GLU B 309 -5.93 15.89 -41.94
N THR B 310 -5.80 16.12 -40.64
CA THR B 310 -4.57 16.70 -40.13
C THR B 310 -4.03 15.98 -38.89
N MET B 311 -2.71 15.92 -38.81
CA MET B 311 -2.02 15.34 -37.66
C MET B 311 -2.62 15.79 -36.33
N GLU B 312 -2.96 17.06 -36.21
CA GLU B 312 -3.45 17.57 -34.92
C GLU B 312 -4.82 16.98 -34.59
N ALA B 313 -5.68 16.90 -35.61
CA ALA B 313 -7.01 16.35 -35.42
C ALA B 313 -6.92 14.87 -35.14
N PHE B 314 -6.05 14.19 -35.88
CA PHE B 314 -5.75 12.79 -35.67
C PHE B 314 -5.31 12.55 -34.22
N TYR B 315 -4.36 13.34 -33.73
CA TYR B 315 -3.85 13.19 -32.37
C TYR B 315 -4.89 13.49 -31.30
N GLU B 316 -5.79 14.43 -31.59
CA GLU B 316 -6.86 14.74 -30.65
C GLU B 316 -7.90 13.62 -30.55
N LYS B 317 -8.30 13.09 -31.69
CA LYS B 317 -9.21 11.96 -31.71
C LYS B 317 -8.63 10.73 -31.04
N GLU B 318 -7.32 10.54 -31.10
CA GLU B 318 -6.73 9.39 -30.42
C GLU B 318 -6.80 9.59 -28.91
N LEU B 319 -6.55 10.81 -28.45
CA LEU B 319 -6.71 11.11 -27.04
C LEU B 319 -8.15 10.87 -26.57
N GLN B 320 -9.10 11.46 -27.27
CA GLN B 320 -10.51 11.31 -26.94
C GLN B 320 -10.96 9.86 -26.97
N PHE B 321 -10.32 9.05 -27.81
CA PHE B 321 -10.69 7.66 -27.95
C PHE B 321 -10.05 6.78 -26.88
N TRP B 322 -8.75 6.94 -26.67
CA TRP B 322 -8.04 6.06 -25.75
C TRP B 322 -8.10 6.55 -24.31
N VAL B 323 -8.27 7.85 -24.12
CA VAL B 323 -8.30 8.42 -22.76
C VAL B 323 -9.68 8.93 -22.35
N GLY B 324 -10.44 9.45 -23.31
CA GLY B 324 -11.79 9.90 -23.02
C GLY B 324 -11.96 11.40 -23.17
N SER B 325 -13.18 11.89 -22.93
CA SER B 325 -13.51 13.32 -23.07
C SER B 325 -12.87 14.16 -21.98
N THR B 326 -12.46 13.50 -20.90
CA THR B 326 -11.85 14.16 -19.75
C THR B 326 -10.49 14.71 -20.07
N GLY B 327 -9.79 14.06 -20.99
CA GLY B 327 -8.41 14.42 -21.29
C GLY B 327 -7.49 14.03 -20.16
N ASN B 328 -8.00 13.21 -19.23
CA ASN B 328 -7.22 12.83 -18.05
C ASN B 328 -7.45 11.37 -17.67
N PRO B 329 -6.45 10.53 -17.93
CA PRO B 329 -6.57 9.08 -17.69
C PRO B 329 -6.99 8.75 -16.24
N ALA B 330 -6.71 9.64 -15.30
CA ALA B 330 -7.02 9.38 -13.89
C ALA B 330 -8.45 9.74 -13.53
N GLU B 331 -9.04 10.66 -14.27
CA GLU B 331 -10.38 11.13 -14.00
C GLU B 331 -11.32 10.77 -15.13
N THR B 332 -11.71 9.51 -15.24
CA THR B 332 -12.60 9.12 -16.34
C THR B 332 -14.08 9.06 -15.95
N ASP B 333 -14.93 9.42 -16.90
CA ASP B 333 -16.37 9.46 -16.66
C ASP B 333 -17.03 8.18 -17.16
N GLY B 334 -17.21 7.23 -16.24
CA GLY B 334 -17.75 5.93 -16.57
C GLY B 334 -19.21 5.94 -16.98
N GLN B 335 -19.83 7.11 -16.94
CA GLN B 335 -21.24 7.26 -17.31
C GLN B 335 -21.34 7.78 -18.73
N SER B 336 -20.24 8.33 -19.23
CA SER B 336 -20.15 8.78 -20.61
C SER B 336 -20.44 7.65 -21.61
N ASN B 337 -20.97 8.01 -22.77
CA ASN B 337 -21.13 7.03 -23.84
C ASN B 337 -19.79 6.40 -24.21
N TRP B 338 -18.72 7.19 -24.14
CA TRP B 338 -17.38 6.70 -24.40
C TRP B 338 -16.43 7.06 -23.29
N PRO B 339 -16.34 6.21 -22.25
CA PRO B 339 -15.47 6.45 -21.09
C PRO B 339 -13.98 6.44 -21.47
N GLY B 340 -13.65 5.79 -22.57
CA GLY B 340 -12.27 5.71 -23.01
C GLY B 340 -11.59 4.48 -22.47
N MET B 341 -10.51 4.05 -23.09
CA MET B 341 -9.86 2.80 -22.68
C MET B 341 -9.22 2.90 -21.30
N ALA B 342 -8.78 4.10 -20.92
CA ALA B 342 -8.18 4.32 -19.62
C ALA B 342 -9.17 4.00 -18.51
N HIS B 343 -10.45 4.06 -18.83
CA HIS B 343 -11.48 3.78 -17.84
C HIS B 343 -11.38 2.34 -17.41
N TRP B 344 -10.93 1.46 -18.29
CA TRP B 344 -10.92 0.03 -17.99
C TRP B 344 -9.53 -0.59 -17.94
N PHE B 345 -8.55 0.03 -18.58
CA PHE B 345 -7.25 -0.61 -18.72
C PHE B 345 -6.13 0.22 -18.14
N PRO B 346 -5.33 -0.41 -17.27
CA PRO B 346 -4.14 0.26 -16.77
C PRO B 346 -3.27 0.61 -17.96
N ALA B 347 -2.60 1.75 -17.91
CA ALA B 347 -1.59 2.07 -18.88
C ALA B 347 -0.33 1.30 -18.50
N LYS B 348 0.36 0.73 -19.49
CA LYS B 348 1.65 0.08 -19.26
C LYS B 348 2.77 0.94 -19.83
N SER B 349 3.96 0.76 -19.27
CA SER B 349 5.11 1.52 -19.69
C SER B 349 6.29 0.59 -19.86
N THR B 350 7.11 0.87 -20.85
CA THR B 350 8.27 0.03 -21.09
C THR B 350 9.52 0.80 -20.67
N ALA B 351 9.32 1.88 -19.94
CA ALA B 351 10.40 2.66 -19.33
C ALA B 351 10.96 1.94 -18.09
N THR B 352 11.53 0.76 -18.30
CA THR B 352 11.74 -0.19 -17.21
C THR B 352 13.19 -0.59 -17.13
N SER B 353 14.02 0.13 -17.86
CA SER B 353 15.42 -0.23 -18.02
C SER B 353 16.26 1.02 -18.26
N VAL B 354 17.46 1.07 -17.70
CA VAL B 354 18.38 2.18 -17.90
C VAL B 354 19.39 1.81 -18.98
N PRO B 355 19.68 2.74 -19.91
CA PRO B 355 19.18 4.11 -19.98
C PRO B 355 17.74 4.18 -20.49
N PHE B 356 16.96 5.10 -19.92
CA PHE B 356 15.69 5.47 -20.52
C PHE B 356 15.82 6.83 -21.21
N VAL B 357 15.52 6.86 -22.50
CA VAL B 357 15.71 8.07 -23.27
C VAL B 357 14.49 8.30 -24.12
N THR B 358 13.98 9.53 -24.13
CA THR B 358 12.96 9.91 -25.08
C THR B 358 13.15 11.33 -25.57
N HIS B 359 12.78 11.55 -26.83
CA HIS B 359 12.90 12.86 -27.44
C HIS B 359 11.52 13.30 -27.88
N PHE B 360 10.51 12.58 -27.40
CA PHE B 360 9.14 12.82 -27.75
C PHE B 360 8.96 12.83 -29.26
N ASN B 361 9.64 11.91 -29.93
CA ASN B 361 9.45 11.71 -31.34
C ASN B 361 8.14 10.94 -31.59
N THR B 362 7.20 11.55 -32.30
CA THR B 362 5.92 10.89 -32.56
C THR B 362 5.97 9.95 -33.75
N GLY B 363 7.04 9.98 -34.54
CA GLY B 363 7.15 9.07 -35.65
C GLY B 363 7.06 9.78 -36.98
N SER B 364 6.56 11.01 -36.96
CA SER B 364 6.61 11.81 -38.16
C SER B 364 6.80 13.29 -37.84
N GLY B 365 7.06 14.07 -38.87
CA GLY B 365 7.32 15.48 -38.70
C GLY B 365 7.20 16.30 -39.97
N ALA B 366 7.10 17.61 -39.82
CA ALA B 366 7.06 18.48 -40.99
C ALA B 366 8.48 18.90 -41.30
N GLN B 367 9.40 18.37 -40.49
CA GLN B 367 10.74 18.92 -40.41
C GLN B 367 11.52 17.98 -39.52
N PHE B 368 12.84 17.94 -39.68
CA PHE B 368 13.68 17.11 -38.81
C PHE B 368 14.82 17.91 -38.16
N SER B 369 14.92 17.85 -36.83
CA SER B 369 15.93 18.59 -36.11
C SER B 369 17.02 17.70 -35.52
N ALA B 370 18.22 18.24 -35.44
CA ALA B 370 19.32 17.60 -34.70
C ALA B 370 19.91 18.64 -33.75
N GLU B 371 20.04 18.27 -32.48
CA GLU B 371 20.42 19.22 -31.43
C GLU B 371 19.71 20.55 -31.53
N GLY B 372 18.42 20.53 -31.92
CA GLY B 372 17.62 21.74 -31.98
C GLY B 372 17.72 22.55 -33.26
N LYS B 373 18.54 22.11 -34.22
CA LYS B 373 18.62 22.79 -35.49
C LYS B 373 17.99 21.95 -36.60
N THR B 374 17.15 22.56 -37.43
CA THR B 374 16.59 21.85 -38.56
C THR B 374 17.70 21.38 -39.51
N VAL B 375 17.68 20.10 -39.84
CA VAL B 375 18.67 19.54 -40.75
C VAL B 375 18.00 18.95 -41.99
N SER B 376 16.69 19.04 -42.01
CA SER B 376 15.91 18.82 -43.21
C SER B 376 14.57 19.51 -43.04
N GLU B 377 14.09 20.16 -44.09
CA GLU B 377 12.78 20.85 -44.06
C GLU B 377 11.65 19.98 -44.60
N GLN B 378 11.97 18.73 -44.93
CA GLN B 378 11.01 17.85 -45.60
C GLN B 378 10.12 17.10 -44.63
N GLU B 379 8.85 16.93 -44.98
CA GLU B 379 8.00 16.01 -44.25
C GLU B 379 8.69 14.65 -44.19
N TRP B 380 8.49 13.94 -43.09
CA TRP B 380 9.01 12.59 -43.03
C TRP B 380 8.11 11.83 -42.08
N ASN B 381 8.04 10.53 -42.28
CA ASN B 381 7.60 9.63 -41.22
C ASN B 381 8.55 8.45 -41.19
N ASN B 382 8.84 7.99 -40.00
CA ASN B 382 9.59 6.78 -39.82
C ASN B 382 9.30 6.32 -38.42
N ARG B 383 8.29 5.47 -38.28
CA ARG B 383 7.84 5.09 -36.96
C ARG B 383 8.85 4.22 -36.17
N SER B 384 9.99 3.86 -36.81
CA SER B 384 11.12 3.22 -36.10
C SER B 384 11.77 4.21 -35.15
N LEU B 385 11.49 5.50 -35.38
CA LEU B 385 12.04 6.57 -34.57
C LEU B 385 11.04 7.07 -33.55
N GLN B 386 9.86 6.48 -33.52
CA GLN B 386 8.90 6.89 -32.51
C GLN B 386 9.41 6.49 -31.12
N ASP B 387 9.46 7.47 -30.22
CA ASP B 387 9.90 7.22 -28.86
C ASP B 387 8.78 6.59 -28.05
N VAL B 388 9.16 6.07 -26.90
CA VAL B 388 8.21 5.75 -25.86
C VAL B 388 7.66 7.10 -25.37
N LEU B 389 6.36 7.30 -25.58
CA LEU B 389 5.70 8.57 -25.29
C LEU B 389 5.01 8.52 -23.91
N PRO B 390 4.62 9.69 -23.37
CA PRO B 390 4.09 9.71 -22.01
C PRO B 390 3.00 8.69 -21.70
N THR B 391 3.23 7.88 -20.68
CA THR B 391 2.22 7.02 -20.08
C THR B 391 0.86 7.72 -19.95
N TRP B 392 0.87 8.97 -19.48
CA TRP B 392 -0.36 9.69 -19.17
C TRP B 392 -0.64 10.85 -20.13
N ARG B 393 -1.86 10.86 -20.69
CA ARG B 393 -2.27 11.95 -21.55
C ARG B 393 -3.63 12.48 -21.13
N TRP B 394 -3.68 13.49 -20.26
CA TRP B 394 -2.53 14.12 -19.65
C TRP B 394 -2.90 14.40 -18.21
N ILE B 395 -1.92 14.31 -17.31
CA ILE B 395 -2.16 14.55 -15.89
C ILE B 395 -1.38 15.78 -15.41
N GLN B 396 -2.08 16.88 -15.19
CA GLN B 396 -1.48 18.08 -14.59
C GLN B 396 -2.15 18.53 -13.31
N HIS B 397 -1.42 19.32 -12.54
CA HIS B 397 -1.95 19.91 -11.33
C HIS B 397 -1.60 21.39 -11.33
N GLY B 398 -2.59 22.24 -11.11
CA GLY B 398 -2.39 23.67 -11.04
C GLY B 398 -2.17 24.36 -12.38
N GLY B 399 -2.27 25.68 -12.36
CA GLY B 399 -2.22 26.49 -13.56
C GLY B 399 -3.44 26.32 -14.45
N ASP B 400 -3.50 27.09 -15.53
CA ASP B 400 -4.46 26.83 -16.61
C ASP B 400 -3.69 26.48 -17.89
N LEU B 401 -3.13 25.28 -17.92
CA LEU B 401 -2.19 24.86 -18.96
C LEU B 401 -2.78 23.77 -19.81
N GLU B 402 -2.26 23.64 -21.03
CA GLU B 402 -2.57 22.49 -21.89
C GLU B 402 -1.28 21.84 -22.35
N ALA B 403 -1.32 20.51 -22.49
CA ALA B 403 -0.20 19.76 -23.01
C ALA B 403 -0.60 18.97 -24.24
N THR B 404 0.26 19.04 -25.25
CA THR B 404 0.00 18.36 -26.50
C THR B 404 1.34 18.15 -27.17
N PHE B 405 1.35 17.45 -28.29
CA PHE B 405 2.57 17.36 -29.08
C PHE B 405 2.60 18.53 -30.01
N SER B 406 3.81 19.06 -30.22
CA SER B 406 4.02 20.13 -31.18
C SER B 406 4.95 19.65 -32.27
N TRP B 407 4.61 20.02 -33.51
CA TRP B 407 5.46 19.69 -34.65
C TRP B 407 6.15 20.95 -35.17
N GLU B 408 6.10 22.00 -34.36
CA GLU B 408 6.74 23.29 -34.66
C GLU B 408 8.14 23.36 -34.07
N GLU B 409 8.35 22.64 -32.98
CA GLU B 409 9.63 22.69 -32.27
C GLU B 409 10.16 21.29 -32.01
N ALA B 410 11.44 21.08 -32.23
CA ALA B 410 12.01 19.75 -32.02
C ALA B 410 13.47 19.88 -31.66
N PHE B 411 13.93 18.98 -30.80
CA PHE B 411 15.35 18.90 -30.46
C PHE B 411 16.01 17.74 -31.18
N GLU B 412 15.33 16.61 -31.23
CA GLU B 412 15.82 15.50 -32.03
C GLU B 412 14.62 14.89 -32.71
N GLY B 413 14.59 14.96 -34.03
CA GLY B 413 13.45 14.43 -34.76
C GLY B 413 12.50 15.55 -35.17
N GLY B 414 11.20 15.32 -35.02
CA GLY B 414 10.24 16.23 -35.63
C GLY B 414 9.17 16.77 -34.71
N SER B 415 9.25 16.42 -33.43
CA SER B 415 8.25 16.87 -32.46
C SER B 415 8.83 17.10 -31.08
N SER B 416 8.08 17.82 -30.26
CA SER B 416 8.42 18.04 -28.88
C SER B 416 7.11 17.95 -28.13
N LEU B 417 7.22 17.87 -26.81
CA LEU B 417 6.08 17.97 -25.92
C LEU B 417 5.84 19.44 -25.54
N GLN B 418 4.67 19.96 -25.89
CA GLN B 418 4.33 21.36 -25.63
C GLN B 418 3.45 21.51 -24.37
N TRP B 419 3.86 22.38 -23.48
CA TRP B 419 3.13 22.61 -22.23
C TRP B 419 2.99 24.10 -22.11
N HIS B 420 1.77 24.60 -22.27
CA HIS B 420 1.56 26.00 -22.52
C HIS B 420 0.22 26.51 -22.06
N GLY B 421 0.17 27.80 -21.78
CA GLY B 421 -1.06 28.43 -21.31
C GLY B 421 -0.80 29.51 -20.28
N SER B 422 -1.68 29.60 -19.29
CA SER B 422 -1.58 30.65 -18.27
C SER B 422 -1.08 30.07 -16.97
N LEU B 423 -0.06 30.71 -16.41
CA LEU B 423 0.42 30.35 -15.10
C LEU B 423 0.71 31.65 -14.35
N ALA B 424 -0.11 31.94 -13.35
CA ALA B 424 0.05 33.21 -12.62
C ALA B 424 1.34 33.23 -11.81
N GLU B 425 1.91 34.42 -11.66
CA GLU B 425 3.13 34.60 -10.88
C GLU B 425 3.03 33.88 -9.52
N GLY B 426 4.07 33.16 -9.18
CA GLY B 426 4.18 32.49 -7.91
C GLY B 426 3.44 31.19 -7.84
N GLU B 427 2.74 30.84 -8.90
CA GLU B 427 1.99 29.61 -8.86
C GLU B 427 2.76 28.45 -9.41
N HIS B 428 2.37 27.28 -8.97
CA HIS B 428 3.01 26.03 -9.35
C HIS B 428 2.16 25.14 -10.19
N ALA B 429 2.80 24.51 -11.14
CA ALA B 429 2.11 23.52 -11.94
C ALA B 429 2.99 22.31 -12.14
N GLN B 430 2.40 21.11 -12.10
CA GLN B 430 3.15 19.91 -12.42
C GLN B 430 2.45 19.08 -13.49
N ILE B 431 3.25 18.36 -14.26
CA ILE B 431 2.70 17.42 -15.23
C ILE B 431 3.43 16.10 -15.05
N GLU B 432 2.65 15.07 -14.71
CA GLU B 432 3.20 13.75 -14.48
C GLU B 432 3.12 12.98 -15.78
N LEU B 433 4.29 12.57 -16.28
CA LEU B 433 4.41 12.04 -17.63
C LEU B 433 4.57 10.54 -17.72
N TYR B 434 5.46 9.97 -16.91
CA TYR B 434 5.81 8.56 -17.07
C TYR B 434 5.68 7.70 -15.82
N GLN B 435 5.04 6.55 -15.98
CA GLN B 435 5.19 5.44 -15.05
C GLN B 435 6.47 4.72 -15.46
N THR B 436 7.34 4.44 -14.48
CA THR B 436 8.65 3.87 -14.81
C THR B 436 9.09 2.82 -13.81
N GLU B 437 10.23 2.21 -14.11
CA GLU B 437 10.88 1.33 -13.14
C GLU B 437 12.36 1.35 -13.46
N LEU B 438 13.04 2.40 -13.00
CA LEU B 438 14.44 2.63 -13.36
C LEU B 438 15.32 2.60 -12.13
N PRO B 439 16.13 1.55 -11.99
CA PRO B 439 17.09 1.37 -10.89
C PRO B 439 18.14 2.47 -10.98
N ILE B 440 18.28 3.27 -9.93
CA ILE B 440 19.33 4.27 -9.91
C ILE B 440 20.62 3.68 -9.39
N SER B 441 21.71 3.96 -10.08
CA SER B 441 23.03 3.58 -9.60
C SER B 441 23.99 4.76 -9.80
N GLU B 442 25.14 4.72 -9.15
CA GLU B 442 26.09 5.79 -9.31
C GLU B 442 26.45 5.98 -10.78
N GLY B 443 26.57 7.23 -11.19
CA GLY B 443 26.84 7.53 -12.59
C GLY B 443 25.55 7.80 -13.37
N THR B 444 24.41 7.53 -12.75
CA THR B 444 23.12 7.75 -13.37
C THR B 444 22.66 9.20 -13.18
N SER B 445 22.36 9.87 -14.29
CA SER B 445 21.88 11.25 -14.24
C SER B 445 20.51 11.44 -14.88
N LEU B 446 19.77 12.42 -14.37
CA LEU B 446 18.57 12.90 -15.06
C LEU B 446 18.92 14.06 -15.97
N THR B 447 18.69 13.92 -17.28
CA THR B 447 18.81 15.09 -18.15
C THR B 447 17.47 15.47 -18.78
N TRP B 448 17.31 16.74 -19.13
CA TRP B 448 16.14 17.16 -19.92
C TRP B 448 16.42 18.43 -20.67
N THR B 449 15.67 18.65 -21.75
CA THR B 449 15.98 19.71 -22.69
C THR B 449 14.71 20.40 -23.16
N PHE B 450 14.66 21.71 -22.97
CA PHE B 450 13.46 22.46 -23.28
C PHE B 450 13.74 23.86 -23.79
N LYS B 451 12.72 24.48 -24.38
CA LYS B 451 12.73 25.90 -24.68
C LYS B 451 11.64 26.49 -23.82
N SER B 452 11.82 27.72 -23.36
CA SER B 452 10.76 28.40 -22.63
C SER B 452 10.53 29.78 -23.20
N GLU B 453 9.37 29.98 -23.83
CA GLU B 453 9.04 31.26 -24.47
C GLU B 453 8.92 32.45 -23.52
N HIS B 454 8.74 32.20 -22.22
CA HIS B 454 8.51 33.28 -21.27
C HIS B 454 9.54 33.24 -20.13
N ASP B 455 10.58 32.46 -20.34
CA ASP B 455 11.70 32.40 -19.42
C ASP B 455 11.52 31.58 -18.13
N ASN B 456 10.32 31.12 -17.81
CA ASN B 456 10.20 30.24 -16.64
C ASN B 456 11.25 29.11 -16.79
N ASP B 457 11.73 28.58 -15.67
CA ASP B 457 12.62 27.44 -15.75
C ASP B 457 11.73 26.21 -15.73
N LEU B 458 12.24 25.09 -16.24
CA LEU B 458 11.50 23.83 -16.21
C LEU B 458 12.13 22.83 -15.25
N ASN B 459 11.46 22.53 -14.14
CA ASN B 459 11.97 21.59 -13.16
C ASN B 459 11.67 20.15 -13.56
N VAL B 460 12.54 19.23 -13.16
CA VAL B 460 12.23 17.82 -13.35
C VAL B 460 11.57 17.22 -12.10
N GLY B 461 10.69 16.25 -12.33
CA GLY B 461 10.07 15.54 -11.24
C GLY B 461 10.37 14.07 -11.34
N PHE B 462 10.75 13.46 -10.21
CA PHE B 462 10.90 12.02 -10.15
C PHE B 462 10.29 11.45 -8.88
N ARG B 463 9.61 10.32 -9.03
CA ARG B 463 9.00 9.61 -7.92
C ARG B 463 9.83 8.37 -7.60
N LEU B 464 10.12 8.16 -6.33
CA LEU B 464 10.90 6.99 -5.93
C LEU B 464 9.98 5.91 -5.36
N ASP B 465 10.35 4.66 -5.59
CA ASP B 465 9.62 3.53 -5.05
C ASP B 465 9.71 3.52 -3.51
N GLY B 466 8.60 3.74 -2.82
CA GLY B 466 7.34 4.11 -3.46
C GLY B 466 6.76 5.41 -2.88
N ASP B 469 4.06 10.50 -4.22
CA ASP B 469 4.49 11.91 -4.31
C ASP B 469 5.82 12.09 -5.06
N PHE B 470 5.84 13.06 -5.98
CA PHE B 470 7.00 13.33 -6.82
C PHE B 470 7.96 14.32 -6.15
N ARG B 471 9.26 14.13 -6.38
CA ARG B 471 10.27 15.11 -5.96
C ARG B 471 10.54 16.08 -7.09
N TYR B 472 10.17 17.34 -6.91
CA TYR B 472 10.49 18.34 -7.92
C TYR B 472 11.73 19.14 -7.54
N VAL B 473 12.74 19.09 -8.39
CA VAL B 473 13.99 19.81 -8.14
C VAL B 473 14.47 20.48 -9.41
N GLU B 474 15.33 21.47 -9.26
CA GLU B 474 15.92 22.09 -10.43
C GLU B 474 17.24 21.43 -10.79
N GLY B 475 17.58 21.49 -12.07
CA GLY B 475 18.82 20.86 -12.53
C GLY B 475 20.05 21.43 -11.84
N GLU B 476 21.16 20.72 -11.99
CA GLU B 476 22.40 21.13 -11.34
C GLU B 476 23.32 21.84 -12.32
N GLN B 477 23.46 21.26 -13.51
CA GLN B 477 24.34 21.82 -14.54
C GLN B 477 23.51 22.20 -15.76
N ARG B 478 23.62 23.47 -16.17
CA ARG B 478 22.86 24.00 -17.28
C ARG B 478 23.74 24.10 -18.54
N GLU B 479 23.18 23.85 -19.72
CA GLU B 479 23.89 23.95 -20.98
C GLU B 479 22.97 24.60 -21.99
N SER B 480 23.48 25.44 -22.86
CA SER B 480 22.70 25.98 -23.95
C SER B 480 23.11 25.33 -25.25
N ILE B 481 22.12 24.87 -26.01
CA ILE B 481 22.37 24.20 -27.27
C ILE B 481 21.36 24.70 -28.27
N ASN B 482 21.82 25.53 -29.22
CA ASN B 482 20.95 26.04 -30.28
C ASN B 482 19.59 26.49 -29.78
N GLY B 483 19.58 27.18 -28.64
CA GLY B 483 18.38 27.85 -28.20
C GLY B 483 17.65 27.04 -27.16
N TRP B 484 18.11 25.80 -26.97
CA TRP B 484 17.51 24.88 -26.01
C TRP B 484 18.34 24.88 -24.74
N THR B 485 17.66 24.70 -23.60
CA THR B 485 18.32 24.57 -22.32
C THR B 485 18.35 23.09 -21.92
N GLN B 486 19.54 22.58 -21.62
CA GLN B 486 19.67 21.22 -21.17
C GLN B 486 20.19 21.16 -19.73
N TRP B 487 19.35 20.67 -18.82
CA TRP B 487 19.74 20.45 -17.44
C TRP B 487 20.28 19.04 -17.26
N THR B 488 21.27 18.92 -16.37
CA THR B 488 21.71 17.62 -15.89
C THR B 488 21.59 17.58 -14.37
N LEU B 489 20.91 16.54 -13.86
CA LEU B 489 20.74 16.36 -12.42
C LEU B 489 21.31 15.01 -12.02
N PRO B 490 22.52 15.01 -11.42
CA PRO B 490 23.08 13.76 -10.93
C PRO B 490 22.18 13.11 -9.88
N LEU B 491 22.08 11.79 -9.92
CA LEU B 491 21.19 11.08 -9.02
C LEU B 491 21.97 10.14 -8.10
N ASP B 492 23.26 10.35 -7.99
CA ASP B 492 24.12 9.49 -7.18
C ASP B 492 23.64 9.38 -5.75
N ALA B 493 23.14 10.48 -5.20
CA ALA B 493 22.61 10.48 -3.85
C ALA B 493 21.45 9.51 -3.66
N PHE B 494 20.96 8.95 -4.75
CA PHE B 494 19.81 8.06 -4.69
C PHE B 494 20.13 6.64 -5.16
N ALA B 495 21.40 6.35 -5.39
CA ALA B 495 21.81 5.02 -5.84
C ALA B 495 21.24 3.94 -4.93
N GLY B 496 20.70 2.89 -5.54
CA GLY B 496 20.05 1.82 -4.80
C GLY B 496 18.55 2.00 -4.76
N GLN B 497 18.10 3.20 -5.11
CA GLN B 497 16.68 3.51 -5.17
C GLN B 497 16.13 3.18 -6.56
N THR B 498 14.82 3.20 -6.70
CA THR B 498 14.21 2.99 -8.00
C THR B 498 13.19 4.08 -8.34
N ILE B 499 13.40 4.74 -9.48
CA ILE B 499 12.44 5.72 -9.98
C ILE B 499 11.24 5.03 -10.61
N THR B 500 10.06 5.43 -10.17
CA THR B 500 8.85 4.80 -10.65
C THR B 500 8.02 5.80 -11.43
N GLY B 501 8.52 7.02 -11.60
CA GLY B 501 7.75 8.05 -12.28
C GLY B 501 8.58 9.27 -12.63
N LEU B 502 8.26 9.85 -13.77
CA LEU B 502 8.94 11.05 -14.24
C LEU B 502 7.89 12.12 -14.50
N ALA B 503 8.29 13.39 -14.28
CA ALA B 503 7.39 14.54 -14.36
C ALA B 503 8.15 15.83 -14.58
N PHE B 504 7.41 16.91 -14.82
CA PHE B 504 7.97 18.25 -14.90
C PHE B 504 7.16 19.20 -14.01
N ALA B 505 7.75 20.33 -13.67
CA ALA B 505 7.06 21.34 -12.88
C ALA B 505 7.60 22.72 -13.18
N ALA B 506 6.72 23.71 -13.13
CA ALA B 506 7.09 25.07 -13.41
C ALA B 506 6.46 26.04 -12.43
N GLU B 507 7.06 27.21 -12.32
CA GLU B 507 6.53 28.28 -11.48
C GLU B 507 6.23 29.49 -12.37
N GLY B 508 5.03 30.03 -12.25
CA GLY B 508 4.65 31.17 -13.04
C GLY B 508 5.45 32.39 -12.64
N ASN B 509 5.66 33.29 -13.58
CA ASN B 509 6.32 34.55 -13.27
C ASN B 509 5.42 35.73 -13.60
N GLU B 510 6.00 36.93 -13.57
CA GLU B 510 5.24 38.16 -13.76
C GLU B 510 4.47 38.14 -15.07
N THR B 511 5.04 37.46 -16.05
CA THR B 511 4.43 37.29 -17.35
C THR B 511 3.01 36.72 -17.25
N GLY B 512 2.79 35.82 -16.30
CA GLY B 512 1.52 35.12 -16.19
C GLY B 512 1.30 34.04 -17.26
N LEU B 513 2.25 33.91 -18.17
CA LEU B 513 2.16 32.95 -19.26
C LEU B 513 3.23 31.87 -19.10
N ALA B 514 2.93 30.65 -19.56
CA ALA B 514 3.96 29.62 -19.72
C ALA B 514 3.86 28.98 -21.10
N GLU B 515 5.00 28.77 -21.73
CA GLU B 515 5.04 28.04 -23.00
C GLU B 515 6.34 27.25 -23.11
N PHE B 516 6.28 25.97 -22.74
CA PHE B 516 7.44 25.11 -22.78
C PHE B 516 7.37 24.17 -23.97
N TYR B 517 8.52 23.84 -24.51
CA TYR B 517 8.67 22.76 -25.46
C TYR B 517 9.81 21.94 -24.95
N THR B 518 9.53 20.66 -24.73
CA THR B 518 10.53 19.79 -24.16
C THR B 518 10.85 18.72 -25.20
N GLY B 519 12.14 18.55 -25.49
CA GLY B 519 12.56 17.77 -26.63
C GLY B 519 13.44 16.60 -26.27
N GLN B 520 13.73 16.47 -24.98
CA GLN B 520 14.51 15.35 -24.51
C GLN B 520 14.36 15.22 -23.01
N LEU B 521 14.25 13.96 -22.58
CA LEU B 521 14.20 13.59 -21.18
C LEU B 521 14.91 12.23 -21.07
N ALA B 522 15.74 12.05 -20.04
CA ALA B 522 16.51 10.82 -19.94
C ALA B 522 17.07 10.52 -18.57
N VAL B 523 17.08 9.24 -18.24
CA VAL B 523 17.72 8.72 -17.04
C VAL B 523 18.80 7.77 -17.52
N GLY B 524 20.06 8.09 -17.25
CA GLY B 524 21.17 7.25 -17.69
C GLY B 524 22.54 7.91 -17.66
N GLU B 528 29.41 7.94 -24.11
CA GLU B 528 30.03 6.90 -24.88
C GLU B 528 29.56 6.99 -26.30
N LYS B 529 30.46 7.29 -27.19
CA LYS B 529 30.10 7.45 -28.56
C LYS B 529 30.44 6.20 -29.37
N PRO B 530 29.62 5.87 -30.35
CA PRO B 530 29.78 4.64 -31.10
C PRO B 530 30.87 4.73 -32.13
N ALA B 531 31.30 3.61 -32.63
CA ALA B 531 32.26 3.57 -33.69
C ALA B 531 31.62 3.95 -35.00
N ALA B 532 32.33 4.70 -35.82
CA ALA B 532 31.85 5.09 -37.14
C ALA B 532 31.36 3.82 -37.83
N PRO B 533 30.15 3.90 -38.44
CA PRO B 533 29.55 2.73 -39.08
C PRO B 533 30.43 2.23 -40.23
N ASN B 534 30.60 0.93 -40.34
CA ASN B 534 31.30 0.38 -41.49
C ASN B 534 30.34 0.19 -42.65
N VAL B 535 30.38 1.10 -43.62
CA VAL B 535 29.33 1.20 -44.62
C VAL B 535 29.78 0.81 -46.01
N ASN B 536 28.97 -0.03 -46.64
CA ASN B 536 29.17 -0.39 -48.03
C ASN B 536 28.02 0.08 -48.94
N VAL B 537 28.37 0.48 -50.15
CA VAL B 537 27.40 0.85 -51.16
C VAL B 537 27.12 -0.40 -51.98
N ARG B 538 25.87 -0.86 -51.98
CA ARG B 538 25.49 -2.01 -52.79
C ARG B 538 24.40 -1.62 -53.78
N GLN B 539 24.23 -2.43 -54.82
CA GLN B 539 23.12 -2.29 -55.74
C GLN B 539 21.79 -2.56 -55.03
N TYR B 540 20.77 -1.77 -55.32
CA TYR B 540 19.41 -2.22 -55.09
C TYR B 540 18.86 -2.65 -56.46
N ASP B 541 18.96 -3.95 -56.73
CA ASP B 541 18.71 -4.50 -58.05
C ASP B 541 17.47 -3.94 -58.75
N PRO B 542 16.31 -3.92 -58.06
CA PRO B 542 15.08 -3.50 -58.75
C PRO B 542 15.13 -2.05 -59.22
N ASP B 543 16.09 -1.29 -58.69
CA ASP B 543 16.24 0.09 -59.11
C ASP B 543 17.69 0.44 -59.38
N PRO B 544 18.16 0.23 -60.63
CA PRO B 544 19.45 0.80 -60.99
C PRO B 544 19.24 2.29 -60.86
N SER B 545 20.29 3.08 -60.71
CA SER B 545 20.13 4.52 -60.49
C SER B 545 19.68 4.83 -59.07
N GLY B 546 19.32 3.80 -58.32
CA GLY B 546 19.20 3.89 -56.87
C GLY B 546 20.28 3.02 -56.27
N ILE B 547 20.54 3.18 -54.97
CA ILE B 547 21.56 2.38 -54.29
C ILE B 547 21.10 2.10 -52.88
N GLN B 548 21.78 1.18 -52.20
CA GLN B 548 21.52 0.97 -50.79
C GLN B 548 22.81 0.96 -49.98
N LEU B 549 22.81 1.69 -48.87
CA LEU B 549 23.93 1.65 -47.95
C LEU B 549 23.64 0.53 -46.96
N VAL B 550 24.66 -0.32 -46.74
CA VAL B 550 24.52 -1.46 -45.82
C VAL B 550 25.66 -1.43 -44.80
N TRP B 551 25.31 -1.56 -43.53
CA TRP B 551 26.30 -1.56 -42.46
C TRP B 551 26.08 -2.76 -41.55
N GLU B 552 26.92 -2.88 -40.53
CA GLU B 552 26.68 -3.84 -39.47
C GLU B 552 26.31 -3.12 -38.21
N ASN B 556 23.81 -1.53 -29.28
CA ASN B 556 24.55 -0.29 -29.04
C ASN B 556 23.85 0.94 -29.64
N VAL B 557 23.27 0.77 -30.83
CA VAL B 557 22.88 1.88 -31.70
C VAL B 557 21.37 2.01 -31.84
N HIS B 558 20.88 3.21 -31.64
CA HIS B 558 19.45 3.44 -31.77
C HIS B 558 19.04 3.54 -33.25
N HIS B 559 19.78 4.34 -34.01
CA HIS B 559 19.48 4.52 -35.42
C HIS B 559 20.63 5.21 -36.13
N TYR B 560 20.58 5.18 -37.47
CA TYR B 560 21.60 5.80 -38.31
C TYR B 560 21.01 6.99 -39.05
N ARG B 561 21.83 8.01 -39.28
CA ARG B 561 21.44 9.21 -40.02
C ARG B 561 22.32 9.35 -41.23
N VAL B 562 21.72 9.59 -42.39
CA VAL B 562 22.50 9.80 -43.62
C VAL B 562 22.35 11.24 -44.04
N TYR B 563 23.46 11.97 -44.01
CA TYR B 563 23.49 13.33 -44.50
C TYR B 563 24.13 13.39 -45.86
N LYS B 564 23.68 14.31 -46.70
CA LYS B 564 24.41 14.60 -47.92
C LYS B 564 24.85 16.07 -47.91
N GLU B 565 26.03 16.31 -48.46
CA GLU B 565 26.58 17.66 -48.51
C GLU B 565 25.88 18.47 -49.59
N THR B 566 25.55 19.71 -49.28
CA THR B 566 24.97 20.62 -50.27
C THR B 566 25.62 22.00 -50.14
N LYS B 567 25.33 22.85 -51.12
CA LYS B 567 25.84 24.22 -51.10
C LYS B 567 25.30 24.98 -49.89
N HIS B 568 24.27 24.43 -49.27
CA HIS B 568 23.61 25.05 -48.13
C HIS B 568 23.90 24.43 -46.78
N GLY B 569 24.94 23.60 -46.68
CA GLY B 569 25.25 22.84 -45.48
C GLY B 569 24.85 21.36 -45.58
N LYS B 570 24.98 20.65 -44.46
CA LYS B 570 24.60 19.25 -44.37
C LYS B 570 23.09 19.07 -44.31
N GLU B 571 22.59 18.15 -45.10
CA GLU B 571 21.19 17.88 -45.12
C GLU B 571 20.94 16.44 -44.78
N LEU B 572 19.98 16.22 -43.91
CA LEU B 572 19.54 14.88 -43.57
C LEU B 572 18.65 14.35 -44.70
N ILE B 573 19.00 13.19 -45.26
CA ILE B 573 18.20 12.63 -46.34
C ILE B 573 17.65 11.23 -46.01
N GLY B 574 18.08 10.69 -44.88
CA GLY B 574 17.69 9.33 -44.54
C GLY B 574 17.93 8.99 -43.08
N THR B 575 17.05 8.14 -42.55
CA THR B 575 17.25 7.56 -41.23
C THR B 575 16.89 6.09 -41.32
N SER B 576 17.60 5.27 -40.55
CA SER B 576 17.30 3.85 -40.48
C SER B 576 17.64 3.28 -39.14
N ALA B 577 16.76 2.43 -38.64
CA ALA B 577 16.99 1.70 -37.40
C ALA B 577 17.34 0.26 -37.69
N GLY B 578 17.56 -0.05 -38.96
CA GLY B 578 17.92 -1.39 -39.38
C GLY B 578 19.38 -1.44 -39.78
N ASP B 579 19.71 -2.28 -40.77
CA ASP B 579 21.12 -2.43 -41.18
C ASP B 579 21.42 -1.85 -42.55
N ARG B 580 20.42 -1.19 -43.14
CA ARG B 580 20.58 -0.58 -44.47
C ARG B 580 19.58 0.54 -44.73
N ILE B 581 19.82 1.28 -45.79
CA ILE B 581 18.85 2.25 -46.26
C ILE B 581 18.94 2.40 -47.78
N TYR B 582 17.80 2.53 -48.42
CA TYR B 582 17.72 2.76 -49.86
C TYR B 582 17.63 4.24 -50.13
N ILE B 583 18.51 4.73 -50.99
CA ILE B 583 18.45 6.10 -51.39
C ILE B 583 18.28 6.21 -52.91
N GLU B 584 17.27 6.93 -53.32
CA GLU B 584 17.06 7.14 -54.73
C GLU B 584 17.85 8.31 -55.27
N GLY B 585 18.11 8.22 -56.55
CA GLY B 585 18.70 9.31 -57.29
C GLY B 585 20.17 9.51 -57.18
N LEU B 586 20.84 8.74 -56.36
CA LEU B 586 22.25 8.95 -56.23
C LEU B 586 22.84 8.45 -57.53
N VAL B 587 23.28 9.39 -58.34
CA VAL B 587 23.66 9.14 -59.72
C VAL B 587 22.65 9.75 -60.68
N VAL B 595 28.64 13.83 -55.24
CA VAL B 595 27.75 13.38 -54.17
C VAL B 595 28.49 12.76 -52.97
N ARG B 596 28.70 13.56 -51.92
CA ARG B 596 29.31 13.09 -50.68
C ARG B 596 28.29 12.79 -49.59
N LEU B 597 28.37 11.60 -49.01
CA LEU B 597 27.44 11.23 -47.94
C LEU B 597 28.17 11.11 -46.61
N HIS B 598 27.42 11.27 -45.52
CA HIS B 598 27.95 11.11 -44.17
C HIS B 598 26.99 10.28 -43.34
N ILE B 599 27.44 9.11 -42.92
CA ILE B 599 26.63 8.21 -42.10
C ILE B 599 27.12 8.24 -40.66
N GLU B 600 26.22 8.59 -39.74
CA GLU B 600 26.58 8.53 -38.34
C GLU B 600 25.66 7.55 -37.62
N ALA B 601 26.20 6.88 -36.61
CA ALA B 601 25.39 6.03 -35.75
C ALA B 601 25.11 6.80 -34.46
N LEU B 602 23.87 6.78 -34.02
CA LEU B 602 23.53 7.41 -32.74
C LEU B 602 23.25 6.33 -31.71
N SER B 603 23.84 6.50 -30.53
CA SER B 603 23.69 5.50 -29.48
C SER B 603 22.28 5.60 -28.91
N GLU B 604 21.96 4.71 -27.98
CA GLU B 604 20.69 4.82 -27.29
C GLU B 604 20.57 6.17 -26.57
N THR B 605 21.69 6.73 -26.17
CA THR B 605 21.69 8.02 -25.49
C THR B 605 21.76 9.16 -26.49
N PHE B 606 21.70 8.81 -27.77
CA PHE B 606 21.79 9.80 -28.85
C PHE B 606 23.13 10.51 -28.94
N VAL B 607 24.18 9.86 -28.44
CA VAL B 607 25.53 10.30 -28.76
C VAL B 607 25.87 9.87 -30.19
N PRO B 608 26.25 10.83 -31.03
CA PRO B 608 26.59 10.48 -32.41
C PRO B 608 28.02 9.94 -32.51
N SER B 609 28.23 9.07 -33.45
CA SER B 609 29.52 8.62 -33.82
C SER B 609 30.10 9.63 -34.76
N ASP B 610 31.37 9.50 -35.03
CA ASP B 610 32.04 10.18 -36.10
C ASP B 610 31.45 9.67 -37.38
N ALA B 611 31.24 10.54 -38.35
CA ALA B 611 30.57 10.19 -39.60
C ALA B 611 31.51 9.44 -40.52
N ARG B 612 31.07 8.29 -41.02
CA ARG B 612 31.76 7.64 -42.11
C ARG B 612 31.50 8.45 -43.38
N MET B 613 32.55 8.73 -44.13
CA MET B 613 32.38 9.44 -45.38
C MET B 613 32.19 8.40 -46.49
N ILE B 614 31.27 8.64 -47.40
CA ILE B 614 31.06 7.75 -48.55
C ILE B 614 31.01 8.59 -49.83
N ASP B 615 31.74 8.22 -50.86
CA ASP B 615 31.62 8.95 -52.12
C ASP B 615 30.78 8.28 -53.16
N THR C 2 5.00 21.03 58.71
CA THR C 2 5.23 22.44 58.52
C THR C 2 4.45 23.00 57.33
N TYR C 3 4.10 22.15 56.37
CA TYR C 3 3.38 22.59 55.18
C TYR C 3 1.89 22.75 55.47
N ASN C 4 1.37 23.95 55.21
CA ASN C 4 -0.04 24.25 55.45
C ASN C 4 -0.78 24.62 54.18
N GLY C 5 -0.25 24.20 53.04
CA GLY C 5 -0.86 24.56 51.79
C GLY C 5 -1.88 23.53 51.35
N PRO C 6 -2.41 23.69 50.14
CA PRO C 6 -3.37 22.79 49.51
C PRO C 6 -2.79 21.41 49.32
N LEU C 7 -3.64 20.39 49.49
CA LEU C 7 -3.22 19.00 49.40
C LEU C 7 -4.05 18.25 48.37
N SER C 8 -3.38 17.30 47.71
CA SER C 8 -4.04 16.39 46.82
C SER C 8 -5.11 15.63 47.62
N SER C 9 -6.26 15.42 47.02
CA SER C 9 -7.39 14.81 47.64
C SER C 9 -7.40 13.30 47.73
N HIS C 10 -8.09 12.81 48.74
CA HIS C 10 -8.35 11.42 49.01
C HIS C 10 -9.60 11.36 49.83
N TRP C 11 -10.37 10.30 49.67
CA TRP C 11 -11.63 10.18 50.35
C TRP C 11 -11.93 8.77 50.81
N PHE C 12 -12.63 8.67 51.93
CA PHE C 12 -13.42 7.47 52.19
C PHE C 12 -14.78 7.74 51.56
N PRO C 13 -15.56 6.70 51.28
CA PRO C 13 -16.80 6.90 50.54
C PRO C 13 -17.74 7.98 51.12
N GLU C 14 -17.88 8.10 52.43
CA GLU C 14 -18.80 9.12 52.97
C GLU C 14 -18.30 10.57 52.83
N GLU C 15 -16.98 10.76 52.76
CA GLU C 15 -16.46 12.12 52.48
C GLU C 15 -16.71 12.49 51.03
N LEU C 16 -16.57 11.52 50.12
CA LEU C 16 -16.78 11.75 48.70
C LEU C 16 -18.22 12.17 48.44
N ALA C 17 -19.15 11.41 49.01
CA ALA C 17 -20.58 11.67 48.90
C ALA C 17 -20.90 13.15 49.10
N GLN C 18 -20.32 13.76 50.15
CA GLN C 18 -20.61 15.15 50.45
C GLN C 18 -19.54 16.13 49.96
N TRP C 19 -18.69 15.67 49.04
CA TRP C 19 -17.66 16.53 48.50
C TRP C 19 -18.20 17.38 47.36
N GLU C 20 -17.97 18.68 47.44
CA GLU C 20 -18.28 19.62 46.37
C GLU C 20 -17.09 20.52 46.06
N PRO C 21 -16.66 20.58 44.82
CA PRO C 21 -15.51 21.39 44.42
C PRO C 21 -15.61 22.84 44.87
N ASP C 22 -16.78 23.43 44.71
CA ASP C 22 -17.05 24.84 44.90
C ASP C 22 -16.76 25.22 46.32
N SER C 23 -16.80 24.24 47.18
CA SER C 23 -16.49 24.44 48.56
C SER C 23 -15.25 23.73 49.11
N ASP C 24 -14.42 23.19 48.26
CA ASP C 24 -13.21 22.60 48.74
C ASP C 24 -12.16 23.64 48.56
N PRO C 25 -11.54 24.10 49.63
CA PRO C 25 -10.52 25.13 49.43
C PRO C 25 -9.40 24.62 48.50
N ASP C 26 -9.17 23.31 48.51
CA ASP C 26 -8.07 22.68 47.80
C ASP C 26 -8.41 22.27 46.37
N ALA C 27 -9.69 22.06 46.08
CA ALA C 27 -10.12 21.56 44.79
C ALA C 27 -9.51 22.31 43.59
N PRO C 28 -9.41 23.66 43.68
CA PRO C 28 -8.95 24.37 42.48
C PRO C 28 -7.45 24.14 42.21
N PHE C 29 -6.70 23.86 43.27
CA PHE C 29 -5.30 23.53 43.15
C PHE C 29 -5.06 22.13 42.59
N ASN C 30 -6.08 21.28 42.67
CA ASN C 30 -5.93 19.88 42.25
C ASN C 30 -6.41 19.63 40.82
N ARG C 31 -6.90 20.68 40.16
CA ARG C 31 -7.28 20.56 38.75
C ARG C 31 -6.05 20.56 37.83
N SER C 32 -5.94 19.55 37.00
CA SER C 32 -5.01 19.58 35.88
C SER C 32 -5.42 20.62 34.84
N HIS C 33 -4.47 21.40 34.35
CA HIS C 33 -4.75 22.32 33.24
C HIS C 33 -3.96 21.94 31.99
N VAL C 34 -3.63 20.66 31.87
CA VAL C 34 -2.88 20.13 30.71
C VAL C 34 -3.68 18.98 30.12
N PRO C 35 -4.34 19.21 28.98
CA PRO C 35 -5.17 18.17 28.39
C PRO C 35 -4.34 16.98 27.89
N LEU C 36 -4.93 15.79 27.92
CA LEU C 36 -4.29 14.63 27.35
C LEU C 36 -3.92 14.88 25.90
N GLU C 37 -2.64 14.83 25.59
CA GLU C 37 -2.17 14.96 24.22
C GLU C 37 -2.64 13.78 23.41
N PRO C 38 -3.43 14.03 22.36
CA PRO C 38 -3.92 12.97 21.46
C PRO C 38 -2.86 12.57 20.42
N GLY C 39 -2.95 11.35 19.92
CA GLY C 39 -2.11 10.94 18.80
C GLY C 39 -0.63 10.94 19.08
N ARG C 40 -0.19 9.91 19.78
CA ARG C 40 1.23 9.67 19.92
C ARG C 40 1.70 8.94 18.66
N VAL C 41 2.99 9.01 18.37
CA VAL C 41 3.51 8.28 17.23
C VAL C 41 4.57 7.27 17.70
N ALA C 42 4.50 6.07 17.15
CA ALA C 42 5.35 4.99 17.60
C ALA C 42 6.68 5.00 16.88
N ASP C 43 7.68 4.33 17.45
CA ASP C 43 9.00 4.24 16.87
C ASP C 43 9.12 2.86 16.26
N ARG C 44 10.23 2.55 15.62
CA ARG C 44 10.38 1.22 15.06
C ARG C 44 11.80 0.67 15.23
N VAL C 45 12.52 1.14 16.23
CA VAL C 45 13.95 0.80 16.37
C VAL C 45 14.23 -0.59 16.93
N ASN C 46 13.25 -1.21 17.57
CA ASN C 46 13.44 -2.56 18.10
C ASN C 46 12.62 -3.58 17.29
N ALA C 47 13.33 -4.47 16.62
CA ALA C 47 12.74 -5.38 15.64
C ALA C 47 11.77 -6.36 16.28
N ASN C 48 12.01 -6.69 17.55
CA ASN C 48 11.18 -7.64 18.29
C ASN C 48 9.86 -7.07 18.80
N ALA C 49 9.79 -5.74 18.93
CA ALA C 49 8.63 -5.11 19.52
C ALA C 49 7.40 -5.22 18.61
N ASP C 50 6.25 -5.51 19.20
CA ASP C 50 5.01 -5.67 18.44
C ASP C 50 4.06 -4.51 18.72
N LYS C 51 3.02 -4.39 17.90
CA LYS C 51 2.10 -3.26 17.96
C LYS C 51 0.78 -3.59 18.64
N ASP C 52 0.61 -4.84 19.06
CA ASP C 52 -0.66 -5.31 19.58
C ASP C 52 -0.80 -5.11 21.08
N ALA C 53 0.19 -5.62 21.83
CA ALA C 53 0.17 -5.60 23.29
C ALA C 53 0.20 -4.19 23.86
N HIS C 54 -0.63 -3.92 24.86
CA HIS C 54 -0.53 -2.66 25.58
C HIS C 54 0.18 -2.82 26.91
N LEU C 55 0.43 -1.71 27.59
CA LEU C 55 1.08 -1.75 28.90
C LEU C 55 0.43 -0.75 29.85
N VAL C 56 0.02 -1.23 31.03
CA VAL C 56 -0.42 -0.34 32.10
C VAL C 56 0.60 -0.36 33.23
N SER C 57 0.85 0.81 33.80
CA SER C 57 1.64 0.93 35.00
C SER C 57 0.76 1.31 36.21
N LEU C 58 0.86 0.54 37.27
CA LEU C 58 0.30 0.92 38.55
C LEU C 58 1.49 1.44 39.33
N SER C 59 1.60 2.77 39.40
CA SER C 59 2.74 3.41 40.03
C SER C 59 2.38 4.32 41.17
N ALA C 60 3.06 4.15 42.29
CA ALA C 60 2.96 5.08 43.40
C ALA C 60 3.73 6.34 43.06
N LEU C 61 3.24 7.13 42.10
CA LEU C 61 3.88 8.39 41.75
C LEU C 61 4.06 9.28 42.97
N ASN C 62 3.29 9.02 44.01
CA ASN C 62 3.53 9.62 45.31
C ASN C 62 3.61 8.50 46.34
N ARG C 63 4.62 8.53 47.19
CA ARG C 63 4.82 7.44 48.14
C ARG C 63 3.60 7.31 49.06
N HIS C 64 3.04 8.44 49.45
CA HIS C 64 1.90 8.48 50.34
C HIS C 64 0.58 9.01 49.71
N THR C 65 -0.54 8.51 50.24
CA THR C 65 -1.85 9.01 49.87
C THR C 65 -2.13 10.41 50.43
N SER C 66 -1.85 10.60 51.71
CA SER C 66 -2.11 11.89 52.32
C SER C 66 -0.83 12.77 52.34
N GLY C 67 -1.02 14.07 52.56
CA GLY C 67 0.09 14.97 52.80
C GLY C 67 0.86 15.33 51.54
N VAL C 68 0.22 15.12 50.40
CA VAL C 68 0.82 15.43 49.13
C VAL C 68 0.42 16.82 48.68
N PRO C 69 1.39 17.76 48.64
CA PRO C 69 1.06 19.12 48.23
C PRO C 69 0.47 19.14 46.82
N SER C 70 -0.52 19.99 46.56
CA SER C 70 -1.20 19.99 45.27
C SER C 70 -0.30 20.15 44.06
N GLN C 71 0.74 20.96 44.19
CA GLN C 71 1.43 21.49 43.00
C GLN C 71 2.94 21.45 43.01
N GLY C 72 3.52 20.41 43.60
CA GLY C 72 4.96 20.38 43.78
C GLY C 72 5.35 20.73 45.22
N ALA C 73 6.63 20.61 45.51
CA ALA C 73 7.17 20.79 46.84
C ALA C 73 8.67 21.01 46.69
N PRO C 74 9.30 21.59 47.73
CA PRO C 74 10.74 21.86 47.77
C PRO C 74 11.53 20.58 48.07
N VAL C 75 11.37 19.57 47.24
CA VAL C 75 12.04 18.29 47.46
C VAL C 75 12.58 17.77 46.13
N PHE C 76 13.88 17.57 46.08
CA PHE C 76 14.53 17.14 44.85
C PHE C 76 14.15 15.69 44.62
N TYR C 77 14.30 14.85 45.63
CA TYR C 77 14.10 13.43 45.45
C TYR C 77 12.60 13.11 45.48
N GLU C 78 11.98 13.18 44.31
CA GLU C 78 10.56 12.88 44.17
C GLU C 78 10.43 11.98 42.94
N ASN C 79 9.37 11.19 42.89
CA ASN C 79 9.20 10.19 41.83
C ASN C 79 8.90 10.83 40.45
N THR C 80 9.97 11.06 39.71
CA THR C 80 9.94 11.81 38.45
C THR C 80 9.98 10.83 37.26
N PHE C 81 9.08 9.85 37.29
CA PHE C 81 8.96 8.83 36.26
C PHE C 81 9.11 9.45 34.86
N SER C 82 9.95 8.85 34.04
CA SER C 82 10.26 9.43 32.74
C SER C 82 10.09 8.40 31.62
N TYR C 83 9.44 7.29 31.91
CA TYR C 83 9.22 6.31 30.86
C TYR C 83 7.78 6.26 30.34
N TRP C 84 7.16 7.43 30.27
CA TRP C 84 5.82 7.55 29.73
C TRP C 84 5.77 6.94 28.34
N HIS C 85 6.88 7.01 27.61
CA HIS C 85 6.89 6.53 26.23
C HIS C 85 6.62 5.01 26.04
N TYR C 86 6.85 4.18 27.05
CA TYR C 86 6.50 2.75 26.92
C TYR C 86 5.18 2.45 27.62
N THR C 87 4.51 3.49 28.06
CA THR C 87 3.29 3.33 28.85
C THR C 87 2.05 3.71 28.07
N ASP C 88 1.05 2.84 27.99
CA ASP C 88 -0.19 3.19 27.32
C ASP C 88 -1.23 3.73 28.27
N LEU C 89 -1.09 3.35 29.54
CA LEU C 89 -2.06 3.68 30.57
C LEU C 89 -1.34 3.76 31.91
N MET C 90 -1.60 4.83 32.64
CA MET C 90 -1.03 4.98 33.97
C MET C 90 -2.12 4.93 35.03
N VAL C 91 -1.93 4.07 36.00
CA VAL C 91 -2.79 4.04 37.15
C VAL C 91 -2.05 4.60 38.35
N TYR C 92 -2.58 5.69 38.92
CA TYR C 92 -2.02 6.33 40.12
C TYR C 92 -2.23 5.42 41.33
N TRP C 93 -1.17 4.78 41.79
CA TRP C 93 -1.36 3.81 42.86
C TRP C 93 -1.43 4.48 44.23
N ALA C 94 -2.56 4.32 44.90
CA ALA C 94 -2.74 4.91 46.22
C ALA C 94 -3.94 4.33 46.96
N GLY C 95 -4.17 4.80 48.18
CA GLY C 95 -5.30 4.35 48.96
C GLY C 95 -4.88 3.48 50.14
N SER C 96 -5.47 3.76 51.30
CA SER C 96 -5.24 2.94 52.47
C SER C 96 -6.38 3.10 53.46
N ALA C 97 -6.59 2.06 54.26
CA ALA C 97 -7.57 2.06 55.30
C ALA C 97 -7.41 3.28 56.24
N GLY C 98 -6.17 3.68 56.48
CA GLY C 98 -5.91 4.81 57.37
C GLY C 98 -6.05 6.21 56.77
N GLU C 99 -5.96 6.31 55.47
CA GLU C 99 -5.94 7.64 54.86
C GLU C 99 -7.13 7.95 53.94
N GLY C 100 -7.72 6.92 53.33
CA GLY C 100 -8.70 7.14 52.27
C GLY C 100 -8.47 6.13 51.16
N ILE C 101 -9.56 5.67 50.57
CA ILE C 101 -9.49 4.55 49.64
C ILE C 101 -9.86 4.95 48.22
N ILE C 102 -10.30 6.20 48.05
CA ILE C 102 -10.58 6.74 46.72
C ILE C 102 -9.61 7.88 46.51
N VAL C 103 -8.70 7.73 45.56
CA VAL C 103 -7.68 8.75 45.43
C VAL C 103 -7.33 9.02 44.00
N PRO C 104 -7.59 10.25 43.55
CA PRO C 104 -7.27 10.74 42.20
C PRO C 104 -5.76 10.97 42.11
N PRO C 105 -5.20 11.07 40.89
CA PRO C 105 -3.79 11.45 40.77
C PRO C 105 -3.67 12.94 41.05
N SER C 106 -2.57 13.35 41.67
CA SER C 106 -2.33 14.78 41.89
C SER C 106 -2.12 15.49 40.54
N ALA C 107 -2.45 16.79 40.52
CA ALA C 107 -2.39 17.59 39.30
C ALA C 107 -1.02 17.64 38.60
N ASP C 108 0.06 17.52 39.36
CA ASP C 108 1.40 17.58 38.77
C ASP C 108 1.62 16.36 37.89
N VAL C 109 1.16 15.22 38.38
CA VAL C 109 1.35 13.93 37.76
C VAL C 109 0.35 13.70 36.61
N ILE C 110 -0.88 14.16 36.77
CA ILE C 110 -1.84 14.23 35.66
C ILE C 110 -1.22 14.99 34.48
N ASP C 111 -0.61 16.14 34.78
CA ASP C 111 0.02 16.96 33.75
C ASP C 111 1.14 16.25 33.04
N ALA C 112 2.05 15.61 33.80
CA ALA C 112 3.20 14.95 33.20
C ALA C 112 2.67 13.86 32.28
N SER C 113 1.75 13.05 32.80
CA SER C 113 1.15 11.98 32.06
C SER C 113 0.53 12.53 30.77
N HIS C 114 -0.27 13.59 30.91
CA HIS C 114 -0.97 14.14 29.74
C HIS C 114 -0.04 14.64 28.62
N ARG C 115 1.01 15.37 28.98
CA ARG C 115 2.00 15.83 28.02
C ARG C 115 2.51 14.69 27.15
N ASN C 116 2.57 13.48 27.70
CA ASN C 116 3.05 12.34 26.94
C ASN C 116 1.92 11.50 26.34
N GLY C 117 0.74 12.10 26.25
CA GLY C 117 -0.42 11.40 25.72
C GLY C 117 -0.81 10.13 26.46
N VAL C 118 -0.47 10.06 27.74
CA VAL C 118 -0.82 8.88 28.52
C VAL C 118 -2.06 9.16 29.37
N PRO C 119 -3.12 8.34 29.22
CA PRO C 119 -4.31 8.51 30.06
C PRO C 119 -3.97 8.10 31.49
N ILE C 120 -4.35 8.90 32.48
CA ILE C 120 -4.05 8.52 33.87
C ILE C 120 -5.33 8.25 34.69
N LEU C 121 -5.34 7.12 35.40
CA LEU C 121 -6.49 6.72 36.16
C LEU C 121 -6.23 6.95 37.64
N GLY C 122 -7.29 7.31 38.37
CA GLY C 122 -7.25 7.37 39.82
C GLY C 122 -7.52 5.97 40.36
N ASN C 123 -7.38 5.81 41.68
CA ASN C 123 -7.51 4.50 42.31
C ASN C 123 -8.68 4.48 43.28
N VAL C 124 -9.45 3.39 43.22
CA VAL C 124 -10.48 3.09 44.21
C VAL C 124 -10.01 1.79 44.86
N PHE C 125 -9.45 1.90 46.05
CA PHE C 125 -8.78 0.77 46.69
C PHE C 125 -9.56 0.18 47.87
N PHE C 126 -10.30 -0.90 47.64
CA PHE C 126 -10.96 -1.64 48.71
C PHE C 126 -10.00 -2.67 49.30
N PRO C 127 -9.37 -2.34 50.43
CA PRO C 127 -8.24 -3.12 50.96
C PRO C 127 -8.62 -4.46 51.59
N PRO C 128 -7.71 -5.42 51.54
CA PRO C 128 -7.91 -6.65 52.31
C PRO C 128 -8.14 -6.31 53.79
N THR C 129 -9.01 -7.08 54.46
CA THR C 129 -9.31 -6.84 55.87
C THR C 129 -8.04 -6.81 56.73
N VAL C 130 -7.03 -7.59 56.35
CA VAL C 130 -5.78 -7.64 57.10
C VAL C 130 -5.11 -6.29 57.09
N TYR C 131 -5.51 -5.44 56.14
CA TYR C 131 -4.93 -4.11 56.06
C TYR C 131 -5.93 -3.03 56.43
N GLY C 132 -6.94 -3.39 57.21
CA GLY C 132 -7.92 -2.43 57.68
C GLY C 132 -9.07 -2.21 56.71
N GLY C 133 -9.17 -3.07 55.70
CA GLY C 133 -10.36 -3.10 54.87
C GLY C 133 -11.67 -3.24 55.65
N GLN C 134 -12.72 -2.60 55.13
CA GLN C 134 -14.05 -2.62 55.72
C GLN C 134 -15.12 -2.83 54.65
N LEU C 135 -15.88 -3.93 54.75
CA LEU C 135 -17.02 -4.16 53.86
C LEU C 135 -17.90 -2.93 53.75
N GLU C 136 -18.03 -2.21 54.85
CA GLU C 136 -18.92 -1.06 54.91
C GLU C 136 -18.64 -0.12 53.76
N TRP C 137 -17.35 0.20 53.58
CA TRP C 137 -16.94 1.12 52.53
C TRP C 137 -17.40 0.64 51.17
N LEU C 138 -17.21 -0.64 50.90
CA LEU C 138 -17.67 -1.24 49.65
C LEU C 138 -19.19 -1.07 49.51
N GLU C 139 -19.94 -1.39 50.58
CA GLU C 139 -21.40 -1.27 50.55
C GLU C 139 -21.84 0.17 50.30
N GLN C 140 -21.15 1.12 50.94
CA GLN C 140 -21.41 2.54 50.75
C GLN C 140 -21.25 2.94 49.29
N MET C 141 -20.12 2.58 48.69
CA MET C 141 -19.88 2.85 47.27
C MET C 141 -20.98 2.26 46.40
N LEU C 142 -21.50 1.09 46.80
CA LEU C 142 -22.44 0.35 45.99
C LEU C 142 -23.92 0.72 46.21
N GLU C 143 -24.20 1.74 47.02
CA GLU C 143 -25.56 2.21 47.22
C GLU C 143 -26.25 2.66 45.93
N GLN C 144 -27.54 2.33 45.81
CA GLN C 144 -28.25 2.55 44.56
C GLN C 144 -29.58 3.25 44.84
N GLU C 145 -29.91 4.28 44.04
CA GLU C 145 -31.17 5.01 44.21
C GLU C 145 -32.30 4.24 43.52
N GLU C 146 -33.55 4.67 43.75
CA GLU C 146 -34.71 4.06 43.08
C GLU C 146 -34.45 4.22 41.60
N ASP C 147 -33.91 5.39 41.28
CA ASP C 147 -33.38 5.76 39.98
C ASP C 147 -32.62 4.63 39.26
N GLY C 148 -31.92 3.80 40.02
CA GLY C 148 -31.04 2.80 39.46
C GLY C 148 -29.60 3.30 39.47
N SER C 149 -29.45 4.62 39.52
CA SER C 149 -28.14 5.24 39.51
C SER C 149 -27.36 4.96 40.82
N PHE C 150 -26.03 5.05 40.74
CA PHE C 150 -25.18 4.95 41.92
C PHE C 150 -24.54 6.32 42.19
N PRO C 151 -24.98 6.98 43.27
CA PRO C 151 -24.51 8.33 43.59
C PRO C 151 -22.98 8.44 43.70
N LEU C 152 -22.32 7.43 44.28
CA LEU C 152 -20.87 7.48 44.41
C LEU C 152 -20.13 7.21 43.09
N ALA C 153 -20.77 6.49 42.17
CA ALA C 153 -20.24 6.37 40.83
C ALA C 153 -20.27 7.76 40.19
N ASP C 154 -21.33 8.49 40.46
CA ASP C 154 -21.52 9.81 39.90
C ASP C 154 -20.41 10.70 40.42
N LYS C 155 -20.03 10.50 41.67
CA LYS C 155 -18.94 11.24 42.26
C LYS C 155 -17.58 10.88 41.67
N LEU C 156 -17.36 9.61 41.31
CA LEU C 156 -16.13 9.24 40.62
C LEU C 156 -16.00 9.97 39.30
N LEU C 157 -17.09 9.98 38.53
CA LEU C 157 -17.10 10.66 37.25
C LEU C 157 -16.90 12.17 37.41
N GLU C 158 -17.59 12.76 38.39
CA GLU C 158 -17.47 14.18 38.65
C GLU C 158 -16.06 14.60 39.09
N VAL C 159 -15.41 13.80 39.94
CA VAL C 159 -14.04 14.04 40.34
C VAL C 159 -13.11 13.99 39.13
N ALA C 160 -13.28 12.96 38.31
CA ALA C 160 -12.45 12.78 37.12
C ALA C 160 -12.64 13.95 36.15
N ASP C 161 -13.85 14.47 36.09
CA ASP C 161 -14.17 15.53 35.16
C ASP C 161 -13.59 16.85 35.67
N TYR C 162 -13.79 17.12 36.95
CA TYR C 162 -13.33 18.35 37.53
C TYR C 162 -11.79 18.42 37.58
N TYR C 163 -11.16 17.37 38.09
CA TYR C 163 -9.72 17.39 38.25
C TYR C 163 -8.99 17.16 36.92
N GLY C 164 -9.66 16.53 35.96
CA GLY C 164 -9.10 16.39 34.63
C GLY C 164 -8.27 15.14 34.36
N PHE C 165 -8.76 13.97 34.79
CA PHE C 165 -8.10 12.70 34.46
C PHE C 165 -9.10 11.72 33.82
N ASP C 166 -8.66 10.49 33.56
CA ASP C 166 -9.24 9.67 32.51
C ASP C 166 -9.94 8.39 32.95
N GLY C 167 -10.40 8.34 34.20
CA GLY C 167 -11.06 7.16 34.71
C GLY C 167 -10.48 6.65 36.02
N TRP C 168 -10.68 5.36 36.25
CA TRP C 168 -10.46 4.77 37.56
C TRP C 168 -9.97 3.32 37.45
N PHE C 169 -9.12 2.94 38.41
CA PHE C 169 -8.78 1.55 38.63
C PHE C 169 -9.65 1.12 39.80
N ILE C 170 -10.33 -0.03 39.71
CA ILE C 170 -11.19 -0.54 40.78
C ILE C 170 -10.56 -1.81 41.37
N ASN C 171 -10.23 -1.76 42.65
CA ASN C 171 -9.47 -2.82 43.30
C ASN C 171 -10.27 -3.34 44.48
N GLN C 172 -10.97 -4.46 44.27
CA GLN C 172 -11.90 -4.98 45.26
C GLN C 172 -11.28 -6.19 45.94
N GLU C 173 -10.67 -5.96 47.09
CA GLU C 173 -10.03 -7.06 47.81
C GLU C 173 -10.59 -7.22 49.22
N THR C 174 -11.67 -6.51 49.53
CA THR C 174 -12.30 -6.66 50.84
C THR C 174 -13.14 -7.93 50.87
N GLU C 175 -12.80 -8.83 51.79
CA GLU C 175 -13.54 -10.07 52.00
C GLU C 175 -14.89 -9.83 52.69
N GLY C 176 -15.77 -10.83 52.60
CA GLY C 176 -17.06 -10.81 53.28
C GLY C 176 -18.24 -10.46 52.37
N ALA C 177 -17.98 -10.34 51.08
CA ALA C 177 -19.01 -9.93 50.14
C ALA C 177 -19.76 -11.15 49.62
N ASP C 178 -21.09 -11.07 49.62
CA ASP C 178 -21.91 -12.18 49.12
C ASP C 178 -22.15 -12.01 47.63
N GLU C 179 -22.95 -12.89 47.04
CA GLU C 179 -23.21 -12.82 45.60
C GLU C 179 -24.03 -11.58 45.22
N GLY C 180 -24.83 -11.07 46.16
CA GLY C 180 -25.59 -9.85 45.95
C GLY C 180 -24.70 -8.63 45.80
N THR C 181 -23.65 -8.57 46.61
CA THR C 181 -22.64 -7.53 46.50
C THR C 181 -21.93 -7.61 45.14
N ALA C 182 -21.56 -8.82 44.74
CA ALA C 182 -20.92 -9.03 43.45
C ALA C 182 -21.79 -8.48 42.33
N GLU C 183 -23.05 -8.85 42.29
CA GLU C 183 -23.95 -8.36 41.24
C GLU C 183 -24.07 -6.84 41.28
N ALA C 184 -24.04 -6.28 42.50
CA ALA C 184 -24.16 -4.84 42.66
C ALA C 184 -22.91 -4.15 42.08
N MET C 185 -21.74 -4.74 42.35
CA MET C 185 -20.48 -4.27 41.78
C MET C 185 -20.52 -4.28 40.26
N GLN C 186 -21.06 -5.36 39.69
CA GLN C 186 -21.23 -5.48 38.24
C GLN C 186 -22.17 -4.39 37.71
N ALA C 187 -23.25 -4.15 38.44
CA ALA C 187 -24.18 -3.07 38.09
C ALA C 187 -23.48 -1.71 38.19
N PHE C 188 -22.71 -1.53 39.26
CA PHE C 188 -21.92 -0.32 39.47
C PHE C 188 -20.95 -0.08 38.29
N LEU C 189 -20.17 -1.08 37.91
CA LEU C 189 -19.25 -0.94 36.77
C LEU C 189 -20.00 -0.63 35.47
N VAL C 190 -21.11 -1.32 35.23
CA VAL C 190 -21.94 -1.09 34.05
C VAL C 190 -22.50 0.33 34.04
N TYR C 191 -22.93 0.80 35.21
CA TYR C 191 -23.43 2.17 35.34
C TYR C 191 -22.34 3.18 34.96
N LEU C 192 -21.13 2.92 35.44
CA LEU C 192 -19.96 3.70 35.03
C LEU C 192 -19.82 3.75 33.51
N GLN C 193 -19.88 2.60 32.87
CA GLN C 193 -19.73 2.48 31.43
C GLN C 193 -20.73 3.33 30.69
N GLU C 194 -21.94 3.41 31.20
CA GLU C 194 -22.99 4.19 30.61
C GLU C 194 -22.89 5.68 30.90
N GLN C 195 -22.27 6.10 32.00
CA GLN C 195 -22.34 7.49 32.25
C GLN C 195 -21.05 8.14 31.94
N LYS C 196 -20.00 7.38 31.82
CA LYS C 196 -18.69 7.98 31.60
C LYS C 196 -18.64 8.74 30.28
N PRO C 197 -17.79 9.77 30.21
CA PRO C 197 -17.45 10.48 28.97
C PRO C 197 -16.71 9.56 28.01
N GLU C 198 -16.82 9.80 26.72
CA GLU C 198 -16.06 9.02 25.74
C GLU C 198 -14.59 9.11 26.08
N GLY C 199 -13.89 7.99 25.97
CA GLY C 199 -12.46 7.97 26.21
C GLY C 199 -12.08 7.54 27.61
N MET C 200 -12.97 7.78 28.58
CA MET C 200 -12.70 7.39 29.95
C MET C 200 -12.56 5.89 30.13
N HIS C 201 -11.66 5.50 31.02
CA HIS C 201 -11.27 4.11 31.12
C HIS C 201 -11.48 3.62 32.56
N ILE C 202 -12.22 2.53 32.70
CA ILE C 202 -12.40 1.88 33.97
C ILE C 202 -11.74 0.53 33.89
N MET C 203 -10.74 0.32 34.73
CA MET C 203 -9.96 -0.92 34.73
C MET C 203 -10.26 -1.68 36.00
N TRP C 204 -10.60 -2.96 35.86
CA TRP C 204 -11.01 -3.75 36.99
C TRP C 204 -9.89 -4.71 37.37
N TYR C 205 -9.67 -4.89 38.67
CA TYR C 205 -8.67 -5.84 39.13
C TYR C 205 -9.38 -7.20 39.02
N ASP C 206 -8.64 -8.20 38.59
CA ASP C 206 -8.88 -9.61 38.79
C ASP C 206 -8.82 -10.16 40.23
N SER C 207 -9.88 -9.90 41.01
CA SER C 207 -9.90 -10.30 42.42
C SER C 207 -11.28 -10.89 42.85
N MET C 208 -12.29 -10.04 43.02
CA MET C 208 -13.62 -10.52 43.40
C MET C 208 -14.28 -11.29 42.26
N ILE C 209 -14.63 -12.55 42.51
CA ILE C 209 -15.26 -13.38 41.50
C ILE C 209 -16.81 -13.26 41.53
N ASP C 210 -17.50 -14.07 40.71
CA ASP C 210 -18.95 -13.97 40.62
C ASP C 210 -19.68 -14.16 41.94
N THR C 211 -19.13 -14.99 42.82
CA THR C 211 -19.74 -15.24 44.12
C THR C 211 -19.50 -14.11 45.13
N GLY C 212 -18.61 -13.17 44.81
CA GLY C 212 -18.25 -12.12 45.74
C GLY C 212 -16.99 -12.48 46.54
N ALA C 213 -16.62 -13.75 46.50
CA ALA C 213 -15.41 -14.19 47.18
C ALA C 213 -14.19 -13.53 46.53
N ILE C 214 -13.13 -13.38 47.31
CA ILE C 214 -11.91 -12.90 46.75
C ILE C 214 -11.08 -14.11 46.38
N ALA C 215 -10.83 -14.24 45.08
CA ALA C 215 -10.23 -15.44 44.54
C ALA C 215 -9.58 -15.11 43.21
N TRP C 216 -8.48 -14.37 43.29
CA TRP C 216 -7.68 -14.05 42.12
C TRP C 216 -7.61 -15.23 41.15
N GLN C 217 -7.92 -14.97 39.88
CA GLN C 217 -7.91 -16.01 38.86
C GLN C 217 -6.60 -16.07 38.09
N ASN C 218 -5.90 -14.93 38.01
CA ASN C 218 -4.62 -14.85 37.31
C ASN C 218 -4.80 -14.98 35.81
N HIS C 219 -6.05 -15.01 35.39
CA HIS C 219 -6.42 -15.19 34.00
C HIS C 219 -7.81 -14.62 33.86
N LEU C 220 -8.27 -14.41 32.64
CA LEU C 220 -9.68 -14.24 32.42
C LEU C 220 -10.36 -15.61 32.43
N THR C 221 -11.29 -15.82 33.36
CA THR C 221 -12.01 -17.08 33.47
C THR C 221 -13.51 -16.88 33.52
N ASP C 222 -14.23 -17.99 33.64
CA ASP C 222 -15.69 -17.97 33.81
C ASP C 222 -16.04 -17.36 35.15
N ARG C 223 -15.10 -17.39 36.07
CA ARG C 223 -15.30 -16.86 37.42
C ARG C 223 -15.23 -15.32 37.51
N ASN C 224 -14.56 -14.69 36.54
CA ASN C 224 -14.39 -13.23 36.55
C ASN C 224 -14.80 -12.48 35.29
N LYS C 225 -15.19 -13.20 34.25
CA LYS C 225 -15.48 -12.57 32.97
C LYS C 225 -16.66 -11.60 33.04
N MET C 226 -17.56 -11.84 33.99
CA MET C 226 -18.76 -10.99 34.08
C MET C 226 -18.40 -9.57 34.53
N TYR C 227 -17.15 -9.36 34.93
CA TYR C 227 -16.63 -8.05 35.34
C TYR C 227 -15.98 -7.28 34.20
N LEU C 228 -15.79 -7.98 33.08
CA LEU C 228 -15.26 -7.38 31.85
C LEU C 228 -16.38 -7.20 30.82
N GLN C 229 -17.10 -8.28 30.54
CA GLN C 229 -18.14 -8.28 29.53
C GLN C 229 -19.20 -9.34 29.84
N ASN C 230 -20.46 -8.99 29.66
CA ASN C 230 -21.55 -9.93 29.93
C ASN C 230 -22.51 -9.95 28.75
N GLY C 231 -22.37 -10.97 27.92
CA GLY C 231 -23.07 -10.97 26.66
C GLY C 231 -22.71 -9.70 25.90
N SER C 232 -23.71 -8.87 25.65
CA SER C 232 -23.53 -7.68 24.84
C SER C 232 -23.36 -6.44 25.70
N THR C 233 -23.41 -6.61 27.02
CA THR C 233 -23.16 -5.50 27.92
C THR C 233 -21.68 -5.39 28.27
N ARG C 234 -21.13 -4.20 28.13
CA ARG C 234 -19.74 -3.92 28.49
C ARG C 234 -19.72 -3.56 29.97
N VAL C 235 -18.88 -4.25 30.73
CA VAL C 235 -18.80 -4.04 32.18
C VAL C 235 -17.63 -3.16 32.54
N ALA C 236 -16.50 -3.41 31.89
CA ALA C 236 -15.28 -2.65 32.16
C ALA C 236 -14.45 -2.52 30.90
N ASP C 237 -13.58 -1.53 30.87
CA ASP C 237 -12.75 -1.31 29.70
C ASP C 237 -11.57 -2.29 29.62
N SER C 238 -11.17 -2.84 30.76
CA SER C 238 -10.03 -3.73 30.84
C SER C 238 -9.98 -4.47 32.17
N MET C 239 -9.13 -5.47 32.25
CA MET C 239 -8.95 -6.20 33.49
C MET C 239 -7.46 -6.41 33.73
N PHE C 240 -7.04 -6.13 34.96
CA PHE C 240 -5.65 -6.34 35.36
C PHE C 240 -5.61 -7.70 36.00
N LEU C 241 -5.00 -8.67 35.30
CA LEU C 241 -4.88 -10.03 35.81
C LEU C 241 -3.86 -10.16 36.93
N ASN C 242 -4.22 -10.85 38.00
CA ASN C 242 -3.29 -11.16 39.09
C ASN C 242 -2.09 -11.98 38.64
N PHE C 243 -1.07 -12.02 39.47
CA PHE C 243 0.29 -12.39 39.09
C PHE C 243 0.61 -13.89 38.86
N TRP C 244 -0.17 -14.78 39.43
CA TRP C 244 0.25 -16.19 39.49
C TRP C 244 -0.15 -17.02 38.25
N TRP C 245 0.41 -16.62 37.11
CA TRP C 245 0.14 -17.25 35.82
C TRP C 245 1.45 -17.67 35.18
N ARG C 246 1.40 -18.72 34.37
CA ARG C 246 2.59 -19.15 33.64
C ARG C 246 2.36 -18.97 32.14
N ASP C 247 1.08 -18.88 31.76
CA ASP C 247 0.71 -18.77 30.36
C ASP C 247 -0.63 -18.06 30.22
N GLN C 248 -0.84 -17.39 29.10
CA GLN C 248 -2.03 -16.57 28.97
C GLN C 248 -2.84 -16.86 27.71
N ARG C 249 -2.46 -17.91 26.99
CA ARG C 249 -3.20 -18.34 25.81
C ARG C 249 -4.70 -18.52 26.11
N GLN C 250 -5.01 -19.14 27.24
CA GLN C 250 -6.40 -19.44 27.59
C GLN C 250 -7.23 -18.18 27.77
N SER C 251 -6.62 -17.12 28.33
CA SER C 251 -7.31 -15.85 28.53
C SER C 251 -7.57 -15.17 27.20
N ASN C 252 -6.57 -15.22 26.33
CA ASN C 252 -6.70 -14.75 24.96
C ASN C 252 -7.89 -15.41 24.26
N GLU C 253 -7.92 -16.73 24.28
CA GLU C 253 -9.02 -17.52 23.70
C GLU C 253 -10.40 -17.19 24.27
N LEU C 254 -10.48 -17.08 25.59
CA LEU C 254 -11.73 -16.72 26.26
C LEU C 254 -12.18 -15.31 25.89
N ALA C 255 -11.23 -14.38 25.78
CA ALA C 255 -11.52 -13.01 25.39
C ALA C 255 -12.11 -12.93 23.98
N GLN C 256 -11.54 -13.72 23.07
CA GLN C 256 -12.07 -13.80 21.71
C GLN C 256 -13.50 -14.32 21.72
N ALA C 257 -13.76 -15.36 22.52
CA ALA C 257 -15.11 -15.91 22.63
C ALA C 257 -16.10 -14.90 23.22
N LEU C 258 -15.59 -13.96 24.02
CA LEU C 258 -16.43 -12.92 24.60
C LEU C 258 -16.63 -11.77 23.63
N GLY C 259 -15.88 -11.80 22.53
CA GLY C 259 -15.89 -10.72 21.57
C GLY C 259 -15.15 -9.48 22.05
N ARG C 260 -14.13 -9.71 22.87
CA ARG C 260 -13.28 -8.61 23.33
C ARG C 260 -11.86 -8.84 22.89
N SER C 261 -11.10 -7.76 22.72
CA SER C 261 -9.67 -7.87 22.41
C SER C 261 -8.93 -8.50 23.59
N PRO C 262 -8.10 -9.50 23.31
CA PRO C 262 -7.22 -10.07 24.35
C PRO C 262 -6.33 -8.98 24.98
N TYR C 263 -6.19 -7.84 24.30
CA TYR C 263 -5.29 -6.81 24.77
C TYR C 263 -5.97 -5.80 25.70
N ASP C 264 -7.19 -6.12 26.11
CA ASP C 264 -7.85 -5.39 27.19
C ASP C 264 -7.58 -6.13 28.49
N LEU C 265 -6.82 -7.19 28.39
CA LEU C 265 -6.43 -7.95 29.56
C LEU C 265 -4.99 -7.60 29.80
N TYR C 266 -4.68 -7.23 31.01
CA TYR C 266 -3.30 -6.91 31.31
C TYR C 266 -2.69 -7.93 32.28
N ALA C 267 -1.91 -8.86 31.73
CA ALA C 267 -1.28 -9.87 32.57
C ALA C 267 -0.37 -9.18 33.56
N GLY C 268 -0.66 -9.34 34.84
CA GLY C 268 0.08 -8.62 35.87
C GLY C 268 1.43 -9.21 36.22
N VAL C 269 2.39 -8.33 36.45
CA VAL C 269 3.70 -8.74 36.97
C VAL C 269 4.02 -7.88 38.18
N ASP C 270 4.35 -8.53 39.30
CA ASP C 270 4.63 -7.82 40.54
C ASP C 270 6.11 -7.50 40.62
N VAL C 271 6.47 -6.25 40.41
CA VAL C 271 7.88 -5.89 40.40
C VAL C 271 8.23 -5.01 41.61
N GLU C 272 7.36 -4.85 42.57
CA GLU C 272 7.59 -3.90 43.64
C GLU C 272 8.87 -4.21 44.42
N ALA C 273 9.08 -5.46 44.77
CA ALA C 273 10.21 -5.77 45.64
C ALA C 273 11.55 -5.85 44.93
N ARG C 274 11.54 -6.33 43.69
CA ARG C 274 12.79 -6.75 43.06
C ARG C 274 13.05 -6.05 41.72
N GLY C 275 12.06 -5.31 41.23
CA GLY C 275 12.21 -4.65 39.96
C GLY C 275 12.73 -5.59 38.89
N THR C 276 13.89 -5.28 38.34
CA THR C 276 14.46 -6.05 37.25
C THR C 276 14.91 -7.45 37.65
N SER C 277 14.92 -7.73 38.95
CA SER C 277 15.24 -9.09 39.40
C SER C 277 13.99 -9.95 39.60
N THR C 278 12.86 -9.42 39.13
CA THR C 278 11.59 -10.11 39.26
C THR C 278 11.56 -11.24 38.24
N PRO C 279 11.38 -12.49 38.71
CA PRO C 279 11.29 -13.60 37.75
C PRO C 279 9.95 -13.54 37.01
N VAL C 280 9.99 -13.71 35.69
CA VAL C 280 8.79 -13.66 34.86
C VAL C 280 8.82 -14.74 33.76
N GLN C 281 7.69 -15.40 33.55
CA GLN C 281 7.55 -16.34 32.44
C GLN C 281 7.18 -15.60 31.17
N TRP C 282 8.12 -14.84 30.61
CA TRP C 282 7.84 -13.98 29.47
C TRP C 282 7.24 -14.73 28.25
N GLU C 283 7.72 -15.94 28.00
CA GLU C 283 7.19 -16.74 26.89
C GLU C 283 5.68 -16.95 27.06
N GLY C 284 5.24 -17.00 28.31
CA GLY C 284 3.85 -17.22 28.62
C GLY C 284 2.94 -16.08 28.21
N LEU C 285 3.56 -14.93 27.93
CA LEU C 285 2.82 -13.74 27.57
C LEU C 285 3.19 -13.36 26.14
N PHE C 286 4.47 -13.48 25.82
CA PHE C 286 4.99 -13.15 24.49
C PHE C 286 5.62 -14.37 23.82
N PRO C 287 4.84 -15.26 23.25
CA PRO C 287 5.38 -16.46 22.62
C PRO C 287 6.08 -16.29 21.27
N GLU C 288 7.02 -17.19 20.98
CA GLU C 288 7.67 -17.33 19.68
C GLU C 288 7.35 -16.29 18.64
N GLU C 290 3.14 -16.93 18.37
CA GLU C 290 3.08 -15.83 17.41
C GLU C 290 3.08 -14.48 18.13
N LYS C 291 1.93 -13.80 18.10
CA LYS C 291 1.78 -12.51 18.76
C LYS C 291 1.48 -12.63 20.26
N ALA C 292 1.54 -11.51 20.97
CA ALA C 292 1.29 -11.54 22.42
C ALA C 292 -0.10 -12.08 22.74
N HIS C 293 -0.21 -12.88 23.79
CA HIS C 293 -1.52 -13.41 24.17
C HIS C 293 -2.43 -12.34 24.77
N THR C 294 -1.84 -11.46 25.58
CA THR C 294 -2.61 -10.33 26.13
C THR C 294 -1.73 -9.09 26.25
N SER C 295 -2.21 -8.09 26.97
CA SER C 295 -1.40 -6.92 27.29
C SER C 295 -0.62 -7.12 28.60
N LEU C 296 0.18 -6.14 28.97
CA LEU C 296 1.07 -6.31 30.13
C LEU C 296 0.67 -5.34 31.23
N GLY C 297 0.71 -5.83 32.46
CA GLY C 297 0.38 -5.03 33.64
C GLY C 297 1.53 -5.00 34.63
N LEU C 298 2.09 -3.82 34.86
CA LEU C 298 3.23 -3.66 35.75
C LEU C 298 2.79 -3.11 37.11
N TYR C 299 2.91 -3.89 38.14
CA TYR C 299 2.52 -3.41 39.42
C TYR C 299 3.79 -2.85 39.98
N ARG C 300 3.77 -1.57 40.29
CA ARG C 300 4.85 -0.95 40.98
C ARG C 300 6.23 -0.68 40.43
N PRO C 301 6.30 -0.21 39.22
CA PRO C 301 7.60 0.12 38.62
C PRO C 301 8.29 1.21 39.40
N ASP C 302 7.58 1.87 40.30
CA ASP C 302 8.21 2.88 41.17
C ASP C 302 9.16 2.23 42.20
N TRP C 303 9.29 0.91 42.15
CA TRP C 303 10.42 0.20 42.78
C TRP C 303 11.72 0.93 42.55
N ALA C 304 11.88 1.45 41.34
CA ALA C 304 13.08 2.16 40.94
C ALA C 304 13.34 3.36 41.83
N PHE C 305 12.26 4.00 42.25
CA PHE C 305 12.33 5.17 43.12
C PHE C 305 12.51 4.75 44.56
N GLN C 306 11.68 3.79 44.98
CA GLN C 306 11.57 3.44 46.39
C GLN C 306 12.68 2.55 46.95
N SER C 307 13.40 1.87 46.07
CA SER C 307 14.53 1.06 46.49
C SER C 307 15.82 1.86 46.32
N SER C 308 15.70 3.11 45.91
CA SER C 308 16.89 3.95 45.71
C SER C 308 16.93 5.09 46.72
N GLU C 309 18.12 5.65 46.91
CA GLU C 309 18.31 6.75 47.85
C GLU C 309 18.55 8.05 47.12
N THR C 310 19.03 7.95 45.88
CA THR C 310 19.43 9.13 45.13
C THR C 310 18.83 9.19 43.73
N MET C 311 18.57 10.42 43.28
CA MET C 311 18.00 10.65 41.95
C MET C 311 18.76 9.89 40.85
N GLU C 312 20.09 9.80 40.96
CA GLU C 312 20.91 9.19 39.92
C GLU C 312 20.71 7.68 39.90
N ALA C 313 20.60 7.09 41.08
CA ALA C 313 20.37 5.66 41.18
C ALA C 313 18.94 5.32 40.73
N PHE C 314 18.00 6.19 41.07
CA PHE C 314 16.61 6.09 40.66
C PHE C 314 16.49 6.15 39.13
N TYR C 315 17.14 7.12 38.51
CA TYR C 315 17.17 7.22 37.06
C TYR C 315 17.87 6.08 36.35
N GLU C 316 18.91 5.51 36.97
CA GLU C 316 19.61 4.37 36.38
C GLU C 316 18.76 3.10 36.42
N LYS C 317 18.10 2.88 37.56
CA LYS C 317 17.20 1.74 37.68
C LYS C 317 16.02 1.82 36.73
N GLU C 318 15.57 3.03 36.40
CA GLU C 318 14.44 3.15 35.50
C GLU C 318 14.89 2.78 34.09
N LEU C 319 16.11 3.17 33.74
CA LEU C 319 16.66 2.83 32.45
C LEU C 319 16.84 1.32 32.31
N GLN C 320 17.45 0.71 33.32
CA GLN C 320 17.66 -0.73 33.35
C GLN C 320 16.35 -1.51 33.28
N PHE C 321 15.29 -0.91 33.81
CA PHE C 321 14.00 -1.57 33.93
C PHE C 321 13.19 -1.42 32.63
N TRP C 322 13.10 -0.19 32.13
CA TRP C 322 12.27 0.07 30.96
C TRP C 322 12.98 -0.19 29.62
N VAL C 323 14.31 -0.10 29.62
CA VAL C 323 15.09 -0.28 28.40
C VAL C 323 15.93 -1.56 28.43
N GLY C 324 16.43 -1.95 29.60
CA GLY C 324 17.20 -3.18 29.74
C GLY C 324 18.67 -2.95 30.04
N SER C 325 19.41 -4.04 30.23
CA SER C 325 20.83 -3.98 30.60
C SER C 325 21.71 -3.44 29.50
N THR C 326 21.17 -3.46 28.28
CA THR C 326 21.87 -2.97 27.11
C THR C 326 22.10 -1.45 27.15
N GLY C 327 21.15 -0.75 27.76
CA GLY C 327 21.15 0.70 27.75
C GLY C 327 20.79 1.23 26.37
N ASN C 328 20.28 0.34 25.54
CA ASN C 328 19.95 0.69 24.14
C ASN C 328 18.64 0.06 23.66
N PRO C 329 17.59 0.89 23.54
CA PRO C 329 16.27 0.39 23.18
C PRO C 329 16.27 -0.43 21.89
N ALA C 330 17.25 -0.22 21.03
CA ALA C 330 17.25 -0.83 19.71
C ALA C 330 17.97 -2.16 19.75
N GLU C 331 18.86 -2.32 20.72
CA GLU C 331 19.64 -3.55 20.85
C GLU C 331 19.32 -4.28 22.14
N THR C 332 18.15 -4.91 22.20
CA THR C 332 17.77 -5.60 23.44
C THR C 332 18.08 -7.09 23.43
N ASP C 333 18.40 -7.63 24.60
CA ASP C 333 18.78 -9.03 24.72
C ASP C 333 17.59 -9.85 25.20
N GLY C 334 16.89 -10.45 24.25
CA GLY C 334 15.69 -11.21 24.54
C GLY C 334 15.93 -12.49 25.34
N GLN C 335 17.19 -12.81 25.58
CA GLN C 335 17.57 -14.00 26.34
C GLN C 335 17.87 -13.65 27.80
N SER C 336 18.00 -12.35 28.06
CA SER C 336 18.21 -11.86 29.42
C SER C 336 17.01 -12.17 30.30
N ASN C 337 17.26 -12.36 31.59
CA ASN C 337 16.18 -12.50 32.56
C ASN C 337 15.24 -11.29 32.48
N TRP C 338 15.82 -10.11 32.26
CA TRP C 338 15.03 -8.91 32.11
C TRP C 338 15.40 -8.17 30.81
N PRO C 339 14.73 -8.52 29.71
CA PRO C 339 14.97 -7.89 28.40
C PRO C 339 14.58 -6.42 28.38
N GLY C 340 13.68 -6.00 29.28
CA GLY C 340 13.26 -4.60 29.36
C GLY C 340 12.03 -4.38 28.51
N MET C 341 11.28 -3.34 28.80
CA MET C 341 10.02 -3.12 28.11
C MET C 341 10.25 -2.81 26.61
N ALA C 342 11.38 -2.19 26.28
CA ALA C 342 11.66 -1.83 24.88
C ALA C 342 11.79 -3.07 24.03
N HIS C 343 12.05 -4.21 24.67
CA HIS C 343 12.11 -5.47 23.94
C HIS C 343 10.77 -5.82 23.32
N TRP C 344 9.68 -5.42 23.98
CA TRP C 344 8.33 -5.80 23.53
C TRP C 344 7.49 -4.63 23.03
N PHE C 345 7.78 -3.42 23.51
CA PHE C 345 6.87 -2.31 23.24
C PHE C 345 7.53 -1.20 22.48
N PRO C 346 6.91 -0.78 21.38
CA PRO C 346 7.41 0.40 20.68
C PRO C 346 7.35 1.59 21.62
N ALA C 347 8.33 2.47 21.56
CA ALA C 347 8.27 3.73 22.28
C ALA C 347 7.37 4.66 21.50
N LYS C 348 6.50 5.38 22.21
CA LYS C 348 5.67 6.38 21.56
C LYS C 348 6.18 7.77 21.89
N SER C 349 5.86 8.72 21.02
CA SER C 349 6.28 10.09 21.26
C SER C 349 5.11 11.01 21.00
N THR C 350 5.06 12.11 21.72
CA THR C 350 3.97 13.05 21.59
C THR C 350 4.50 14.33 20.97
N ALA C 351 5.70 14.22 20.42
CA ALA C 351 6.36 15.29 19.69
C ALA C 351 5.79 15.35 18.28
N THR C 352 4.49 15.62 18.22
CA THR C 352 3.71 15.39 17.01
C THR C 352 3.07 16.67 16.52
N SER C 353 3.47 17.77 17.12
CA SER C 353 2.80 19.05 16.86
C SER C 353 3.81 20.20 16.99
N VAL C 354 3.68 21.21 16.13
CA VAL C 354 4.54 22.38 16.23
C VAL C 354 3.79 23.51 16.97
N PRO C 355 4.48 24.21 17.89
CA PRO C 355 5.90 24.08 18.23
C PRO C 355 6.19 22.87 19.10
N PHE C 356 7.33 22.22 18.86
CA PHE C 356 7.80 21.24 19.81
C PHE C 356 8.96 21.84 20.57
N VAL C 357 8.84 21.86 21.90
CA VAL C 357 9.84 22.47 22.75
C VAL C 357 10.17 21.56 23.92
N THR C 358 11.46 21.43 24.21
CA THR C 358 11.87 20.72 25.40
C THR C 358 13.13 21.31 26.00
N HIS C 359 13.18 21.35 27.33
CA HIS C 359 14.32 21.88 28.06
C HIS C 359 14.97 20.77 28.88
N PHE C 360 14.52 19.55 28.61
CA PHE C 360 14.98 18.36 29.30
C PHE C 360 14.74 18.51 30.81
N ASN C 361 13.62 19.10 31.16
CA ASN C 361 13.24 19.22 32.55
C ASN C 361 12.70 17.86 32.99
N THR C 362 13.36 17.25 33.97
CA THR C 362 12.93 15.95 34.48
C THR C 362 11.81 16.05 35.53
N GLY C 363 11.45 17.25 35.94
CA GLY C 363 10.40 17.36 36.91
C GLY C 363 10.87 17.75 38.29
N SER C 364 12.16 17.56 38.58
CA SER C 364 12.72 18.07 39.82
C SER C 364 14.15 18.53 39.64
N GLY C 365 14.71 19.17 40.66
CA GLY C 365 16.04 19.72 40.58
C GLY C 365 16.62 20.12 41.92
N ALA C 366 17.94 20.29 41.97
CA ALA C 366 18.58 20.71 43.20
C ALA C 366 18.68 22.22 43.17
N GLN C 367 18.15 22.80 42.09
CA GLN C 367 18.38 24.19 41.81
C GLN C 367 17.42 24.51 40.66
N PHE C 368 17.15 25.79 40.43
CA PHE C 368 16.32 26.16 39.28
C PHE C 368 16.98 27.31 38.48
N SER C 369 17.16 27.07 37.18
CA SER C 369 17.77 28.05 36.28
C SER C 369 16.75 28.72 35.35
N ALA C 370 17.04 29.97 34.99
CA ALA C 370 16.34 30.69 33.92
C ALA C 370 17.39 31.26 33.00
N GLU C 371 17.26 30.96 31.71
CA GLU C 371 18.24 31.38 30.72
C GLU C 371 19.65 31.08 31.19
N GLY C 372 19.83 29.92 31.83
CA GLY C 372 21.16 29.47 32.21
C GLY C 372 21.72 30.03 33.51
N LYS C 373 20.98 30.93 34.15
CA LYS C 373 21.37 31.45 35.47
C LYS C 373 20.51 30.90 36.61
N THR C 374 21.16 30.48 37.69
CA THR C 374 20.40 30.02 38.84
C THR C 374 19.53 31.14 39.43
N VAL C 375 18.24 30.88 39.59
CA VAL C 375 17.33 31.90 40.14
C VAL C 375 16.67 31.39 41.44
N SER C 376 17.06 30.19 41.84
CA SER C 376 16.76 29.67 43.15
C SER C 376 17.71 28.53 43.42
N GLU C 377 18.27 28.48 44.63
CA GLU C 377 19.20 27.41 44.98
C GLU C 377 18.50 26.23 45.66
N GLN C 378 17.17 26.31 45.77
CA GLN C 378 16.40 25.33 46.53
C GLN C 378 16.02 24.07 45.74
N GLU C 379 16.00 22.94 46.43
CA GLU C 379 15.46 21.73 45.81
C GLU C 379 14.05 22.06 45.40
N TRP C 380 13.56 21.42 44.35
CA TRP C 380 12.17 21.61 43.96
C TRP C 380 11.79 20.40 43.15
N ASN C 381 10.52 20.02 43.24
CA ASN C 381 9.91 19.18 42.23
C ASN C 381 8.59 19.80 41.82
N ASN C 382 8.26 19.63 40.56
CA ASN C 382 7.00 20.06 40.05
C ASN C 382 6.85 19.37 38.71
N ARG C 383 6.28 18.18 38.74
CA ARG C 383 6.16 17.37 37.56
C ARG C 383 5.29 17.96 36.45
N SER C 384 4.59 19.05 36.75
CA SER C 384 3.90 19.85 35.69
C SER C 384 4.91 20.45 34.71
N LEU C 385 6.18 20.53 35.11
CA LEU C 385 7.20 21.17 34.32
C LEU C 385 8.06 20.12 33.66
N GLN C 386 7.77 18.85 33.92
CA GLN C 386 8.50 17.80 33.23
C GLN C 386 8.24 17.89 31.73
N ASP C 387 9.31 18.02 30.96
CA ASP C 387 9.23 18.05 29.52
C ASP C 387 9.01 16.64 28.94
N VAL C 388 8.63 16.61 27.68
CA VAL C 388 8.66 15.39 26.90
C VAL C 388 10.13 15.06 26.69
N LEU C 389 10.56 13.92 27.23
CA LEU C 389 11.96 13.57 27.28
C LEU C 389 12.30 12.62 26.13
N PRO C 390 13.60 12.41 25.84
CA PRO C 390 13.96 11.59 24.67
C PRO C 390 13.27 10.25 24.53
N THR C 391 12.65 10.04 23.38
CA THR C 391 12.13 8.75 22.97
C THR C 391 13.08 7.60 23.26
N TRP C 392 14.36 7.81 22.98
CA TRP C 392 15.35 6.74 23.09
C TRP C 392 16.38 6.94 24.21
N ARG C 393 16.60 5.91 25.04
CA ARG C 393 17.55 6.01 26.14
C ARG C 393 18.38 4.76 26.18
N TRP C 394 19.51 4.75 25.48
CA TRP C 394 19.97 5.84 24.64
C TRP C 394 20.52 5.23 23.36
N ILE C 395 20.42 5.95 22.25
CA ILE C 395 20.93 5.46 20.97
C ILE C 395 22.05 6.36 20.43
N GLN C 396 23.30 5.91 20.54
CA GLN C 396 24.42 6.66 19.95
C GLN C 396 25.21 5.84 18.93
N HIS C 397 25.96 6.56 18.10
CA HIS C 397 26.86 5.92 17.16
C HIS C 397 28.23 6.60 17.25
N GLY C 398 29.28 5.79 17.37
CA GLY C 398 30.62 6.31 17.44
C GLY C 398 31.00 7.00 18.74
N GLY C 399 32.29 7.19 18.93
CA GLY C 399 32.83 7.74 20.16
C GLY C 399 32.74 6.75 21.31
N ASP C 400 33.31 7.13 22.46
CA ASP C 400 33.12 6.39 23.69
C ASP C 400 32.41 7.33 24.69
N LEU C 401 31.15 7.58 24.41
CA LEU C 401 30.38 8.57 25.13
C LEU C 401 29.27 7.96 25.97
N GLU C 402 28.86 8.67 27.00
CA GLU C 402 27.71 8.29 27.79
C GLU C 402 26.70 9.43 27.81
N ALA C 403 25.41 9.09 27.82
CA ALA C 403 24.37 10.11 27.92
C ALA C 403 23.51 9.83 29.13
N THR C 404 23.18 10.89 29.86
CA THR C 404 22.39 10.77 31.06
C THR C 404 21.80 12.15 31.33
N PHE C 405 20.92 12.25 32.31
CA PHE C 405 20.45 13.57 32.74
C PHE C 405 21.42 14.10 33.76
N SER C 406 21.63 15.40 33.73
CA SER C 406 22.48 16.05 34.72
C SER C 406 21.63 17.02 35.51
N TRP C 407 21.85 17.10 36.81
CA TRP C 407 21.19 18.09 37.65
C TRP C 407 22.18 19.15 38.12
N GLU C 408 23.33 19.18 37.45
CA GLU C 408 24.40 20.14 37.74
C GLU C 408 24.26 21.36 36.86
N GLU C 409 23.69 21.16 35.69
CA GLU C 409 23.62 22.22 34.71
C GLU C 409 22.22 22.31 34.21
N ALA C 410 21.71 23.53 34.06
CA ALA C 410 20.38 23.70 33.48
C ALA C 410 20.29 25.03 32.77
N PHE C 411 19.49 25.07 31.71
CA PHE C 411 19.16 26.32 31.03
C PHE C 411 17.77 26.82 31.41
N GLU C 412 16.80 25.92 31.45
CA GLU C 412 15.50 26.27 31.98
C GLU C 412 15.02 25.18 32.89
N GLY C 413 14.86 25.46 34.18
CA GLY C 413 14.47 24.39 35.09
C GLY C 413 15.65 23.87 35.87
N GLY C 414 15.73 22.55 36.05
CA GLY C 414 16.68 21.99 36.98
C GLY C 414 17.57 20.88 36.46
N SER C 415 17.46 20.60 35.16
CA SER C 415 18.26 19.55 34.53
C SER C 415 18.63 19.85 33.09
N SER C 416 19.64 19.14 32.63
CA SER C 416 20.01 19.18 31.22
C SER C 416 20.29 17.76 30.78
N LEU C 417 20.41 17.56 29.47
CA LEU C 417 20.88 16.30 28.91
C LEU C 417 22.40 16.35 28.79
N GLN C 418 23.08 15.44 29.49
CA GLN C 418 24.54 15.39 29.47
C GLN C 418 25.06 14.32 28.50
N TRP C 419 25.98 14.73 27.64
CA TRP C 419 26.55 13.82 26.68
C TRP C 419 28.05 14.01 26.78
N HIS C 420 28.74 12.99 27.29
CA HIS C 420 30.12 13.19 27.76
C HIS C 420 30.97 11.92 27.69
N GLY C 421 32.28 12.12 27.59
CA GLY C 421 33.21 11.01 27.51
C GLY C 421 34.38 11.28 26.59
N SER C 422 34.82 10.23 25.89
CA SER C 422 35.96 10.35 24.99
C SER C 422 35.49 10.41 23.55
N LEU C 423 36.01 11.39 22.83
CA LEU C 423 35.79 11.48 21.40
C LEU C 423 37.12 11.91 20.77
N ALA C 424 37.77 10.99 20.07
CA ALA C 424 39.07 11.26 19.46
C ALA C 424 38.97 12.30 18.33
N GLU C 425 40.01 13.10 18.18
CA GLU C 425 40.07 14.11 17.13
C GLU C 425 39.63 13.53 15.78
N GLY C 426 38.76 14.25 15.08
CA GLY C 426 38.29 13.81 13.78
C GLY C 426 37.16 12.80 13.80
N GLU C 427 36.97 12.02 14.84
CA GLU C 427 35.92 11.01 15.00
C GLU C 427 34.52 11.64 15.17
N HIS C 428 33.52 11.10 14.65
CA HIS C 428 32.16 11.62 14.69
C HIS C 428 31.29 10.79 15.62
N ALA C 429 30.36 11.45 16.31
CA ALA C 429 29.40 10.76 17.16
C ALA C 429 28.03 11.36 16.98
N GLN C 430 27.03 10.50 16.98
CA GLN C 430 25.65 10.96 16.94
C GLN C 430 24.82 10.35 18.07
N ILE C 431 23.81 11.11 18.49
CA ILE C 431 22.86 10.60 19.44
C ILE C 431 21.47 10.92 18.89
N GLU C 432 20.70 9.87 18.63
CA GLU C 432 19.33 10.01 18.16
C GLU C 432 18.36 10.06 19.35
N LEU C 433 17.63 11.17 19.47
CA LEU C 433 16.89 11.47 20.69
C LEU C 433 15.39 11.28 20.55
N TYR C 434 14.79 11.81 19.49
CA TYR C 434 13.33 11.84 19.38
C TYR C 434 12.76 11.22 18.12
N GLN C 435 11.75 10.36 18.31
CA GLN C 435 10.81 10.05 17.25
C GLN C 435 9.82 11.21 17.23
N THR C 436 9.49 11.71 16.05
CA THR C 436 8.64 12.90 15.96
C THR C 436 7.71 12.86 14.75
N GLU C 437 6.86 13.86 14.67
CA GLU C 437 6.03 14.06 13.47
C GLU C 437 5.68 15.52 13.40
N LEU C 438 6.64 16.31 12.90
CA LEU C 438 6.53 17.77 12.93
C LEU C 438 6.53 18.29 11.51
N PRO C 439 5.37 18.80 11.07
CA PRO C 439 5.20 19.43 9.76
C PRO C 439 6.04 20.69 9.69
N ILE C 440 6.98 20.77 8.76
CA ILE C 440 7.73 21.99 8.56
C ILE C 440 6.99 22.97 7.65
N SER C 441 6.92 24.22 8.07
CA SER C 441 6.37 25.27 7.23
C SER C 441 7.29 26.48 7.31
N GLU C 442 7.13 27.42 6.40
CA GLU C 442 7.95 28.62 6.44
C GLU C 442 7.81 29.33 7.78
N GLY C 443 8.92 29.85 8.29
CA GLY C 443 8.94 30.48 9.59
C GLY C 443 9.30 29.51 10.70
N THR C 444 9.38 28.23 10.37
CA THR C 444 9.71 27.20 11.33
C THR C 444 11.22 27.06 11.43
N SER C 445 11.76 27.21 12.64
CA SER C 445 13.19 27.04 12.88
C SER C 445 13.54 25.92 13.85
N LEU C 446 14.75 25.38 13.71
CA LEU C 446 15.32 24.49 14.72
C LEU C 446 16.25 25.28 15.63
N THR C 447 15.94 25.35 16.93
CA THR C 447 16.87 25.95 17.87
C THR C 447 17.38 24.92 18.89
N TRP C 448 18.57 25.14 19.42
CA TRP C 448 19.06 24.29 20.50
C TRP C 448 20.12 25.01 21.31
N THR C 449 20.28 24.58 22.57
CA THR C 449 21.09 25.35 23.51
C THR C 449 21.95 24.43 24.38
N PHE C 450 23.26 24.67 24.36
CA PHE C 450 24.17 23.76 25.02
C PHE C 450 25.36 24.50 25.60
N LYS C 451 26.06 23.83 26.51
CA LYS C 451 27.41 24.21 26.94
C LYS C 451 28.33 23.14 26.44
N SER C 452 29.56 23.50 26.10
CA SER C 452 30.55 22.50 25.75
C SER C 452 31.84 22.72 26.52
N GLU C 453 32.19 21.79 27.41
CA GLU C 453 33.36 21.93 28.28
C GLU C 453 34.69 21.86 27.54
N HIS C 454 34.68 21.34 26.33
CA HIS C 454 35.92 21.17 25.57
C HIS C 454 35.86 21.87 24.22
N ASP C 455 34.87 22.73 24.06
CA ASP C 455 34.77 23.59 22.89
C ASP C 455 34.24 22.92 21.60
N ASN C 456 34.15 21.60 21.53
CA ASN C 456 33.45 21.02 20.36
C ASN C 456 32.13 21.74 20.12
N ASP C 457 31.72 21.87 18.86
CA ASP C 457 30.41 22.46 18.56
C ASP C 457 29.41 21.32 18.62
N LEU C 458 28.14 21.65 18.84
CA LEU C 458 27.10 20.63 18.88
C LEU C 458 26.17 20.78 17.68
N ASN C 459 26.19 19.82 16.77
CA ASN C 459 25.36 19.90 15.57
C ASN C 459 23.99 19.36 15.87
N VAL C 460 22.97 19.85 15.16
CA VAL C 460 21.65 19.27 15.26
C VAL C 460 21.43 18.22 14.19
N GLY C 461 20.56 17.26 14.47
CA GLY C 461 20.24 16.22 13.51
C GLY C 461 18.74 16.16 13.36
N PHE C 462 18.27 16.14 12.12
CA PHE C 462 16.85 15.93 11.85
C PHE C 462 16.63 14.92 10.71
N ARG C 463 15.66 14.05 10.89
CA ARG C 463 15.30 13.06 9.90
C ARG C 463 13.98 13.47 9.25
N LEU C 464 13.93 13.40 7.92
CA LEU C 464 12.73 13.78 7.20
C LEU C 464 11.97 12.55 6.75
N ASP C 465 10.67 12.64 6.66
CA ASP C 465 9.86 11.53 6.24
C ASP C 465 10.41 10.85 5.02
N ASP C 469 18.01 7.73 7.69
CA ASP C 469 19.21 8.58 7.86
C ASP C 469 18.93 9.99 8.34
N PHE C 470 19.62 10.43 9.38
CA PHE C 470 19.49 11.81 9.89
C PHE C 470 20.37 12.78 9.09
N ARG C 471 19.91 14.00 8.91
CA ARG C 471 20.73 15.09 8.38
C ARG C 471 21.39 15.78 9.52
N TYR C 472 22.69 15.75 9.56
CA TYR C 472 23.41 16.54 10.55
C TYR C 472 24.01 17.82 9.97
N VAL C 473 23.62 18.95 10.52
CA VAL C 473 24.07 20.25 10.04
C VAL C 473 24.40 21.14 11.22
N GLU C 474 25.21 22.17 10.98
CA GLU C 474 25.49 23.13 12.03
C GLU C 474 24.54 24.30 11.96
N GLY C 475 24.30 24.94 13.09
CA GLY C 475 23.38 26.06 13.15
C GLY C 475 23.80 27.18 12.24
N GLU C 476 22.88 28.11 12.01
CA GLU C 476 23.12 29.23 11.11
C GLU C 476 23.45 30.49 11.92
N GLN C 477 22.65 30.74 12.96
CA GLN C 477 22.84 31.93 13.78
C GLN C 477 23.18 31.54 15.22
N ARG C 478 24.30 32.03 15.72
CA ARG C 478 24.76 31.67 17.04
C ARG C 478 24.47 32.79 18.03
N GLU C 479 24.16 32.43 19.27
CA GLU C 479 23.96 33.43 20.31
C GLU C 479 24.44 32.94 21.68
N SER C 480 25.08 33.84 22.41
CA SER C 480 25.57 33.49 23.73
C SER C 480 24.64 34.03 24.79
N ILE C 481 24.27 33.15 25.72
CA ILE C 481 23.35 33.49 26.78
C ILE C 481 23.87 32.88 28.08
N ASN C 482 24.40 33.73 28.94
CA ASN C 482 24.90 33.26 30.23
C ASN C 482 25.74 31.98 30.17
N GLY C 483 26.61 31.88 29.18
CA GLY C 483 27.55 30.78 29.10
C GLY C 483 27.05 29.67 28.22
N TRP C 484 25.80 29.78 27.78
CA TRP C 484 25.20 28.79 26.87
C TRP C 484 25.24 29.28 25.45
N THR C 485 25.40 28.33 24.52
CA THR C 485 25.37 28.64 23.09
C THR C 485 24.03 28.22 22.51
N GLN C 486 23.32 29.18 21.93
CA GLN C 486 22.07 28.87 21.26
C GLN C 486 22.18 29.02 19.75
N TRP C 487 22.03 27.90 19.04
CA TRP C 487 21.97 27.91 17.58
C TRP C 487 20.54 28.04 17.09
N THR C 488 20.36 28.73 15.97
CA THR C 488 19.10 28.73 15.26
C THR C 488 19.35 28.27 13.83
N LEU C 489 18.59 27.28 13.38
CA LEU C 489 18.71 26.78 12.02
C LEU C 489 17.36 26.89 11.32
N PRO C 490 17.21 27.88 10.42
CA PRO C 490 15.96 28.00 9.67
C PRO C 490 15.71 26.77 8.83
N LEU C 491 14.45 26.39 8.72
CA LEU C 491 14.11 25.18 8.01
C LEU C 491 13.21 25.50 6.82
N ASP C 492 13.16 26.77 6.41
CA ASP C 492 12.27 27.19 5.33
C ASP C 492 12.49 26.40 4.05
N ALA C 493 13.75 26.04 3.79
CA ALA C 493 14.10 25.22 2.65
C ALA C 493 13.42 23.86 2.62
N PHE C 494 12.79 23.50 3.73
CA PHE C 494 12.16 22.18 3.85
C PHE C 494 10.64 22.25 4.05
N ALA C 495 10.06 23.44 3.95
CA ALA C 495 8.63 23.61 4.13
C ALA C 495 7.86 22.60 3.28
N GLY C 496 6.84 21.99 3.86
CA GLY C 496 6.09 20.97 3.16
C GLY C 496 6.57 19.59 3.53
N GLN C 497 7.76 19.53 4.12
CA GLN C 497 8.33 18.26 4.59
C GLN C 497 7.92 17.99 6.04
N THR C 498 8.17 16.77 6.51
CA THR C 498 7.86 16.43 7.89
C THR C 498 9.06 15.81 8.60
N ILE C 499 9.44 16.42 9.72
CA ILE C 499 10.50 15.85 10.56
C ILE C 499 9.95 14.69 11.35
N THR C 500 10.66 13.58 11.31
CA THR C 500 10.23 12.37 11.99
C THR C 500 11.24 12.01 13.06
N GLY C 501 12.27 12.84 13.22
CA GLY C 501 13.31 12.51 14.18
C GLY C 501 14.26 13.64 14.49
N LEU C 502 14.68 13.73 15.74
CA LEU C 502 15.60 14.76 16.18
C LEU C 502 16.80 14.07 16.82
N ALA C 503 17.97 14.68 16.65
CA ALA C 503 19.25 14.11 17.09
C ALA C 503 20.32 15.19 17.31
N PHE C 504 21.46 14.79 17.84
CA PHE C 504 22.64 15.68 17.91
C PHE C 504 23.89 14.96 17.40
N ALA C 505 24.88 15.73 16.99
CA ALA C 505 26.14 15.13 16.53
C ALA C 505 27.32 16.02 16.86
N ALA C 506 28.46 15.40 17.14
CA ALA C 506 29.65 16.15 17.47
C ALA C 506 30.88 15.55 16.81
N GLU C 507 31.90 16.38 16.64
CA GLU C 507 33.20 15.95 16.12
C GLU C 507 34.26 16.16 17.19
N GLY C 508 35.05 15.13 17.45
CA GLY C 508 36.09 15.22 18.46
C GLY C 508 37.20 16.15 17.98
N ASN C 509 37.86 16.80 18.93
CA ASN C 509 38.97 17.65 18.60
C ASN C 509 40.23 17.16 19.29
N GLU C 510 41.29 17.97 19.25
CA GLU C 510 42.60 17.59 19.78
C GLU C 510 42.52 17.15 21.25
N THR C 511 41.59 17.76 21.97
CA THR C 511 41.32 17.41 23.34
C THR C 511 41.07 15.91 23.54
N GLY C 512 40.36 15.28 22.60
CA GLY C 512 39.99 13.89 22.74
C GLY C 512 38.83 13.65 23.70
N LEU C 513 38.34 14.74 24.30
CA LEU C 513 37.24 14.69 25.25
C LEU C 513 36.02 15.43 24.71
N ALA C 514 34.83 14.96 25.10
CA ALA C 514 33.63 15.73 24.83
C ALA C 514 32.77 15.77 26.08
N GLU C 515 32.21 16.94 26.37
CA GLU C 515 31.29 17.07 27.49
C GLU C 515 30.26 18.13 27.17
N PHE C 516 29.11 17.67 26.69
CA PHE C 516 28.03 18.58 26.35
C PHE C 516 26.94 18.57 27.44
N TYR C 517 26.32 19.73 27.65
CA TYR C 517 25.08 19.84 28.38
C TYR C 517 24.12 20.57 27.48
N THR C 518 22.97 19.97 27.22
CA THR C 518 22.02 20.58 26.30
C THR C 518 20.77 20.86 27.09
N GLY C 519 20.29 22.09 27.04
CA GLY C 519 19.24 22.55 27.94
C GLY C 519 18.03 23.07 27.20
N GLN C 520 18.06 23.00 25.88
CA GLN C 520 16.88 23.34 25.11
C GLN C 520 17.03 22.82 23.69
N LEU C 521 15.91 22.35 23.14
CA LEU C 521 15.82 21.89 21.77
C LEU C 521 14.39 22.21 21.32
N ALA C 522 14.22 22.73 20.11
CA ALA C 522 12.88 23.13 19.67
C ALA C 522 12.74 23.25 18.17
N VAL C 523 11.54 22.91 17.71
CA VAL C 523 11.12 23.14 16.34
C VAL C 523 9.90 24.04 16.39
N GLY C 524 9.97 25.22 15.80
CA GLY C 524 8.86 26.17 15.83
C GLY C 524 9.26 27.62 15.58
N PRO C 530 3.38 36.81 25.28
CA PRO C 530 2.18 36.62 26.11
C PRO C 530 1.94 37.85 26.97
N ALA C 531 0.67 38.13 27.27
CA ALA C 531 0.31 39.30 28.07
C ALA C 531 0.75 39.09 29.52
N ALA C 532 1.12 40.17 30.19
CA ALA C 532 1.35 40.11 31.62
C ALA C 532 0.12 39.50 32.27
N PRO C 533 0.32 38.52 33.16
CA PRO C 533 -0.80 37.81 33.79
C PRO C 533 -1.64 38.76 34.63
N ASN C 534 -2.95 38.62 34.55
CA ASN C 534 -3.83 39.43 35.40
C ASN C 534 -4.02 38.72 36.74
N VAL C 535 -3.33 39.21 37.76
CA VAL C 535 -3.18 38.46 39.00
C VAL C 535 -3.88 39.09 40.18
N ASN C 536 -4.63 38.27 40.90
CA ASN C 536 -5.26 38.69 42.13
C ASN C 536 -4.73 37.94 43.35
N VAL C 537 -4.59 38.66 44.46
CA VAL C 537 -4.23 38.03 45.72
C VAL C 537 -5.51 37.64 46.45
N ARG C 538 -5.70 36.34 46.69
CA ARG C 538 -6.87 35.87 47.43
C ARG C 538 -6.46 35.15 48.71
N GLN C 539 -7.39 35.05 49.65
CA GLN C 539 -7.20 34.23 50.85
C GLN C 539 -7.11 32.75 50.48
N TYR C 540 -6.17 32.04 51.08
CA TYR C 540 -6.29 30.58 51.14
C TYR C 540 -6.82 30.28 52.54
N ASP C 541 -8.13 30.11 52.63
CA ASP C 541 -8.83 30.04 53.92
C ASP C 541 -8.15 29.17 54.97
N PRO C 542 -7.77 27.94 54.60
CA PRO C 542 -7.24 27.05 55.66
C PRO C 542 -5.95 27.57 56.29
N ASP C 543 -5.29 28.50 55.61
CA ASP C 543 -4.06 29.08 56.11
C ASP C 543 -4.07 30.61 56.05
N PRO C 544 -4.59 31.25 57.11
CA PRO C 544 -4.36 32.69 57.19
C PRO C 544 -2.86 32.83 57.27
N SER C 545 -2.30 33.99 56.98
CA SER C 545 -0.83 34.12 56.97
C SER C 545 -0.18 33.44 55.76
N GLY C 546 -0.98 32.70 54.99
CA GLY C 546 -0.61 32.28 53.66
C GLY C 546 -1.55 33.00 52.71
N ILE C 547 -1.25 32.95 51.41
CA ILE C 547 -2.10 33.56 50.37
C ILE C 547 -2.07 32.71 49.12
N GLN C 548 -2.98 32.97 48.20
CA GLN C 548 -2.88 32.36 46.88
C GLN C 548 -2.98 33.43 45.78
N LEU C 549 -2.14 33.31 44.78
CA LEU C 549 -2.21 34.17 43.60
C LEU C 549 -3.07 33.45 42.59
N VAL C 550 -4.07 34.15 42.04
CA VAL C 550 -4.97 33.56 41.09
C VAL C 550 -5.01 34.41 39.84
N TRP C 551 -4.83 33.78 38.69
CA TRP C 551 -4.87 34.47 37.40
C TRP C 551 -5.85 33.78 36.45
N GLU C 552 -6.06 34.36 35.27
CA GLU C 552 -7.04 33.82 34.33
C GLU C 552 -6.45 32.75 33.42
N ASN C 556 -2.08 29.23 25.38
CA ASN C 556 -0.99 30.16 25.11
C ASN C 556 0.23 29.92 26.01
N VAL C 557 -0.05 29.60 27.27
CA VAL C 557 0.96 29.66 28.32
C VAL C 557 1.39 28.30 28.85
N HIS C 558 2.69 28.06 28.92
CA HIS C 558 3.15 26.79 29.44
C HIS C 558 3.11 26.77 30.97
N HIS C 559 3.59 27.82 31.60
CA HIS C 559 3.58 27.87 33.06
C HIS C 559 3.90 29.29 33.54
N TYR C 560 3.65 29.54 34.82
CA TYR C 560 3.89 30.83 35.44
C TYR C 560 5.02 30.74 36.45
N ARG C 561 5.81 31.80 36.55
CA ARG C 561 6.91 31.89 37.51
C ARG C 561 6.66 33.03 38.48
N VAL C 562 6.78 32.77 39.78
CA VAL C 562 6.64 33.83 40.77
C VAL C 562 8.00 34.11 41.38
N TYR C 563 8.47 35.34 41.18
CA TYR C 563 9.71 35.81 41.79
C TYR C 563 9.39 36.72 42.95
N LYS C 564 10.24 36.69 43.97
CA LYS C 564 10.16 37.72 44.99
C LYS C 564 11.49 38.49 45.04
N GLU C 565 11.38 39.79 45.29
CA GLU C 565 12.55 40.65 45.36
C GLU C 565 13.32 40.41 46.66
N THR C 566 14.64 40.32 46.57
CA THR C 566 15.48 40.22 47.77
C THR C 566 16.69 41.12 47.66
N LYS C 567 17.41 41.27 48.75
CA LYS C 567 18.63 42.06 48.77
C LYS C 567 19.69 41.45 47.85
N HIS C 568 19.46 40.21 47.43
CA HIS C 568 20.39 39.49 46.56
C HIS C 568 19.83 39.21 45.16
N GLY C 569 18.94 40.08 44.69
CA GLY C 569 18.36 39.95 43.37
C GLY C 569 17.01 39.26 43.39
N LYS C 570 16.45 38.99 42.22
CA LYS C 570 15.15 38.31 42.11
C LYS C 570 15.31 36.82 42.40
N GLU C 571 14.41 36.27 43.17
CA GLU C 571 14.40 34.83 43.45
C GLU C 571 13.11 34.19 42.99
N LEU C 572 13.33 33.06 42.41
CA LEU C 572 12.18 32.22 42.07
C LEU C 572 11.65 31.53 43.33
N ILE C 573 10.37 31.67 43.64
CA ILE C 573 9.80 31.03 44.82
C ILE C 573 8.62 30.13 44.47
N GLY C 574 8.24 30.12 43.20
CA GLY C 574 7.06 29.37 42.81
C GLY C 574 6.90 29.21 41.32
N THR C 575 6.31 28.09 40.93
CA THR C 575 5.96 27.82 39.55
C THR C 575 4.59 27.17 39.55
N SER C 576 3.79 27.48 38.54
CA SER C 576 2.49 26.85 38.40
C SER C 576 2.13 26.71 36.94
N ALA C 577 1.55 25.56 36.60
CA ALA C 577 1.03 25.31 35.26
C ALA C 577 -0.48 25.37 35.29
N GLY C 578 -1.02 25.80 36.42
CA GLY C 578 -2.46 25.92 36.60
C GLY C 578 -2.87 27.39 36.61
N ASP C 579 -3.94 27.70 37.33
CA ASP C 579 -4.43 29.09 37.36
C ASP C 579 -4.17 29.80 38.68
N ARG C 580 -3.42 29.15 39.57
CA ARG C 580 -3.10 29.75 40.86
C ARG C 580 -1.86 29.13 41.50
N ILE C 581 -1.42 29.73 42.59
CA ILE C 581 -0.34 29.16 43.37
C ILE C 581 -0.47 29.63 44.81
N TYR C 582 -0.19 28.71 45.73
CA TYR C 582 -0.22 29.03 47.14
C TYR C 582 1.19 29.37 47.62
N ILE C 583 1.30 30.47 48.33
CA ILE C 583 2.52 30.93 48.94
C ILE C 583 2.37 31.02 50.43
N GLU C 584 3.19 30.29 51.16
CA GLU C 584 3.17 30.37 52.59
C GLU C 584 3.81 31.61 53.13
N GLY C 585 3.42 31.95 54.33
CA GLY C 585 4.06 33.01 55.10
C GLY C 585 4.02 34.46 54.61
N LEU C 586 3.39 34.73 53.50
CA LEU C 586 3.35 36.06 53.02
C LEU C 586 2.56 37.03 53.85
N VAL C 587 1.51 36.59 54.53
CA VAL C 587 0.74 37.49 55.39
C VAL C 587 1.46 37.93 56.66
N GLU C 588 2.50 37.23 57.06
CA GLU C 588 3.45 37.75 58.03
C GLU C 588 4.69 38.09 57.22
N GLU C 589 4.93 39.36 56.97
CA GLU C 589 6.03 39.76 56.16
C GLU C 589 5.39 40.84 55.31
N VAL C 595 7.26 43.21 50.81
CA VAL C 595 7.23 42.01 49.97
C VAL C 595 6.71 42.27 48.56
N ARG C 596 7.62 42.43 47.60
CA ARG C 596 7.25 42.64 46.21
C ARG C 596 7.37 41.34 45.39
N LEU C 597 6.32 41.00 44.66
CA LEU C 597 6.33 39.80 43.82
C LEU C 597 6.27 40.15 42.36
N HIS C 598 6.70 39.21 41.53
CA HIS C 598 6.68 39.40 40.08
C HIS C 598 6.23 38.11 39.44
N ILE C 599 5.10 38.17 38.74
CA ILE C 599 4.56 37.02 38.06
C ILE C 599 4.70 37.16 36.56
N GLU C 600 5.37 36.19 35.94
CA GLU C 600 5.49 36.19 34.50
C GLU C 600 4.86 34.94 33.95
N ALA C 601 4.26 35.06 32.77
CA ALA C 601 3.77 33.90 32.05
C ALA C 601 4.80 33.54 30.99
N LEU C 602 5.09 32.25 30.85
CA LEU C 602 6.00 31.81 29.79
C LEU C 602 5.20 31.06 28.74
N SER C 603 5.42 31.42 27.48
CA SER C 603 4.68 30.78 26.39
C SER C 603 5.15 29.35 26.23
N GLU C 604 4.52 28.60 25.34
CA GLU C 604 5.01 27.28 24.98
C GLU C 604 6.45 27.33 24.47
N THR C 605 6.84 28.45 23.88
CA THR C 605 8.19 28.62 23.36
C THR C 605 9.11 29.19 24.44
N PHE C 606 8.57 29.34 25.63
CA PHE C 606 9.33 29.87 26.78
C PHE C 606 9.70 31.36 26.64
N VAL C 607 8.95 32.07 25.81
CA VAL C 607 9.04 33.52 25.79
C VAL C 607 8.33 34.07 27.02
N PRO C 608 9.04 34.86 27.82
CA PRO C 608 8.40 35.37 29.03
C PRO C 608 7.60 36.61 28.72
N SER C 609 6.51 36.77 29.47
CA SER C 609 5.71 37.94 29.47
C SER C 609 6.34 38.98 30.33
N ASP C 610 5.86 40.19 30.21
CA ASP C 610 6.27 41.18 31.14
C ASP C 610 5.73 40.68 32.47
N ALA C 611 6.46 40.95 33.53
CA ALA C 611 6.03 40.50 34.83
C ALA C 611 5.06 41.48 35.44
N ARG C 612 3.92 40.98 35.91
CA ARG C 612 2.97 41.73 36.70
C ARG C 612 3.58 41.95 38.08
N MET C 613 3.46 43.12 38.62
CA MET C 613 3.93 43.33 39.94
C MET C 613 2.76 43.20 40.90
N ILE C 614 3.00 42.53 42.02
CA ILE C 614 2.04 42.41 43.09
C ILE C 614 2.70 42.90 44.38
N ASP C 615 2.02 43.77 45.08
CA ASP C 615 2.57 44.53 46.19
C ASP C 615 2.11 44.09 47.55
N THR D 2 -55.73 22.29 15.27
CA THR D 2 -56.39 21.21 15.99
C THR D 2 -55.48 20.53 17.01
N TYR D 3 -54.17 20.60 16.79
CA TYR D 3 -53.22 19.95 17.69
C TYR D 3 -52.95 20.81 18.92
N ASN D 4 -53.21 20.26 20.09
CA ASN D 4 -53.01 21.01 21.33
C ASN D 4 -51.95 20.36 22.21
N GLY D 5 -51.04 19.61 21.58
CA GLY D 5 -50.07 18.87 22.34
C GLY D 5 -48.85 19.72 22.56
N PRO D 6 -47.79 19.12 23.15
CA PRO D 6 -46.48 19.75 23.38
C PRO D 6 -45.83 20.10 22.04
N LEU D 7 -45.08 21.21 22.03
CA LEU D 7 -44.47 21.69 20.82
C LEU D 7 -42.99 21.88 21.05
N SER D 8 -42.22 21.64 19.99
CA SER D 8 -40.81 21.94 19.96
C SER D 8 -40.61 23.44 20.20
N SER D 9 -39.60 23.75 21.02
CA SER D 9 -39.37 25.09 21.52
C SER D 9 -38.75 26.03 20.47
N HIS D 10 -38.86 27.33 20.72
CA HIS D 10 -38.26 28.39 19.96
C HIS D 10 -38.36 29.64 20.82
N TRP D 11 -37.35 30.48 20.81
CA TRP D 11 -37.41 31.67 21.63
C TRP D 11 -36.89 32.90 20.93
N PHE D 12 -37.44 34.04 21.23
CA PHE D 12 -36.71 35.31 21.08
C PHE D 12 -35.85 35.44 22.33
N PRO D 13 -34.79 36.27 22.28
CA PRO D 13 -33.84 36.33 23.41
C PRO D 13 -34.46 36.60 24.79
N GLU D 14 -35.50 37.42 24.90
CA GLU D 14 -36.10 37.68 26.20
C GLU D 14 -36.96 36.53 26.76
N GLU D 15 -37.46 35.66 25.89
CA GLU D 15 -38.17 34.48 26.35
C GLU D 15 -37.17 33.46 26.89
N LEU D 16 -36.03 33.35 26.23
CA LEU D 16 -35.00 32.39 26.62
C LEU D 16 -34.47 32.73 28.01
N ALA D 17 -34.13 34.00 28.18
CA ALA D 17 -33.67 34.52 29.46
C ALA D 17 -34.50 34.00 30.63
N GLN D 18 -35.83 34.05 30.50
CA GLN D 18 -36.69 33.62 31.60
C GLN D 18 -37.20 32.19 31.46
N TRP D 19 -36.56 31.43 30.60
CA TRP D 19 -36.95 30.06 30.41
C TRP D 19 -36.27 29.20 31.42
N GLU D 20 -37.03 28.31 31.99
CA GLU D 20 -36.51 27.29 32.83
C GLU D 20 -37.39 26.08 32.58
N PRO D 21 -36.74 24.95 32.41
CA PRO D 21 -37.39 23.70 32.09
C PRO D 21 -38.45 23.25 33.07
N ASP D 22 -38.15 23.31 34.35
CA ASP D 22 -39.09 22.88 35.39
C ASP D 22 -40.45 23.56 35.30
N SER D 23 -40.51 24.72 34.63
CA SER D 23 -41.75 25.48 34.53
C SER D 23 -42.39 25.41 33.15
N ASP D 24 -41.67 24.82 32.21
CA ASP D 24 -42.16 24.66 30.84
C ASP D 24 -42.87 23.32 30.70
N PRO D 25 -44.17 23.36 30.45
CA PRO D 25 -44.95 22.12 30.33
C PRO D 25 -44.39 21.23 29.21
N ASP D 26 -43.81 21.85 28.20
CA ASP D 26 -43.35 21.14 26.99
C ASP D 26 -41.90 20.66 27.08
N ALA D 27 -41.11 21.25 27.96
CA ALA D 27 -39.70 20.91 28.04
C ALA D 27 -39.42 19.40 28.13
N PRO D 28 -40.21 18.66 28.92
CA PRO D 28 -39.86 17.24 29.08
C PRO D 28 -40.07 16.44 27.80
N PHE D 29 -41.03 16.87 27.00
CA PHE D 29 -41.31 16.24 25.71
C PHE D 29 -40.22 16.57 24.67
N ASN D 30 -39.44 17.62 24.90
CA ASN D 30 -38.46 18.03 23.92
C ASN D 30 -37.06 17.53 24.21
N ARG D 31 -36.90 16.78 25.31
CA ARG D 31 -35.63 16.12 25.62
C ARG D 31 -35.38 14.88 24.76
N SER D 32 -34.23 14.84 24.10
CA SER D 32 -33.78 13.62 23.47
C SER D 32 -33.34 12.59 24.50
N HIS D 33 -33.74 11.34 24.31
CA HIS D 33 -33.27 10.25 25.17
C HIS D 33 -32.43 9.26 24.37
N VAL D 34 -31.79 9.74 23.32
CA VAL D 34 -30.92 8.91 22.49
C VAL D 34 -29.56 9.57 22.40
N PRO D 35 -28.58 9.03 23.12
CA PRO D 35 -27.27 9.69 23.14
C PRO D 35 -26.57 9.60 21.78
N LEU D 36 -25.75 10.59 21.48
CA LEU D 36 -24.93 10.56 20.28
C LEU D 36 -24.10 9.27 20.24
N GLU D 37 -24.33 8.43 19.23
CA GLU D 37 -23.51 7.23 19.05
C GLU D 37 -22.08 7.61 18.70
N PRO D 38 -21.12 7.17 19.52
CA PRO D 38 -19.71 7.46 19.29
C PRO D 38 -19.10 6.45 18.32
N GLY D 39 -18.05 6.86 17.62
CA GLY D 39 -17.30 5.94 16.80
C GLY D 39 -18.07 5.34 15.63
N ARG D 40 -18.25 6.14 14.61
CA ARG D 40 -18.75 5.63 13.35
C ARG D 40 -17.58 5.00 12.62
N VAL D 41 -17.87 4.13 11.66
CA VAL D 41 -16.79 3.52 10.89
C VAL D 41 -17.01 3.84 9.41
N ALA D 42 -15.94 4.19 8.72
CA ALA D 42 -16.04 4.62 7.34
C ALA D 42 -16.00 3.45 6.39
N ASP D 43 -16.54 3.64 5.18
CA ASP D 43 -16.50 2.64 4.12
C ASP D 43 -15.36 3.00 3.17
N ARG D 44 -15.08 2.10 2.24
CA ARG D 44 -14.01 2.28 1.26
C ARG D 44 -14.43 2.12 -0.17
N VAL D 45 -15.71 2.08 -0.45
CA VAL D 45 -16.17 1.72 -1.78
C VAL D 45 -15.87 2.65 -2.94
N ASN D 46 -15.70 3.92 -2.64
CA ASN D 46 -15.48 4.92 -3.69
C ASN D 46 -14.04 5.40 -3.67
N ALA D 47 -13.33 5.14 -4.76
CA ALA D 47 -11.89 5.33 -4.81
C ALA D 47 -11.52 6.79 -4.74
N ASN D 48 -12.42 7.64 -5.21
CA ASN D 48 -12.15 9.08 -5.23
C ASN D 48 -12.34 9.77 -3.89
N ALA D 49 -13.07 9.11 -2.97
CA ALA D 49 -13.43 9.77 -1.73
C ALA D 49 -12.23 9.89 -0.81
N ASP D 50 -12.09 11.05 -0.16
CA ASP D 50 -10.96 11.31 0.73
C ASP D 50 -11.41 11.35 2.17
N LYS D 51 -10.44 11.29 3.09
CA LYS D 51 -10.73 11.17 4.52
C LYS D 51 -10.58 12.47 5.28
N ASP D 52 -10.20 13.53 4.58
CA ASP D 52 -9.88 14.80 5.24
C ASP D 52 -11.09 15.71 5.37
N ALA D 53 -11.76 15.96 4.26
CA ALA D 53 -12.86 16.93 4.20
C ALA D 53 -14.07 16.46 5.03
N HIS D 54 -14.67 17.37 5.79
CA HIS D 54 -15.93 17.09 6.46
C HIS D 54 -17.09 17.73 5.71
N LEU D 55 -18.29 17.47 6.19
CA LEU D 55 -19.52 17.93 5.55
C LEU D 55 -20.55 18.30 6.62
N VAL D 56 -21.05 19.53 6.58
CA VAL D 56 -22.16 19.94 7.42
C VAL D 56 -23.36 20.15 6.55
N SER D 57 -24.52 19.72 7.07
CA SER D 57 -25.79 19.99 6.45
C SER D 57 -26.59 21.00 7.27
N LEU D 58 -27.03 22.09 6.61
CA LEU D 58 -27.98 23.01 7.21
C LEU D 58 -29.32 22.63 6.62
N SER D 59 -30.11 21.87 7.38
CA SER D 59 -31.34 21.29 6.87
C SER D 59 -32.56 21.72 7.66
N ALA D 60 -33.58 22.21 6.95
CA ALA D 60 -34.88 22.42 7.56
C ALA D 60 -35.60 21.07 7.79
N LEU D 61 -35.08 20.25 8.70
CA LEU D 61 -35.74 18.98 9.03
C LEU D 61 -37.20 19.18 9.40
N ASN D 62 -37.56 20.41 9.77
CA ASN D 62 -38.96 20.77 9.92
C ASN D 62 -39.20 22.02 9.10
N ARG D 63 -40.23 21.99 8.26
CA ARG D 63 -40.45 23.13 7.36
C ARG D 63 -40.61 24.41 8.17
N HIS D 64 -41.31 24.31 9.29
CA HIS D 64 -41.56 25.50 10.10
C HIS D 64 -40.87 25.49 11.49
N THR D 65 -40.58 26.68 11.99
CA THR D 65 -40.08 26.86 13.34
C THR D 65 -41.14 26.58 14.41
N SER D 66 -42.34 27.11 14.23
CA SER D 66 -43.40 26.94 15.23
C SER D 66 -44.37 25.85 14.82
N GLY D 67 -45.20 25.41 15.76
CA GLY D 67 -46.21 24.42 15.47
C GLY D 67 -45.69 23.00 15.26
N VAL D 68 -44.44 22.75 15.62
CA VAL D 68 -43.89 21.40 15.48
C VAL D 68 -44.17 20.54 16.70
N PRO D 69 -44.96 19.48 16.54
CA PRO D 69 -45.23 18.61 17.68
C PRO D 69 -43.94 18.01 18.23
N SER D 70 -43.82 17.91 19.54
CA SER D 70 -42.56 17.46 20.15
C SER D 70 -42.08 16.12 19.61
N GLN D 71 -43.00 15.16 19.45
CA GLN D 71 -42.61 13.77 19.30
C GLN D 71 -43.18 13.02 18.09
N GLY D 72 -43.33 13.68 16.96
CA GLY D 72 -43.99 13.02 15.86
C GLY D 72 -45.41 13.52 15.65
N ALA D 73 -46.00 13.14 14.54
CA ALA D 73 -47.34 13.59 14.16
C ALA D 73 -47.91 12.60 13.18
N PRO D 74 -49.24 12.62 13.02
CA PRO D 74 -49.96 11.74 12.09
C PRO D 74 -49.84 12.23 10.66
N VAL D 75 -48.61 12.37 10.16
CA VAL D 75 -48.36 12.85 8.82
C VAL D 75 -47.27 12.01 8.18
N PHE D 76 -47.58 11.41 7.04
CA PHE D 76 -46.65 10.54 6.34
C PHE D 76 -45.54 11.36 5.69
N TYR D 77 -45.95 12.39 4.94
CA TYR D 77 -45.01 13.24 4.26
C TYR D 77 -44.34 14.21 5.23
N GLU D 78 -43.24 13.74 5.81
CA GLU D 78 -42.43 14.55 6.69
C GLU D 78 -40.99 14.33 6.28
N ASN D 79 -40.13 15.30 6.60
CA ASN D 79 -38.74 15.26 6.17
C ASN D 79 -37.93 14.18 6.92
N THR D 80 -37.90 13.00 6.31
CA THR D 80 -37.29 11.81 6.86
C THR D 80 -35.85 11.57 6.33
N PHE D 81 -35.03 12.63 6.36
CA PHE D 81 -33.65 12.60 5.84
C PHE D 81 -32.95 11.32 6.22
N SER D 82 -32.33 10.66 5.23
CA SER D 82 -31.77 9.31 5.45
C SER D 82 -30.33 9.23 5.04
N TYR D 83 -29.71 10.38 4.79
CA TYR D 83 -28.31 10.37 4.39
C TYR D 83 -27.36 10.82 5.49
N TRP D 84 -27.69 10.45 6.72
CA TRP D 84 -26.82 10.74 7.86
C TRP D 84 -25.42 10.21 7.63
N HIS D 85 -25.30 9.13 6.85
CA HIS D 85 -24.00 8.52 6.60
C HIS D 85 -22.96 9.38 5.86
N TYR D 86 -23.40 10.36 5.08
CA TYR D 86 -22.45 11.29 4.44
C TYR D 86 -22.34 12.60 5.21
N THR D 87 -22.96 12.65 6.38
CA THR D 87 -22.99 13.88 7.12
C THR D 87 -22.12 13.78 8.36
N ASP D 88 -21.25 14.76 8.59
CA ASP D 88 -20.44 14.77 9.83
C ASP D 88 -21.07 15.62 10.92
N LEU D 89 -21.88 16.58 10.49
CA LEU D 89 -22.45 17.58 11.36
C LEU D 89 -23.76 18.02 10.73
N MET D 90 -24.81 18.06 11.56
CA MET D 90 -26.13 18.50 11.13
C MET D 90 -26.51 19.77 11.87
N VAL D 91 -26.93 20.76 11.13
CA VAL D 91 -27.43 21.97 11.74
C VAL D 91 -28.91 22.08 11.44
N TYR D 92 -29.72 22.12 12.51
CA TYR D 92 -31.16 22.22 12.42
C TYR D 92 -31.53 23.60 11.91
N TRP D 93 -31.95 23.70 10.66
CA TRP D 93 -32.18 25.02 10.12
C TRP D 93 -33.55 25.56 10.50
N ALA D 94 -33.56 26.67 11.22
CA ALA D 94 -34.82 27.29 11.65
C ALA D 94 -34.63 28.72 12.18
N GLY D 95 -35.71 29.36 12.57
CA GLY D 95 -35.62 30.71 13.08
C GLY D 95 -36.23 31.70 12.13
N SER D 96 -37.02 32.62 12.68
CA SER D 96 -37.60 33.70 11.89
C SER D 96 -37.98 34.86 12.81
N ALA D 97 -38.03 36.04 12.22
CA ALA D 97 -38.45 37.24 12.92
C ALA D 97 -39.86 37.09 13.52
N GLY D 98 -40.74 36.37 12.81
CA GLY D 98 -42.10 36.19 13.31
C GLY D 98 -42.32 35.10 14.36
N GLU D 99 -41.40 34.15 14.47
CA GLU D 99 -41.65 32.99 15.31
C GLU D 99 -40.64 32.81 16.45
N GLY D 100 -39.42 33.27 16.26
CA GLY D 100 -38.36 32.99 17.22
C GLY D 100 -37.06 32.74 16.50
N ILE D 101 -35.96 33.22 17.07
CA ILE D 101 -34.68 33.22 16.37
C ILE D 101 -33.65 32.30 17.02
N ILE D 102 -34.02 31.73 18.15
CA ILE D 102 -33.20 30.69 18.77
C ILE D 102 -34.02 29.44 18.74
N VAL D 103 -33.56 28.44 18.01
CA VAL D 103 -34.36 27.22 17.91
C VAL D 103 -33.53 25.95 17.93
N PRO D 104 -33.79 25.10 18.94
CA PRO D 104 -33.14 23.79 19.10
C PRO D 104 -33.75 22.79 18.13
N PRO D 105 -33.07 21.68 17.85
CA PRO D 105 -33.69 20.64 17.02
C PRO D 105 -34.74 19.94 17.85
N SER D 106 -35.86 19.58 17.24
CA SER D 106 -36.88 18.80 17.94
C SER D 106 -36.30 17.43 18.31
N ALA D 107 -36.83 16.83 19.37
CA ALA D 107 -36.36 15.55 19.92
C ALA D 107 -36.37 14.36 18.95
N ASP D 108 -37.28 14.38 17.99
CA ASP D 108 -37.37 13.27 17.05
C ASP D 108 -36.15 13.25 16.12
N VAL D 109 -35.70 14.46 15.79
CA VAL D 109 -34.62 14.68 14.86
C VAL D 109 -33.24 14.56 15.55
N ILE D 110 -33.13 15.06 16.77
CA ILE D 110 -31.96 14.79 17.62
C ILE D 110 -31.73 13.27 17.69
N ASP D 111 -32.80 12.52 17.93
CA ASP D 111 -32.69 11.07 18.03
C ASP D 111 -32.16 10.43 16.73
N ALA D 112 -32.79 10.77 15.61
CA ALA D 112 -32.37 10.20 14.34
C ALA D 112 -30.90 10.51 14.11
N SER D 113 -30.52 11.78 14.27
CA SER D 113 -29.14 12.22 14.12
C SER D 113 -28.23 11.40 15.03
N HIS D 114 -28.60 11.28 16.30
CA HIS D 114 -27.71 10.60 17.26
C HIS D 114 -27.50 9.14 16.94
N ARG D 115 -28.55 8.45 16.51
CA ARG D 115 -28.44 7.02 16.16
C ARG D 115 -27.36 6.79 15.12
N ASN D 116 -27.18 7.77 14.24
CA ASN D 116 -26.15 7.69 13.23
C ASN D 116 -24.85 8.39 13.61
N GLY D 117 -24.71 8.73 14.89
CA GLY D 117 -23.49 9.33 15.39
C GLY D 117 -23.21 10.70 14.83
N VAL D 118 -24.27 11.40 14.43
CA VAL D 118 -24.09 12.73 13.87
C VAL D 118 -24.44 13.72 14.94
N PRO D 119 -23.50 14.62 15.26
CA PRO D 119 -23.80 15.69 16.22
C PRO D 119 -24.79 16.68 15.59
N ILE D 120 -25.81 17.11 16.32
CA ILE D 120 -26.78 18.01 15.75
C ILE D 120 -26.78 19.34 16.51
N LEU D 121 -26.76 20.43 15.74
CA LEU D 121 -26.71 21.78 16.27
C LEU D 121 -28.04 22.51 16.16
N GLY D 122 -28.34 23.34 17.17
CA GLY D 122 -29.49 24.20 17.13
C GLY D 122 -29.10 25.45 16.38
N ASN D 123 -30.08 26.31 16.14
CA ASN D 123 -29.83 27.51 15.33
C ASN D 123 -30.11 28.76 16.14
N VAL D 124 -29.19 29.71 16.04
CA VAL D 124 -29.38 31.07 16.53
C VAL D 124 -29.37 31.97 15.27
N PHE D 125 -30.55 32.41 14.87
CA PHE D 125 -30.73 33.09 13.60
C PHE D 125 -31.03 34.58 13.74
N PHE D 126 -30.00 35.42 13.64
CA PHE D 126 -30.19 36.86 13.60
C PHE D 126 -30.45 37.30 12.15
N PRO D 127 -31.74 37.51 11.80
CA PRO D 127 -32.18 37.70 10.40
C PRO D 127 -31.82 39.05 9.81
N PRO D 128 -31.59 39.08 8.49
CA PRO D 128 -31.44 40.38 7.82
C PRO D 128 -32.64 41.27 8.15
N THR D 129 -32.46 42.58 8.25
CA THR D 129 -33.55 43.51 8.53
C THR D 129 -34.70 43.40 7.52
N VAL D 130 -34.38 43.04 6.27
CA VAL D 130 -35.39 42.92 5.24
C VAL D 130 -36.37 41.83 5.62
N TYR D 131 -35.93 40.96 6.53
CA TYR D 131 -36.76 39.83 6.93
C TYR D 131 -37.25 39.98 8.34
N GLY D 132 -37.23 41.21 8.85
CA GLY D 132 -37.76 41.51 10.18
C GLY D 132 -36.70 41.42 11.27
N GLY D 133 -35.44 41.23 10.87
CA GLY D 133 -34.34 41.26 11.82
C GLY D 133 -34.36 42.54 12.66
N GLN D 134 -33.89 42.43 13.90
CA GLN D 134 -33.84 43.52 14.87
C GLN D 134 -32.50 43.53 15.61
N LEU D 135 -31.74 44.62 15.50
CA LEU D 135 -30.51 44.77 16.28
C LEU D 135 -30.71 44.48 17.77
N GLU D 136 -31.86 44.91 18.29
CA GLU D 136 -32.20 44.69 19.68
C GLU D 136 -31.94 43.25 20.10
N TRP D 137 -32.50 42.31 19.37
CA TRP D 137 -32.30 40.89 19.68
C TRP D 137 -30.82 40.57 19.80
N LEU D 138 -30.01 41.10 18.89
CA LEU D 138 -28.59 40.78 18.91
C LEU D 138 -27.98 41.36 20.19
N GLU D 139 -28.35 42.60 20.50
CA GLU D 139 -27.84 43.28 21.70
C GLU D 139 -28.26 42.54 22.95
N GLN D 140 -29.52 42.08 22.97
CA GLN D 140 -30.00 41.27 24.09
C GLN D 140 -29.13 40.03 24.32
N MET D 141 -28.87 39.30 23.24
CA MET D 141 -28.07 38.09 23.36
C MET D 141 -26.68 38.43 23.87
N LEU D 142 -26.21 39.63 23.55
CA LEU D 142 -24.83 40.02 23.83
C LEU D 142 -24.64 40.72 25.17
N GLU D 143 -25.68 40.80 25.99
CA GLU D 143 -25.57 41.38 27.32
C GLU D 143 -24.55 40.64 28.20
N GLN D 144 -23.81 41.42 28.98
CA GLN D 144 -22.69 40.88 29.77
C GLN D 144 -22.76 41.37 31.21
N GLU D 145 -22.58 40.46 32.16
CA GLU D 145 -22.63 40.81 33.59
C GLU D 145 -21.29 41.39 34.00
N GLU D 146 -21.23 41.98 35.21
CA GLU D 146 -19.96 42.46 35.76
C GLU D 146 -19.01 41.28 35.78
N ASP D 147 -19.59 40.14 36.14
CA ASP D 147 -18.98 38.82 36.06
C ASP D 147 -18.14 38.58 34.80
N GLY D 148 -18.56 39.17 33.67
CA GLY D 148 -17.90 38.92 32.40
C GLY D 148 -18.70 37.89 31.62
N SER D 149 -19.49 37.09 32.33
CA SER D 149 -20.30 36.06 31.72
C SER D 149 -21.44 36.64 30.88
N PHE D 150 -21.94 35.85 29.93
CA PHE D 150 -23.10 36.22 29.13
C PHE D 150 -24.28 35.33 29.47
N PRO D 151 -25.29 35.89 30.16
CA PRO D 151 -26.41 35.08 30.64
C PRO D 151 -27.10 34.29 29.54
N LEU D 152 -27.28 34.88 28.36
CA LEU D 152 -27.96 34.18 27.28
C LEU D 152 -27.10 33.09 26.64
N ALA D 153 -25.78 33.25 26.67
CA ALA D 153 -24.90 32.16 26.27
C ALA D 153 -25.10 31.00 27.23
N ASP D 154 -25.29 31.34 28.52
CA ASP D 154 -25.49 30.32 29.54
C ASP D 154 -26.78 29.56 29.23
N LYS D 155 -27.79 30.29 28.78
CA LYS D 155 -29.04 29.66 28.39
C LYS D 155 -28.86 28.76 27.13
N LEU D 156 -27.96 29.12 26.23
CA LEU D 156 -27.75 28.28 25.04
C LEU D 156 -27.18 26.95 25.48
N LEU D 157 -26.18 27.01 26.36
CA LEU D 157 -25.55 25.79 26.89
C LEU D 157 -26.51 24.96 27.73
N GLU D 158 -27.32 25.64 28.55
CA GLU D 158 -28.34 24.94 29.35
C GLU D 158 -29.41 24.23 28.49
N VAL D 159 -29.89 24.89 27.44
CA VAL D 159 -30.86 24.30 26.51
C VAL D 159 -30.26 23.06 25.85
N ALA D 160 -29.06 23.21 25.31
CA ALA D 160 -28.34 22.11 24.68
C ALA D 160 -28.13 20.94 25.62
N ASP D 161 -27.85 21.25 26.89
CA ASP D 161 -27.62 20.21 27.89
C ASP D 161 -28.94 19.51 28.21
N TYR D 162 -29.98 20.28 28.48
CA TYR D 162 -31.24 19.71 28.89
C TYR D 162 -31.88 18.89 27.77
N TYR D 163 -31.97 19.47 26.59
CA TYR D 163 -32.67 18.81 25.50
C TYR D 163 -31.82 17.70 24.88
N GLY D 164 -30.50 17.80 24.98
CA GLY D 164 -29.65 16.71 24.53
C GLY D 164 -29.13 16.83 23.12
N PHE D 165 -28.65 18.02 22.75
CA PHE D 165 -27.92 18.18 21.49
C PHE D 165 -26.53 18.81 21.68
N ASP D 166 -25.84 19.10 20.59
CA ASP D 166 -24.39 19.20 20.60
C ASP D 166 -23.78 20.57 20.27
N GLY D 167 -24.54 21.65 20.48
CA GLY D 167 -24.03 22.97 20.19
C GLY D 167 -24.97 23.81 19.35
N TRP D 168 -24.39 24.78 18.64
CA TRP D 168 -25.20 25.82 18.02
C TRP D 168 -24.56 26.31 16.74
N PHE D 169 -25.41 26.73 15.79
CA PHE D 169 -24.97 27.47 14.62
C PHE D 169 -25.29 28.92 14.92
N ILE D 170 -24.34 29.82 14.71
CA ILE D 170 -24.61 31.24 14.95
C ILE D 170 -24.62 32.00 13.65
N ASN D 171 -25.77 32.58 13.31
CA ASN D 171 -25.97 33.23 12.03
C ASN D 171 -26.31 34.69 12.28
N GLN D 172 -25.30 35.56 12.12
CA GLN D 172 -25.45 36.98 12.41
C GLN D 172 -25.56 37.76 11.10
N GLU D 173 -26.77 38.12 10.72
CA GLU D 173 -26.99 38.83 9.46
C GLU D 173 -27.77 40.12 9.68
N THR D 174 -28.00 40.49 10.94
CA THR D 174 -28.67 41.74 11.26
C THR D 174 -27.72 42.91 11.06
N GLU D 175 -28.13 43.85 10.22
CA GLU D 175 -27.33 45.05 9.96
C GLU D 175 -27.42 46.07 11.09
N GLY D 176 -26.49 47.03 11.10
CA GLY D 176 -26.53 48.13 12.06
C GLY D 176 -25.62 47.95 13.28
N ALA D 177 -24.81 46.90 13.26
CA ALA D 177 -23.90 46.60 14.35
C ALA D 177 -22.58 47.36 14.17
N ASP D 178 -22.10 48.00 15.23
CA ASP D 178 -20.84 48.74 15.19
C ASP D 178 -19.69 47.83 15.58
N GLU D 179 -18.49 48.37 15.67
CA GLU D 179 -17.35 47.54 15.99
C GLU D 179 -17.39 47.03 17.44
N GLY D 180 -18.09 47.73 18.30
CA GLY D 180 -18.24 47.28 19.68
C GLY D 180 -19.09 46.03 19.77
N THR D 181 -20.15 46.00 18.97
CA THR D 181 -21.00 44.82 18.89
C THR D 181 -20.18 43.64 18.40
N ALA D 182 -19.38 43.89 17.36
CA ALA D 182 -18.54 42.86 16.81
C ALA D 182 -17.66 42.24 17.90
N GLU D 183 -16.94 43.09 18.63
CA GLU D 183 -16.07 42.61 19.71
C GLU D 183 -16.85 41.85 20.78
N ALA D 184 -18.08 42.31 21.05
CA ALA D 184 -18.91 41.65 22.06
C ALA D 184 -19.28 40.25 21.58
N MET D 185 -19.62 40.14 20.28
CA MET D 185 -19.91 38.84 19.66
C MET D 185 -18.72 37.91 19.79
N GLN D 186 -17.54 38.42 19.52
CA GLN D 186 -16.31 37.65 19.67
C GLN D 186 -16.12 37.18 21.09
N ALA D 187 -16.45 38.05 22.05
CA ALA D 187 -16.35 37.70 23.46
C ALA D 187 -17.41 36.65 23.79
N PHE D 188 -18.61 36.86 23.26
CA PHE D 188 -19.70 35.90 23.42
C PHE D 188 -19.30 34.50 22.92
N LEU D 189 -18.72 34.43 21.71
CA LEU D 189 -18.29 33.14 21.17
C LEU D 189 -17.20 32.51 22.03
N VAL D 190 -16.24 33.33 22.46
CA VAL D 190 -15.14 32.86 23.29
C VAL D 190 -15.67 32.36 24.62
N TYR D 191 -16.67 33.07 25.16
CA TYR D 191 -17.28 32.65 26.41
C TYR D 191 -17.91 31.25 26.23
N LEU D 192 -18.60 31.08 25.10
CA LEU D 192 -19.15 29.76 24.74
C LEU D 192 -18.07 28.68 24.79
N GLN D 193 -16.98 28.92 24.13
CA GLN D 193 -15.90 27.99 24.12
C GLN D 193 -15.36 27.60 25.49
N GLU D 194 -15.29 28.54 26.41
CA GLU D 194 -14.85 28.27 27.76
C GLU D 194 -15.89 27.55 28.60
N GLN D 195 -17.15 27.88 28.40
CA GLN D 195 -18.21 27.28 29.17
C GLN D 195 -18.84 25.99 28.62
N LYS D 196 -18.61 25.65 27.37
CA LYS D 196 -19.25 24.50 26.74
C LYS D 196 -18.66 23.19 27.25
N PRO D 197 -19.49 22.12 27.26
CA PRO D 197 -19.05 20.75 27.57
C PRO D 197 -18.12 20.24 26.48
N GLU D 198 -17.22 19.32 26.81
CA GLU D 198 -16.35 18.76 25.81
C GLU D 198 -17.20 18.15 24.71
N GLY D 199 -16.79 18.35 23.47
CA GLY D 199 -17.49 17.76 22.33
C GLY D 199 -18.49 18.70 21.68
N MET D 200 -18.99 19.67 22.45
CA MET D 200 -19.95 20.62 21.91
C MET D 200 -19.35 21.49 20.82
N HIS D 201 -20.19 21.83 19.84
CA HIS D 201 -19.70 22.47 18.63
C HIS D 201 -20.44 23.79 18.37
N ILE D 202 -19.69 24.88 18.32
CA ILE D 202 -20.24 26.17 17.90
C ILE D 202 -19.69 26.53 16.54
N MET D 203 -20.59 26.66 15.58
CA MET D 203 -20.23 26.94 14.19
C MET D 203 -20.73 28.33 13.84
N TRP D 204 -19.84 29.13 13.29
CA TRP D 204 -20.12 30.54 13.02
C TRP D 204 -20.29 30.73 11.52
N TYR D 205 -21.29 31.50 11.13
CA TYR D 205 -21.52 31.84 9.74
C TYR D 205 -20.44 32.92 9.46
N ASP D 206 -19.86 32.83 8.27
CA ASP D 206 -19.19 33.88 7.51
C ASP D 206 -20.13 35.02 7.06
N SER D 207 -20.43 35.94 7.97
CA SER D 207 -21.22 37.12 7.64
C SER D 207 -20.68 38.41 8.28
N MET D 208 -20.93 38.60 9.57
CA MET D 208 -20.45 39.80 10.27
C MET D 208 -18.93 39.85 10.37
N ILE D 209 -18.34 40.91 9.82
CA ILE D 209 -16.88 41.04 9.83
C ILE D 209 -16.37 41.75 11.09
N ASP D 210 -15.07 42.06 11.13
CA ASP D 210 -14.50 42.73 12.32
C ASP D 210 -15.13 44.09 12.66
N THR D 211 -15.59 44.82 11.65
CA THR D 211 -16.23 46.12 11.89
C THR D 211 -17.68 46.01 12.35
N GLY D 212 -18.25 44.79 12.30
CA GLY D 212 -19.65 44.62 12.65
C GLY D 212 -20.53 44.67 11.41
N ALA D 213 -19.97 45.16 10.31
CA ALA D 213 -20.73 45.22 9.06
C ALA D 213 -21.04 43.81 8.59
N ILE D 214 -22.12 43.67 7.83
CA ILE D 214 -22.41 42.38 7.24
C ILE D 214 -21.81 42.38 5.87
N ALA D 215 -20.82 41.50 5.70
CA ALA D 215 -20.00 41.52 4.49
C ALA D 215 -19.39 40.15 4.27
N TRP D 216 -20.25 39.21 3.90
CA TRP D 216 -19.83 37.85 3.59
C TRP D 216 -18.50 37.85 2.84
N GLN D 217 -17.56 37.04 3.31
CA GLN D 217 -16.24 36.97 2.69
C GLN D 217 -16.11 35.83 1.70
N ASN D 218 -16.91 34.78 1.90
CA ASN D 218 -16.92 33.62 1.01
C ASN D 218 -15.64 32.81 1.14
N HIS D 219 -14.82 33.23 2.10
CA HIS D 219 -13.53 32.63 2.37
C HIS D 219 -13.20 32.96 3.80
N LEU D 220 -12.20 32.28 4.36
CA LEU D 220 -11.60 32.77 5.60
C LEU D 220 -10.61 33.91 5.23
N THR D 221 -10.86 35.11 5.75
CA THR D 221 -10.01 36.27 5.47
C THR D 221 -9.58 36.96 6.76
N ASP D 222 -8.80 38.03 6.59
CA ASP D 222 -8.43 38.89 7.71
C ASP D 222 -9.66 39.55 8.30
N ARG D 223 -10.72 39.65 7.49
CA ARG D 223 -11.93 40.37 7.87
C ARG D 223 -12.82 39.55 8.80
N ASN D 224 -12.62 38.24 8.81
CA ASN D 224 -13.50 37.35 9.60
C ASN D 224 -12.78 36.33 10.46
N LYS D 225 -11.46 36.23 10.33
CA LYS D 225 -10.72 35.20 11.05
C LYS D 225 -10.81 35.34 12.58
N MET D 226 -11.09 36.54 13.06
CA MET D 226 -11.17 36.74 14.50
C MET D 226 -12.38 36.03 15.10
N TYR D 227 -13.26 35.52 14.25
CA TYR D 227 -14.48 34.81 14.67
C TYR D 227 -14.26 33.29 14.75
N LEU D 228 -13.09 32.87 14.24
CA LEU D 228 -12.68 31.47 14.30
C LEU D 228 -11.58 31.30 15.32
N GLN D 229 -10.53 32.11 15.20
CA GLN D 229 -9.35 32.01 16.07
C GLN D 229 -8.62 33.34 16.17
N ASN D 230 -8.22 33.70 17.38
CA ASN D 230 -7.49 34.95 17.58
C ASN D 230 -6.22 34.68 18.35
N GLY D 231 -5.10 34.65 17.65
CA GLY D 231 -3.88 34.21 18.27
C GLY D 231 -4.09 32.83 18.86
N SER D 232 -3.97 32.73 20.17
CA SER D 232 -4.05 31.44 20.86
C SER D 232 -5.43 31.22 21.45
N THR D 233 -6.32 32.19 21.30
CA THR D 233 -7.69 32.02 21.78
C THR D 233 -8.54 31.38 20.68
N ARG D 234 -9.31 30.36 21.04
CA ARG D 234 -10.23 29.71 20.11
C ARG D 234 -11.58 30.43 20.24
N VAL D 235 -12.14 30.85 19.11
CA VAL D 235 -13.35 31.66 19.13
C VAL D 235 -14.52 30.78 18.75
N ALA D 236 -14.31 29.93 17.75
CA ALA D 236 -15.36 29.02 17.31
C ALA D 236 -14.77 27.71 16.83
N ASP D 237 -15.62 26.69 16.78
CA ASP D 237 -15.15 25.37 16.38
C ASP D 237 -15.05 25.23 14.85
N SER D 238 -15.80 26.06 14.14
CA SER D 238 -15.80 26.03 12.67
C SER D 238 -16.46 27.28 12.12
N MET D 239 -16.27 27.48 10.82
CA MET D 239 -16.92 28.57 10.12
C MET D 239 -17.55 28.04 8.86
N PHE D 240 -18.78 28.46 8.61
CA PHE D 240 -19.50 28.12 7.38
C PHE D 240 -19.29 29.26 6.43
N LEU D 241 -18.48 29.04 5.39
CA LEU D 241 -18.18 30.08 4.41
C LEU D 241 -19.38 30.36 3.48
N ASN D 242 -19.62 31.63 3.18
CA ASN D 242 -20.68 32.00 2.24
C ASN D 242 -20.37 31.54 0.81
N PHE D 243 -21.39 31.58 -0.06
CA PHE D 243 -21.41 30.80 -1.30
C PHE D 243 -20.57 31.32 -2.48
N TRP D 244 -20.22 32.60 -2.49
CA TRP D 244 -19.67 33.22 -3.70
C TRP D 244 -18.15 33.10 -3.82
N TRP D 245 -17.68 31.85 -3.91
CA TRP D 245 -16.28 31.52 -4.05
C TRP D 245 -16.06 30.67 -5.29
N ARG D 246 -14.88 30.75 -5.89
CA ARG D 246 -14.54 29.90 -7.03
C ARG D 246 -13.40 28.96 -6.66
N ASP D 247 -12.69 29.31 -5.59
CA ASP D 247 -11.56 28.53 -5.13
C ASP D 247 -11.31 28.76 -3.65
N GLN D 248 -10.73 27.76 -2.99
CA GLN D 248 -10.62 27.86 -1.54
C GLN D 248 -9.21 27.67 -1.00
N ARG D 249 -8.25 27.54 -1.92
CA ARG D 249 -6.83 27.43 -1.55
C ARG D 249 -6.40 28.50 -0.55
N GLN D 250 -6.81 29.74 -0.80
CA GLN D 250 -6.43 30.85 0.05
C GLN D 250 -6.92 30.68 1.49
N SER D 251 -8.11 30.10 1.67
CA SER D 251 -8.68 29.92 3.00
C SER D 251 -7.95 28.81 3.70
N ASN D 252 -7.59 27.78 2.94
CA ASN D 252 -6.78 26.69 3.44
C ASN D 252 -5.46 27.23 3.97
N GLU D 253 -4.77 28.01 3.15
CA GLU D 253 -3.49 28.63 3.53
C GLU D 253 -3.60 29.51 4.78
N LEU D 254 -4.60 30.38 4.81
CA LEU D 254 -4.81 31.26 5.95
C LEU D 254 -5.10 30.44 7.20
N ALA D 255 -5.85 29.35 7.05
CA ALA D 255 -6.19 28.52 8.20
C ALA D 255 -4.94 27.89 8.80
N GLN D 256 -4.05 27.42 7.93
CA GLN D 256 -2.77 26.88 8.37
C GLN D 256 -1.96 27.93 9.14
N ALA D 257 -1.93 29.16 8.63
CA ALA D 257 -1.23 30.25 9.29
C ALA D 257 -1.83 30.57 10.66
N LEU D 258 -3.11 30.25 10.83
CA LEU D 258 -3.77 30.52 12.09
C LEU D 258 -3.57 29.37 13.03
N GLY D 259 -2.97 28.29 12.52
CA GLY D 259 -2.83 27.06 13.31
C GLY D 259 -4.12 26.28 13.48
N ARG D 260 -5.02 26.38 12.51
CA ARG D 260 -6.28 25.63 12.54
C ARG D 260 -6.36 24.74 11.31
N SER D 261 -7.05 23.62 11.44
CA SER D 261 -7.32 22.75 10.30
C SER D 261 -8.17 23.47 9.25
N PRO D 262 -7.76 23.41 7.98
CA PRO D 262 -8.56 23.94 6.87
C PRO D 262 -9.94 23.27 6.85
N TYR D 263 -10.06 22.13 7.50
CA TYR D 263 -11.32 21.39 7.46
C TYR D 263 -12.27 21.76 8.59
N ASP D 264 -11.99 22.87 9.26
CA ASP D 264 -12.95 23.45 10.18
C ASP D 264 -13.63 24.59 9.43
N LEU D 265 -13.26 24.73 8.16
CA LEU D 265 -13.91 25.70 7.32
C LEU D 265 -14.84 24.93 6.44
N TYR D 266 -16.08 25.37 6.34
CA TYR D 266 -17.01 24.65 5.47
C TYR D 266 -17.43 25.52 4.30
N ALA D 267 -16.85 25.28 3.13
CA ALA D 267 -17.18 26.06 1.96
C ALA D 267 -18.65 25.82 1.66
N GLY D 268 -19.43 26.89 1.69
CA GLY D 268 -20.87 26.80 1.49
C GLY D 268 -21.32 26.61 0.05
N VAL D 269 -22.31 25.73 -0.13
CA VAL D 269 -23.00 25.60 -1.40
C VAL D 269 -24.50 25.77 -1.16
N ASP D 270 -25.13 26.67 -1.90
CA ASP D 270 -26.56 26.94 -1.72
C ASP D 270 -27.34 26.04 -2.68
N VAL D 271 -28.00 25.02 -2.12
CA VAL D 271 -28.71 24.07 -2.96
C VAL D 271 -30.19 24.18 -2.78
N GLU D 272 -30.63 25.21 -2.07
CA GLU D 272 -32.04 25.30 -1.70
C GLU D 272 -32.97 25.22 -2.90
N ALA D 273 -32.68 26.01 -3.94
CA ALA D 273 -33.64 26.16 -5.06
C ALA D 273 -33.56 25.07 -6.10
N ARG D 274 -32.36 24.57 -6.34
CA ARG D 274 -32.12 23.70 -7.49
C ARG D 274 -31.56 22.32 -7.16
N GLY D 275 -31.21 22.10 -5.90
CA GLY D 275 -30.62 20.85 -5.49
C GLY D 275 -29.53 20.39 -6.46
N THR D 276 -29.75 19.27 -7.12
CA THR D 276 -28.71 18.67 -7.95
C THR D 276 -28.42 19.49 -9.19
N SER D 277 -29.25 20.50 -9.46
CA SER D 277 -29.03 21.37 -10.62
C SER D 277 -28.28 22.63 -10.22
N THR D 278 -27.75 22.62 -9.00
CA THR D 278 -27.00 23.75 -8.49
C THR D 278 -25.62 23.73 -9.13
N PRO D 279 -25.23 24.83 -9.81
CA PRO D 279 -23.89 24.89 -10.39
C PRO D 279 -22.86 25.08 -9.29
N VAL D 280 -21.79 24.30 -9.33
CA VAL D 280 -20.72 24.36 -8.34
C VAL D 280 -19.32 24.24 -8.96
N GLN D 281 -18.39 25.09 -8.54
CA GLN D 281 -17.00 24.97 -8.93
C GLN D 281 -16.30 23.91 -8.07
N TRP D 282 -16.62 22.65 -8.29
CA TRP D 282 -16.08 21.57 -7.46
C TRP D 282 -14.55 21.55 -7.40
N GLU D 283 -13.88 21.74 -8.55
CA GLU D 283 -12.41 21.79 -8.58
C GLU D 283 -11.87 22.82 -7.59
N GLY D 284 -12.63 23.88 -7.35
CA GLY D 284 -12.24 24.93 -6.42
C GLY D 284 -12.20 24.48 -4.98
N LEU D 285 -12.81 23.34 -4.71
CA LEU D 285 -12.88 22.82 -3.35
C LEU D 285 -12.13 21.50 -3.30
N PHE D 286 -12.29 20.72 -4.35
CA PHE D 286 -11.68 19.40 -4.46
C PHE D 286 -10.83 19.25 -5.69
N PRO D 287 -9.66 19.83 -5.71
CA PRO D 287 -8.79 19.69 -6.87
C PRO D 287 -8.33 18.27 -7.05
N GLU D 288 -8.22 17.89 -8.32
CA GLU D 288 -7.94 16.52 -8.76
C GLU D 288 -6.56 16.11 -8.35
N GLY D 289 -5.68 17.09 -8.35
CA GLY D 289 -4.33 16.88 -7.95
C GLY D 289 -4.31 16.62 -6.47
N GLU D 290 -4.09 17.63 -5.65
CA GLU D 290 -3.91 17.37 -4.23
C GLU D 290 -5.25 17.14 -3.58
N LYS D 291 -5.31 17.15 -2.24
CA LYS D 291 -6.53 16.91 -1.45
C LYS D 291 -7.45 18.08 -1.34
N ALA D 292 -8.53 17.99 -0.55
CA ALA D 292 -9.53 19.06 -0.46
C ALA D 292 -8.97 20.30 0.25
N HIS D 293 -9.29 21.50 -0.25
CA HIS D 293 -8.81 22.73 0.41
C HIS D 293 -9.49 22.95 1.77
N THR D 294 -10.79 22.65 1.85
CA THR D 294 -11.52 22.83 3.10
C THR D 294 -12.58 21.76 3.21
N SER D 295 -13.48 21.90 4.18
CA SER D 295 -14.63 21.02 4.24
C SER D 295 -15.80 21.58 3.43
N LEU D 296 -16.92 20.86 3.43
CA LEU D 296 -18.09 21.23 2.60
C LEU D 296 -19.28 21.62 3.46
N GLY D 297 -19.97 22.67 3.04
CA GLY D 297 -21.15 23.14 3.74
C GLY D 297 -22.32 23.17 2.77
N LEU D 298 -23.32 22.33 3.06
CA LEU D 298 -24.53 22.25 2.23
C LEU D 298 -25.66 23.06 2.85
N TYR D 299 -26.04 24.15 2.20
CA TYR D 299 -27.16 24.92 2.68
C TYR D 299 -28.33 24.16 2.04
N ARG D 300 -29.26 23.69 2.87
CA ARG D 300 -30.63 23.29 2.51
C ARG D 300 -30.88 22.05 1.61
N PRO D 301 -30.18 20.94 1.91
CA PRO D 301 -30.39 19.66 1.19
C PRO D 301 -31.85 19.23 1.24
N ASP D 302 -32.61 19.86 2.11
CA ASP D 302 -34.02 19.50 2.28
C ASP D 302 -34.83 20.01 1.11
N TRP D 303 -34.13 20.62 0.14
CA TRP D 303 -34.67 20.87 -1.21
C TRP D 303 -35.37 19.60 -1.70
N ALA D 304 -34.78 18.45 -1.40
CA ALA D 304 -35.28 17.17 -1.88
C ALA D 304 -36.68 16.91 -1.35
N PHE D 305 -36.93 17.37 -0.13
CA PHE D 305 -38.25 17.25 0.48
C PHE D 305 -39.22 18.35 0.01
N GLN D 306 -38.72 19.58 -0.06
CA GLN D 306 -39.57 20.73 -0.27
C GLN D 306 -39.94 21.02 -1.73
N SER D 307 -39.16 20.47 -2.65
CA SER D 307 -39.48 20.59 -4.05
C SER D 307 -40.26 19.36 -4.52
N SER D 308 -40.54 18.43 -3.60
CA SER D 308 -41.30 17.23 -3.95
C SER D 308 -42.68 17.21 -3.30
N GLU D 309 -43.56 16.40 -3.87
CA GLU D 309 -44.94 16.30 -3.41
C GLU D 309 -45.16 14.97 -2.72
N THR D 310 -44.31 13.99 -3.03
CA THR D 310 -44.50 12.64 -2.52
C THR D 310 -43.25 12.03 -1.94
N MET D 311 -43.45 11.21 -0.92
CA MET D 311 -42.37 10.48 -0.26
C MET D 311 -41.42 9.83 -1.28
N GLU D 312 -41.97 9.24 -2.34
CA GLU D 312 -41.15 8.49 -3.29
C GLU D 312 -40.23 9.42 -4.06
N ALA D 313 -40.79 10.56 -4.50
CA ALA D 313 -40.05 11.55 -5.22
C ALA D 313 -38.99 12.19 -4.32
N PHE D 314 -39.38 12.47 -3.09
CA PHE D 314 -38.46 12.95 -2.06
C PHE D 314 -37.28 11.99 -1.85
N TYR D 315 -37.56 10.70 -1.69
CA TYR D 315 -36.55 9.67 -1.53
C TYR D 315 -35.64 9.48 -2.76
N GLU D 316 -36.20 9.67 -3.95
CA GLU D 316 -35.39 9.58 -5.16
C GLU D 316 -34.43 10.78 -5.32
N LYS D 317 -34.93 11.98 -5.04
CA LYS D 317 -34.09 13.16 -5.10
C LYS D 317 -32.97 13.11 -4.06
N GLU D 318 -33.21 12.47 -2.93
CA GLU D 318 -32.16 12.40 -1.94
C GLU D 318 -31.07 11.45 -2.42
N LEU D 319 -31.45 10.36 -3.06
CA LEU D 319 -30.48 9.45 -3.63
C LEU D 319 -29.66 10.15 -4.72
N GLN D 320 -30.35 10.81 -5.64
CA GLN D 320 -29.69 11.51 -6.73
C GLN D 320 -28.75 12.60 -6.23
N PHE D 321 -29.06 13.15 -5.05
CA PHE D 321 -28.31 14.26 -4.50
C PHE D 321 -27.09 13.75 -3.71
N TRP D 322 -27.32 12.79 -2.83
CA TRP D 322 -26.26 12.32 -1.94
C TRP D 322 -25.40 11.24 -2.57
N VAL D 323 -25.96 10.51 -3.53
CA VAL D 323 -25.21 9.43 -4.18
C VAL D 323 -24.86 9.73 -5.65
N GLY D 324 -25.76 10.40 -6.36
CA GLY D 324 -25.47 10.80 -7.73
C GLY D 324 -26.39 10.10 -8.72
N SER D 325 -26.23 10.43 -10.00
CA SER D 325 -27.09 9.90 -11.07
C SER D 325 -26.87 8.42 -11.31
N THR D 326 -25.73 7.92 -10.83
CA THR D 326 -25.34 6.52 -10.98
C THR D 326 -26.23 5.60 -10.18
N GLY D 327 -26.69 6.09 -9.04
CA GLY D 327 -27.47 5.25 -8.15
C GLY D 327 -26.56 4.25 -7.45
N ASN D 328 -25.26 4.48 -7.53
CA ASN D 328 -24.29 3.55 -6.96
C ASN D 328 -23.08 4.26 -6.35
N PRO D 329 -23.03 4.32 -5.01
CA PRO D 329 -21.99 5.08 -4.30
C PRO D 329 -20.58 4.68 -4.73
N ALA D 330 -20.43 3.46 -5.27
CA ALA D 330 -19.10 2.96 -5.63
C ALA D 330 -18.68 3.39 -7.03
N GLU D 331 -19.66 3.65 -7.89
CA GLU D 331 -19.41 4.03 -9.26
C GLU D 331 -19.91 5.42 -9.53
N THR D 332 -19.20 6.43 -9.03
CA THR D 332 -19.62 7.82 -9.27
C THR D 332 -18.94 8.47 -10.47
N ASP D 333 -19.69 9.32 -11.15
CA ASP D 333 -19.19 10.02 -12.33
C ASP D 333 -18.68 11.41 -11.97
N GLY D 334 -17.41 11.52 -11.65
CA GLY D 334 -16.83 12.73 -11.14
C GLY D 334 -16.79 13.84 -12.15
N GLN D 335 -17.12 13.54 -13.38
CA GLN D 335 -17.16 14.54 -14.43
C GLN D 335 -18.56 15.10 -14.62
N SER D 336 -19.49 14.50 -13.93
CA SER D 336 -20.88 14.91 -13.95
C SER D 336 -21.11 16.31 -13.33
N ASN D 337 -22.12 17.09 -13.78
CA ASN D 337 -22.38 18.36 -13.11
C ASN D 337 -22.59 18.15 -11.61
N TRP D 338 -23.25 17.04 -11.28
CA TRP D 338 -23.48 16.67 -9.89
C TRP D 338 -23.00 15.24 -9.59
N PRO D 339 -21.71 15.09 -9.23
CA PRO D 339 -21.14 13.78 -8.93
C PRO D 339 -21.78 13.12 -7.70
N GLY D 340 -22.33 13.93 -6.82
CA GLY D 340 -22.96 13.42 -5.60
C GLY D 340 -21.97 13.38 -4.47
N MET D 341 -22.46 13.37 -3.23
CA MET D 341 -21.55 13.46 -2.10
C MET D 341 -20.69 12.23 -1.94
N ALA D 342 -21.18 11.08 -2.39
CA ALA D 342 -20.43 9.84 -2.31
C ALA D 342 -19.16 9.93 -3.14
N HIS D 343 -19.16 10.81 -4.15
CA HIS D 343 -17.96 11.04 -4.93
C HIS D 343 -16.79 11.53 -4.07
N TRP D 344 -17.09 12.31 -3.03
CA TRP D 344 -16.03 12.91 -2.23
C TRP D 344 -15.95 12.41 -0.78
N PHE D 345 -17.05 11.85 -0.27
CA PHE D 345 -17.09 11.53 1.15
C PHE D 345 -17.35 10.06 1.40
N PRO D 346 -16.48 9.44 2.19
CA PRO D 346 -16.76 8.08 2.61
C PRO D 346 -18.07 8.07 3.35
N ALA D 347 -18.82 6.97 3.22
CA ALA D 347 -20.03 6.80 3.98
C ALA D 347 -19.60 6.26 5.33
N LYS D 348 -20.21 6.76 6.41
CA LYS D 348 -19.93 6.22 7.74
C LYS D 348 -21.11 5.41 8.22
N SER D 349 -20.84 4.51 9.14
CA SER D 349 -21.86 3.64 9.68
C SER D 349 -21.70 3.55 11.18
N THR D 350 -22.83 3.48 11.86
CA THR D 350 -22.81 3.43 13.31
C THR D 350 -23.20 2.02 13.75
N ALA D 351 -23.17 1.09 12.80
CA ALA D 351 -23.43 -0.32 13.05
C ALA D 351 -22.17 -0.96 13.62
N THR D 352 -21.77 -0.49 14.79
CA THR D 352 -20.43 -0.73 15.31
C THR D 352 -20.47 -1.42 16.66
N SER D 353 -21.65 -1.89 17.03
CA SER D 353 -21.88 -2.42 18.36
C SER D 353 -22.99 -3.48 18.32
N VAL D 354 -22.83 -4.55 19.10
CA VAL D 354 -23.85 -5.59 19.21
C VAL D 354 -24.70 -5.33 20.44
N PRO D 355 -26.03 -5.47 20.30
CA PRO D 355 -26.76 -5.94 19.10
C PRO D 355 -26.87 -4.85 18.06
N PHE D 356 -26.78 -5.22 16.79
CA PHE D 356 -27.18 -4.32 15.72
C PHE D 356 -28.52 -4.78 15.15
N VAL D 357 -29.48 -3.87 15.13
CA VAL D 357 -30.84 -4.21 14.74
C VAL D 357 -31.37 -3.11 13.87
N THR D 358 -32.00 -3.49 12.77
CA THR D 358 -32.70 -2.55 11.92
C THR D 358 -33.96 -3.17 11.31
N HIS D 359 -35.00 -2.36 11.21
CA HIS D 359 -36.25 -2.81 10.62
C HIS D 359 -36.54 -2.00 9.35
N PHE D 360 -35.54 -1.22 8.96
CA PHE D 360 -35.62 -0.38 7.79
C PHE D 360 -36.77 0.59 7.97
N ASN D 361 -36.96 1.05 9.20
CA ASN D 361 -37.90 2.11 9.46
C ASN D 361 -37.32 3.45 8.97
N THR D 362 -38.02 4.10 8.04
CA THR D 362 -37.57 5.37 7.48
C THR D 362 -37.98 6.56 8.31
N GLY D 363 -38.81 6.35 9.31
CA GLY D 363 -39.20 7.46 10.15
C GLY D 363 -40.63 7.91 9.92
N SER D 364 -41.20 7.49 8.81
CA SER D 364 -42.63 7.69 8.63
C SER D 364 -43.29 6.57 7.83
N GLY D 365 -44.61 6.59 7.78
CA GLY D 365 -45.36 5.54 7.11
C GLY D 365 -46.80 5.92 6.81
N ALA D 366 -47.41 5.18 5.90
CA ALA D 366 -48.83 5.35 5.62
C ALA D 366 -49.62 4.45 6.56
N GLN D 367 -48.89 3.72 7.38
CA GLN D 367 -49.46 2.59 8.10
C GLN D 367 -48.39 2.16 9.09
N PHE D 368 -48.78 1.42 10.12
CA PHE D 368 -47.80 0.93 11.09
C PHE D 368 -48.04 -0.54 11.38
N SER D 369 -47.00 -1.34 11.21
CA SER D 369 -47.08 -2.79 11.41
C SER D 369 -46.33 -3.26 12.65
N ALA D 370 -46.85 -4.31 13.27
CA ALA D 370 -46.13 -5.02 14.33
C ALA D 370 -46.11 -6.51 13.96
N GLU D 371 -44.91 -7.10 14.00
CA GLU D 371 -44.76 -8.48 13.53
C GLU D 371 -45.46 -8.74 12.21
N GLY D 372 -45.45 -7.77 11.31
CA GLY D 372 -46.01 -7.98 9.98
C GLY D 372 -47.50 -7.74 9.85
N LYS D 373 -48.18 -7.41 10.94
CA LYS D 373 -49.60 -7.10 10.85
C LYS D 373 -49.82 -5.62 11.09
N THR D 374 -50.66 -4.99 10.26
CA THR D 374 -51.02 -3.60 10.49
C THR D 374 -51.73 -3.43 11.84
N VAL D 375 -51.25 -2.52 12.67
CA VAL D 375 -51.87 -2.27 13.95
C VAL D 375 -52.33 -0.81 14.06
N SER D 376 -52.16 -0.07 12.96
CA SER D 376 -52.79 1.22 12.75
C SER D 376 -52.74 1.55 11.26
N GLU D 377 -53.85 2.06 10.73
CA GLU D 377 -53.91 2.42 9.32
C GLU D 377 -53.57 3.89 9.08
N GLN D 378 -53.20 4.61 10.14
CA GLN D 378 -52.98 6.06 10.04
C GLN D 378 -51.58 6.44 9.57
N GLU D 379 -51.48 7.50 8.78
CA GLU D 379 -50.17 8.07 8.51
C GLU D 379 -49.51 8.39 9.84
N TRP D 380 -48.19 8.32 9.86
CA TRP D 380 -47.46 8.73 11.06
C TRP D 380 -46.09 9.09 10.59
N ASN D 381 -45.46 10.00 11.34
CA ASN D 381 -44.01 10.12 11.32
C ASN D 381 -43.53 10.22 12.77
N ASN D 382 -42.37 9.63 13.02
CA ASN D 382 -41.71 9.77 14.29
C ASN D 382 -40.27 9.37 14.05
N ARG D 383 -39.45 10.35 13.73
CA ARG D 383 -38.09 10.06 13.33
C ARG D 383 -37.20 9.53 14.49
N SER D 384 -37.78 9.43 15.70
CA SER D 384 -37.12 8.69 16.81
C SER D 384 -37.09 7.19 16.51
N LEU D 385 -37.97 6.78 15.59
CA LEU D 385 -38.07 5.38 15.21
C LEU D 385 -37.31 5.07 13.93
N GLN D 386 -36.70 6.09 13.32
CA GLN D 386 -35.92 5.83 12.12
C GLN D 386 -34.69 4.96 12.48
N ASP D 387 -34.57 3.84 11.77
CA ASP D 387 -33.45 2.94 11.94
C ASP D 387 -32.22 3.45 11.26
N VAL D 388 -31.08 2.86 11.63
CA VAL D 388 -29.86 3.04 10.87
C VAL D 388 -30.10 2.33 9.54
N LEU D 389 -30.08 3.10 8.46
CA LEU D 389 -30.44 2.61 7.13
C LEU D 389 -29.18 2.22 6.32
N PRO D 390 -29.35 1.48 5.21
CA PRO D 390 -28.17 0.97 4.52
C PRO D 390 -27.09 1.99 4.19
N THR D 391 -25.88 1.72 4.65
CA THR D 391 -24.69 2.44 4.24
C THR D 391 -24.66 2.78 2.73
N TRP D 392 -25.02 1.80 1.90
CA TRP D 392 -24.91 1.94 0.45
C TRP D 392 -26.27 2.01 -0.27
N ARG D 393 -26.45 3.06 -1.06
CA ARG D 393 -27.69 3.19 -1.84
C ARG D 393 -27.37 3.45 -3.30
N TRP D 394 -27.24 2.41 -4.12
CA TRP D 394 -27.36 1.00 -3.73
C TRP D 394 -26.29 0.23 -4.49
N ILE D 395 -25.75 -0.81 -3.86
CA ILE D 395 -24.74 -1.62 -4.51
C ILE D 395 -25.26 -3.05 -4.73
N GLN D 396 -25.55 -3.38 -5.99
CA GLN D 396 -25.90 -4.76 -6.34
C GLN D 396 -24.98 -5.39 -7.39
N HIS D 397 -25.03 -6.70 -7.49
CA HIS D 397 -24.29 -7.42 -8.51
C HIS D 397 -25.23 -8.45 -9.10
N GLY D 398 -25.28 -8.49 -10.43
CA GLY D 398 -26.12 -9.46 -11.13
C GLY D 398 -27.62 -9.17 -11.07
N GLY D 399 -28.35 -9.87 -11.94
CA GLY D 399 -29.77 -9.66 -12.13
C GLY D 399 -30.09 -8.33 -12.77
N ASP D 400 -31.37 -8.10 -13.06
CA ASP D 400 -31.85 -6.77 -13.42
C ASP D 400 -32.82 -6.27 -12.34
N LEU D 401 -32.26 -5.94 -11.19
CA LEU D 401 -33.04 -5.62 -10.01
C LEU D 401 -32.98 -4.16 -9.61
N GLU D 402 -34.00 -3.69 -8.92
CA GLU D 402 -33.96 -2.37 -8.29
C GLU D 402 -34.22 -2.48 -6.80
N ALA D 403 -33.53 -1.66 -6.02
CA ALA D 403 -33.76 -1.57 -4.58
C ALA D 403 -34.21 -0.18 -4.16
N THR D 404 -35.21 -0.15 -3.30
CA THR D 404 -35.76 1.12 -2.86
C THR D 404 -36.46 0.84 -1.54
N PHE D 405 -36.95 1.89 -0.88
CA PHE D 405 -37.79 1.69 0.28
C PHE D 405 -39.21 1.53 -0.18
N SER D 406 -39.94 0.64 0.49
CA SER D 406 -41.35 0.47 0.21
C SER D 406 -42.16 0.88 1.43
N TRP D 407 -43.28 1.57 1.22
CA TRP D 407 -44.17 1.91 2.32
C TRP D 407 -45.47 1.12 2.21
N GLU D 408 -45.43 0.07 1.38
CA GLU D 408 -46.53 -0.85 1.18
C GLU D 408 -46.45 -2.05 2.11
N GLU D 409 -45.23 -2.41 2.49
CA GLU D 409 -44.99 -3.62 3.30
C GLU D 409 -44.10 -3.27 4.47
N ALA D 410 -44.44 -3.75 5.66
CA ALA D 410 -43.63 -3.51 6.83
C ALA D 410 -43.76 -4.64 7.80
N PHE D 411 -42.67 -4.92 8.52
CA PHE D 411 -42.70 -5.91 9.58
C PHE D 411 -42.73 -5.21 10.94
N GLU D 412 -41.94 -4.16 11.09
CA GLU D 412 -42.03 -3.34 12.28
C GLU D 412 -41.95 -1.90 11.86
N GLY D 413 -43.01 -1.14 12.06
CA GLY D 413 -43.00 0.24 11.64
C GLY D 413 -43.77 0.44 10.35
N GLY D 414 -43.24 1.24 9.44
CA GLY D 414 -44.03 1.64 8.29
C GLY D 414 -43.38 1.40 6.94
N SER D 415 -42.20 0.78 6.94
CA SER D 415 -41.48 0.58 5.68
C SER D 415 -40.65 -0.69 5.70
N SER D 416 -40.28 -1.13 4.51
CA SER D 416 -39.35 -2.24 4.36
C SER D 416 -38.40 -1.87 3.26
N LEU D 417 -37.38 -2.69 3.08
CA LEU D 417 -36.47 -2.55 1.95
C LEU D 417 -36.94 -3.47 0.84
N GLN D 418 -37.27 -2.88 -0.30
CA GLN D 418 -37.78 -3.64 -1.43
C GLN D 418 -36.69 -3.91 -2.47
N TRP D 419 -36.58 -5.18 -2.88
CA TRP D 419 -35.57 -5.59 -3.83
C TRP D 419 -36.28 -6.42 -4.87
N HIS D 420 -36.44 -5.85 -6.06
CA HIS D 420 -37.41 -6.39 -7.00
C HIS D 420 -37.02 -6.18 -8.46
N GLY D 421 -37.54 -7.04 -9.32
CA GLY D 421 -37.25 -6.96 -10.73
C GLY D 421 -37.12 -8.31 -11.41
N SER D 422 -36.19 -8.40 -12.35
CA SER D 422 -36.01 -9.63 -13.10
C SER D 422 -34.76 -10.36 -12.64
N LEU D 423 -34.93 -11.63 -12.35
CA LEU D 423 -33.80 -12.50 -12.04
C LEU D 423 -34.03 -13.84 -12.73
N ALA D 424 -33.25 -14.10 -13.78
CA ALA D 424 -33.41 -15.32 -14.55
C ALA D 424 -33.08 -16.57 -13.72
N GLU D 425 -33.77 -17.66 -14.00
CA GLU D 425 -33.53 -18.94 -13.34
C GLU D 425 -32.04 -19.28 -13.28
N GLY D 426 -31.57 -19.72 -12.13
CA GLY D 426 -30.20 -20.09 -11.95
C GLY D 426 -29.22 -18.97 -11.74
N GLU D 427 -29.66 -17.76 -12.02
CA GLU D 427 -28.81 -16.60 -11.99
C GLU D 427 -28.75 -16.02 -10.59
N HIS D 428 -27.65 -15.41 -10.23
CA HIS D 428 -27.45 -14.90 -8.87
C HIS D 428 -27.52 -13.40 -8.74
N ALA D 429 -27.86 -12.92 -7.57
CA ALA D 429 -27.78 -11.48 -7.35
C ALA D 429 -27.43 -11.20 -5.90
N GLN D 430 -26.60 -10.20 -5.66
CA GLN D 430 -26.32 -9.78 -4.30
C GLN D 430 -26.50 -8.29 -4.13
N ILE D 431 -26.88 -7.90 -2.91
CA ILE D 431 -26.98 -6.50 -2.56
C ILE D 431 -26.23 -6.29 -1.27
N GLU D 432 -25.19 -5.47 -1.31
CA GLU D 432 -24.39 -5.17 -0.15
C GLU D 432 -24.98 -3.93 0.49
N LEU D 433 -25.40 -4.07 1.75
CA LEU D 433 -26.16 -3.05 2.45
C LEU D 433 -25.38 -2.25 3.48
N TYR D 434 -24.62 -2.94 4.34
CA TYR D 434 -24.02 -2.27 5.49
C TYR D 434 -22.52 -2.43 5.61
N GLN D 435 -21.83 -1.31 5.84
CA GLN D 435 -20.50 -1.32 6.41
C GLN D 435 -20.69 -1.42 7.94
N THR D 436 -19.96 -2.34 8.58
CA THR D 436 -20.19 -2.62 9.99
C THR D 436 -18.90 -2.86 10.75
N GLU D 437 -19.01 -3.03 12.06
CA GLU D 437 -17.91 -3.47 12.89
C GLU D 437 -18.50 -4.17 14.10
N LEU D 438 -18.88 -5.43 13.90
CA LEU D 438 -19.62 -6.16 14.92
C LEU D 438 -18.82 -7.37 15.36
N PRO D 439 -18.29 -7.31 16.60
CA PRO D 439 -17.56 -8.43 17.21
C PRO D 439 -18.48 -9.62 17.41
N ILE D 440 -18.16 -10.76 16.81
CA ILE D 440 -18.96 -11.96 17.02
C ILE D 440 -18.49 -12.68 18.27
N SER D 441 -19.46 -13.10 19.09
CA SER D 441 -19.15 -13.92 20.24
C SER D 441 -20.19 -15.03 20.29
N GLU D 442 -19.94 -16.05 21.09
CA GLU D 442 -20.90 -17.13 21.23
C GLU D 442 -22.25 -16.60 21.69
N GLY D 443 -23.32 -17.14 21.13
CA GLY D 443 -24.65 -16.66 21.44
C GLY D 443 -25.13 -15.59 20.48
N THR D 444 -24.22 -15.10 19.64
CA THR D 444 -24.55 -14.11 18.64
C THR D 444 -25.12 -14.76 17.38
N SER D 445 -26.30 -14.33 16.96
CA SER D 445 -26.94 -14.87 15.75
C SER D 445 -27.25 -13.79 14.73
N LEU D 446 -27.34 -14.20 13.48
CA LEU D 446 -27.83 -13.35 12.41
C LEU D 446 -29.26 -13.70 12.12
N THR D 447 -30.16 -12.74 12.31
CA THR D 447 -31.55 -12.96 11.92
C THR D 447 -31.97 -12.01 10.79
N TRP D 448 -32.95 -12.42 9.99
CA TRP D 448 -33.52 -11.49 9.01
C TRP D 448 -34.91 -11.93 8.61
N THR D 449 -35.72 -10.98 8.15
CA THR D 449 -37.13 -11.23 7.95
C THR D 449 -37.62 -10.61 6.64
N PHE D 450 -38.24 -11.43 5.80
CA PHE D 450 -38.63 -10.96 4.49
C PHE D 450 -39.90 -11.61 4.01
N LYS D 451 -40.52 -11.00 2.99
CA LYS D 451 -41.55 -11.64 2.17
C LYS D 451 -40.94 -11.86 0.80
N SER D 452 -41.36 -12.91 0.11
CA SER D 452 -40.94 -13.11 -1.27
C SER D 452 -42.13 -13.43 -2.14
N GLU D 453 -42.46 -12.51 -3.05
CA GLU D 453 -43.64 -12.64 -3.93
C GLU D 453 -43.55 -13.79 -4.94
N HIS D 454 -42.34 -14.30 -5.18
CA HIS D 454 -42.15 -15.33 -6.20
C HIS D 454 -41.44 -16.53 -5.62
N ASP D 455 -41.40 -16.59 -4.29
CA ASP D 455 -40.91 -17.76 -3.57
C ASP D 455 -39.40 -17.96 -3.50
N ASN D 456 -38.60 -17.17 -4.23
CA ASN D 456 -37.15 -17.29 -4.06
C ASN D 456 -36.86 -17.17 -2.56
N ASP D 457 -35.81 -17.83 -2.09
CA ASP D 457 -35.40 -17.66 -0.71
C ASP D 457 -34.47 -16.45 -0.66
N LEU D 458 -34.33 -15.82 0.51
CA LEU D 458 -33.41 -14.69 0.66
C LEU D 458 -32.21 -15.05 1.55
N ASN D 459 -31.03 -15.13 0.95
CA ASN D 459 -29.83 -15.49 1.71
C ASN D 459 -29.27 -14.28 2.41
N VAL D 460 -28.57 -14.49 3.53
CA VAL D 460 -27.87 -13.40 4.16
C VAL D 460 -26.40 -13.39 3.75
N GLY D 461 -25.80 -12.20 3.71
CA GLY D 461 -24.40 -12.08 3.40
C GLY D 461 -23.71 -11.39 4.53
N PHE D 462 -22.55 -11.90 4.94
CA PHE D 462 -21.70 -11.21 5.91
C PHE D 462 -20.23 -11.27 5.52
N ARG D 463 -19.54 -10.16 5.73
CA ARG D 463 -18.14 -10.05 5.41
C ARG D 463 -17.36 -10.01 6.72
N LEU D 464 -16.31 -10.82 6.80
CA LEU D 464 -15.49 -10.85 8.01
C LEU D 464 -14.23 -10.03 7.81
N ASP D 465 -13.76 -9.42 8.89
CA ASP D 465 -12.52 -8.66 8.89
C ASP D 465 -11.33 -9.59 8.66
N GLY D 466 -10.62 -9.29 7.58
CA GLY D 466 -9.54 -10.08 7.06
C GLY D 466 -9.87 -10.42 5.62
N ASP D 469 -14.55 -9.61 0.61
CA ASP D 469 -15.43 -10.61 0.04
C ASP D 469 -16.47 -11.15 1.02
N PHE D 470 -17.73 -11.20 0.60
CA PHE D 470 -18.84 -11.62 1.42
C PHE D 470 -19.16 -13.12 1.45
N ARG D 471 -19.61 -13.63 2.59
CA ARG D 471 -20.04 -15.02 2.71
C ARG D 471 -21.55 -15.06 2.57
N TYR D 472 -22.06 -15.67 1.51
CA TYR D 472 -23.50 -15.84 1.39
C TYR D 472 -23.94 -17.24 1.78
N VAL D 473 -24.81 -17.31 2.79
CA VAL D 473 -25.31 -18.58 3.29
C VAL D 473 -26.80 -18.50 3.51
N GLU D 474 -27.46 -19.65 3.56
CA GLU D 474 -28.87 -19.67 3.90
C GLU D 474 -29.06 -19.86 5.40
N GLY D 475 -30.17 -19.33 5.92
CA GLY D 475 -30.44 -19.44 7.34
C GLY D 475 -30.51 -20.89 7.80
N GLU D 476 -30.47 -21.08 9.11
CA GLU D 476 -30.49 -22.41 9.68
C GLU D 476 -31.90 -22.77 10.18
N GLN D 477 -32.54 -21.86 10.90
CA GLN D 477 -33.85 -22.09 11.48
C GLN D 477 -34.86 -21.12 10.86
N ARG D 478 -35.92 -21.66 10.28
CA ARG D 478 -36.92 -20.84 9.61
C ARG D 478 -38.15 -20.68 10.50
N GLU D 479 -38.78 -19.50 10.44
CA GLU D 479 -40.03 -19.30 11.16
C GLU D 479 -40.99 -18.42 10.37
N SER D 480 -42.27 -18.78 10.39
CA SER D 480 -43.26 -17.98 9.71
C SER D 480 -44.00 -17.12 10.71
N ILE D 481 -44.11 -15.84 10.38
CA ILE D 481 -44.77 -14.86 11.22
C ILE D 481 -45.61 -13.96 10.34
N ASN D 482 -46.93 -14.14 10.40
CA ASN D 482 -47.87 -13.32 9.66
C ASN D 482 -47.47 -13.08 8.21
N GLY D 483 -46.94 -14.11 7.58
CA GLY D 483 -46.68 -14.06 6.15
C GLY D 483 -45.24 -13.75 5.85
N TRP D 484 -44.49 -13.44 6.89
CA TRP D 484 -43.08 -13.13 6.76
C TRP D 484 -42.24 -14.35 7.14
N THR D 485 -41.08 -14.47 6.52
CA THR D 485 -40.17 -15.54 6.82
C THR D 485 -39.01 -14.97 7.62
N GLN D 486 -38.74 -15.56 8.78
CA GLN D 486 -37.63 -15.13 9.60
C GLN D 486 -36.59 -16.23 9.74
N TRP D 487 -35.41 -16.01 9.18
CA TRP D 487 -34.30 -16.92 9.31
C TRP D 487 -33.45 -16.56 10.52
N THR D 488 -32.91 -17.57 11.17
CA THR D 488 -31.90 -17.38 12.18
C THR D 488 -30.65 -18.17 11.78
N LEU D 489 -29.52 -17.50 11.76
CA LEU D 489 -28.23 -18.13 11.45
C LEU D 489 -27.24 -17.95 12.62
N PRO D 490 -27.04 -19.01 13.41
CA PRO D 490 -26.08 -18.90 14.51
C PRO D 490 -24.69 -18.61 13.96
N LEU D 491 -23.93 -17.80 14.68
CA LEU D 491 -22.61 -17.41 14.22
C LEU D 491 -21.52 -17.87 15.18
N ASP D 492 -21.86 -18.81 16.05
CA ASP D 492 -20.92 -19.29 17.07
C ASP D 492 -19.61 -19.79 16.44
N ALA D 493 -19.71 -20.44 15.28
CA ALA D 493 -18.54 -20.89 14.55
C ALA D 493 -17.55 -19.78 14.23
N PHE D 494 -17.97 -18.53 14.43
CA PHE D 494 -17.13 -17.40 14.04
C PHE D 494 -16.75 -16.52 15.23
N ALA D 495 -17.08 -16.96 16.45
CA ALA D 495 -16.76 -16.19 17.64
C ALA D 495 -15.29 -15.77 17.64
N GLY D 496 -15.04 -14.51 17.95
CA GLY D 496 -13.69 -13.98 17.95
C GLY D 496 -13.40 -13.23 16.68
N GLN D 497 -14.26 -13.42 15.69
CA GLN D 497 -14.16 -12.71 14.41
C GLN D 497 -14.94 -11.39 14.47
N THR D 498 -14.75 -10.54 13.47
CA THR D 498 -15.55 -9.32 13.39
C THR D 498 -16.24 -9.13 12.04
N ILE D 499 -17.55 -8.97 12.06
CA ILE D 499 -18.30 -8.67 10.82
C ILE D 499 -18.11 -7.21 10.44
N THR D 500 -17.75 -6.99 9.18
CA THR D 500 -17.49 -5.64 8.71
C THR D 500 -18.48 -5.29 7.62
N GLY D 501 -19.42 -6.19 7.35
CA GLY D 501 -20.38 -5.92 6.30
C GLY D 501 -21.57 -6.87 6.29
N LEU D 502 -22.73 -6.33 5.92
CA LEU D 502 -23.95 -7.13 5.84
C LEU D 502 -24.52 -6.98 4.45
N ALA D 503 -25.18 -8.04 3.98
CA ALA D 503 -25.67 -8.12 2.60
C ALA D 503 -26.78 -9.15 2.44
N PHE D 504 -27.41 -9.18 1.28
CA PHE D 504 -28.38 -10.23 0.94
C PHE D 504 -28.06 -10.81 -0.43
N ALA D 505 -28.57 -12.00 -0.71
CA ALA D 505 -28.36 -12.61 -2.01
C ALA D 505 -29.52 -13.52 -2.34
N ALA D 506 -29.85 -13.59 -3.63
CA ALA D 506 -30.93 -14.43 -4.09
C ALA D 506 -30.57 -15.16 -5.39
N GLU D 507 -31.28 -16.26 -5.64
CA GLU D 507 -31.13 -17.02 -6.85
C GLU D 507 -32.47 -16.99 -7.59
N GLY D 508 -32.43 -16.68 -8.87
CA GLY D 508 -33.64 -16.62 -9.66
C GLY D 508 -34.18 -18.02 -9.85
N ASN D 509 -35.49 -18.09 -10.04
CA ASN D 509 -36.11 -19.37 -10.33
C ASN D 509 -36.86 -19.33 -11.65
N GLU D 510 -37.65 -20.36 -11.91
CA GLU D 510 -38.31 -20.52 -13.20
C GLU D 510 -39.16 -19.29 -13.52
N THR D 511 -39.69 -18.67 -12.47
CA THR D 511 -40.46 -17.45 -12.56
C THR D 511 -39.75 -16.35 -13.36
N GLY D 512 -38.43 -16.26 -13.17
CA GLY D 512 -37.65 -15.18 -13.79
C GLY D 512 -37.83 -13.83 -13.10
N LEU D 513 -38.70 -13.79 -12.11
CA LEU D 513 -38.98 -12.57 -11.35
C LEU D 513 -38.48 -12.69 -9.91
N ALA D 514 -38.09 -11.55 -9.32
CA ALA D 514 -37.82 -11.50 -7.88
C ALA D 514 -38.52 -10.28 -7.30
N GLU D 515 -39.12 -10.46 -6.13
CA GLU D 515 -39.68 -9.33 -5.43
C GLU D 515 -39.61 -9.59 -3.94
N PHE D 516 -38.59 -9.04 -3.31
CA PHE D 516 -38.40 -9.23 -1.88
C PHE D 516 -38.78 -7.96 -1.13
N TYR D 517 -39.34 -8.14 0.07
CA TYR D 517 -39.47 -7.08 1.05
C TYR D 517 -38.80 -7.57 2.33
N THR D 518 -37.85 -6.79 2.83
CA THR D 518 -37.10 -7.21 3.99
C THR D 518 -37.36 -6.22 5.11
N GLY D 519 -37.82 -6.72 6.26
CA GLY D 519 -38.39 -5.89 7.30
C GLY D 519 -37.60 -5.95 8.58
N GLN D 520 -36.60 -6.81 8.62
CA GLN D 520 -35.74 -6.86 9.78
C GLN D 520 -34.44 -7.56 9.42
N LEU D 521 -33.36 -7.04 10.00
CA LEU D 521 -32.05 -7.61 9.89
C LEU D 521 -31.32 -7.34 11.21
N ALA D 522 -30.60 -8.33 11.73
CA ALA D 522 -29.98 -8.14 13.03
C ALA D 522 -28.84 -9.10 13.35
N VAL D 523 -27.85 -8.58 14.07
CA VAL D 523 -26.77 -9.38 14.63
C VAL D 523 -26.81 -9.21 16.14
N GLY D 524 -27.05 -10.29 16.88
CA GLY D 524 -27.15 -10.21 18.32
C GLY D 524 -27.86 -11.37 19.00
N PRO D 530 -37.90 -7.27 28.73
CA PRO D 530 -37.97 -6.01 29.48
C PRO D 530 -39.18 -6.00 30.41
N ALA D 531 -39.08 -5.28 31.53
CA ALA D 531 -40.16 -5.23 32.50
C ALA D 531 -41.31 -4.37 31.99
N ALA D 532 -42.54 -4.76 32.34
CA ALA D 532 -43.69 -3.93 32.02
C ALA D 532 -43.41 -2.53 32.52
N PRO D 533 -43.65 -1.52 31.67
CA PRO D 533 -43.35 -0.14 32.03
C PRO D 533 -44.17 0.29 33.24
N ASN D 534 -43.54 1.02 34.15
CA ASN D 534 -44.27 1.56 35.28
C ASN D 534 -44.86 2.91 34.89
N VAL D 535 -46.15 2.93 34.59
CA VAL D 535 -46.76 4.07 33.92
C VAL D 535 -47.73 4.85 34.78
N ASN D 536 -47.54 6.16 34.80
CA ASN D 536 -48.47 7.06 35.46
C ASN D 536 -49.21 7.98 34.50
N VAL D 537 -50.48 8.21 34.77
CA VAL D 537 -51.27 9.19 34.02
C VAL D 537 -51.13 10.55 34.70
N ARG D 538 -50.55 11.53 33.99
CA ARG D 538 -50.46 12.87 34.54
C ARG D 538 -51.23 13.88 33.66
N GLN D 539 -51.52 15.04 34.25
CA GLN D 539 -52.08 16.16 33.51
C GLN D 539 -51.06 16.68 32.51
N TYR D 540 -51.52 17.00 31.31
CA TYR D 540 -50.76 17.91 30.47
C TYR D 540 -51.45 19.27 30.59
N ASP D 541 -50.92 20.10 31.49
CA ASP D 541 -51.60 21.33 31.90
C ASP D 541 -52.21 22.14 30.76
N PRO D 542 -51.42 22.42 29.71
CA PRO D 542 -51.92 23.29 28.63
C PRO D 542 -53.14 22.74 27.91
N ASP D 543 -53.40 21.44 28.09
CA ASP D 543 -54.56 20.81 27.48
C ASP D 543 -55.30 19.93 28.46
N PRO D 544 -56.26 20.50 29.20
CA PRO D 544 -57.16 19.62 29.95
C PRO D 544 -57.86 18.83 28.86
N SER D 545 -58.43 17.68 29.18
CA SER D 545 -59.06 16.83 28.17
C SER D 545 -58.02 16.10 27.31
N GLY D 546 -56.76 16.46 27.49
CA GLY D 546 -55.65 15.62 27.04
C GLY D 546 -54.93 15.12 28.28
N ILE D 547 -54.03 14.16 28.11
CA ILE D 547 -53.27 13.60 29.24
C ILE D 547 -51.90 13.22 28.75
N GLN D 548 -50.98 12.96 29.66
CA GLN D 548 -49.69 12.39 29.28
C GLN D 548 -49.35 11.17 30.12
N LEU D 549 -48.88 10.12 29.46
CA LEU D 549 -48.41 8.94 30.15
C LEU D 549 -46.93 9.16 30.42
N VAL D 550 -46.49 8.89 31.64
CA VAL D 550 -45.10 9.10 32.03
C VAL D 550 -44.56 7.82 32.68
N TRP D 551 -43.42 7.34 32.23
CA TRP D 551 -42.81 6.14 32.76
C TRP D 551 -41.35 6.43 33.13
N GLU D 552 -40.68 5.46 33.74
CA GLU D 552 -39.30 5.68 34.21
C GLU D 552 -38.25 5.41 33.14
N ASN D 556 -31.88 -0.13 28.04
CA ASN D 556 -32.60 -1.37 27.83
C ASN D 556 -33.62 -1.27 26.68
N VAL D 557 -34.29 -0.13 26.60
CA VAL D 557 -35.51 0.00 25.80
C VAL D 557 -35.36 0.89 24.59
N HIS D 558 -35.78 0.38 23.44
CA HIS D 558 -35.71 1.17 22.23
C HIS D 558 -36.84 2.20 22.16
N HIS D 559 -38.07 1.75 22.39
CA HIS D 559 -39.20 2.67 22.35
C HIS D 559 -40.43 2.02 22.97
N TYR D 560 -41.46 2.83 23.24
CA TYR D 560 -42.71 2.36 23.85
C TYR D 560 -43.86 2.48 22.87
N ARG D 561 -44.78 1.53 22.93
CA ARG D 561 -45.96 1.54 22.07
C ARG D 561 -47.22 1.64 22.93
N VAL D 562 -48.11 2.55 22.57
CA VAL D 562 -49.37 2.67 23.29
C VAL D 562 -50.49 2.18 22.40
N TYR D 563 -51.13 1.09 22.83
CA TYR D 563 -52.32 0.61 22.17
C TYR D 563 -53.57 1.01 22.93
N LYS D 564 -54.66 1.22 22.21
CA LYS D 564 -55.95 1.35 22.86
C LYS D 564 -56.88 0.26 22.33
N GLU D 565 -57.72 -0.26 23.22
CA GLU D 565 -58.68 -1.31 22.86
C GLU D 565 -59.83 -0.72 22.06
N THR D 566 -60.22 -1.42 21.00
CA THR D 566 -61.39 -1.01 20.23
C THR D 566 -62.23 -2.23 19.87
N LYS D 567 -63.42 -1.98 19.34
CA LYS D 567 -64.31 -3.06 18.92
C LYS D 567 -63.68 -3.88 17.79
N HIS D 568 -62.63 -3.32 17.18
CA HIS D 568 -61.94 -3.97 16.05
C HIS D 568 -60.53 -4.42 16.40
N GLY D 569 -60.28 -4.75 17.67
CA GLY D 569 -58.97 -5.19 18.12
C GLY D 569 -58.10 -4.09 18.70
N LYS D 570 -56.85 -4.41 19.04
CA LYS D 570 -55.93 -3.42 19.60
C LYS D 570 -55.41 -2.49 18.51
N GLU D 571 -55.42 -1.19 18.75
CA GLU D 571 -54.94 -0.23 17.76
C GLU D 571 -53.83 0.58 18.36
N LEU D 572 -52.74 0.71 17.63
CA LEU D 572 -51.60 1.53 18.00
C LEU D 572 -51.98 3.01 17.86
N ILE D 573 -51.83 3.78 18.93
CA ILE D 573 -52.17 5.20 18.88
C ILE D 573 -50.98 6.10 19.23
N GLY D 574 -49.88 5.51 19.65
CA GLY D 574 -48.73 6.29 20.03
C GLY D 574 -47.45 5.50 20.11
N THR D 575 -46.33 6.17 19.83
CA THR D 575 -45.02 5.62 20.06
C THR D 575 -44.15 6.71 20.68
N SER D 576 -43.24 6.30 21.54
CA SER D 576 -42.30 7.24 22.13
C SER D 576 -40.99 6.57 22.44
N ALA D 577 -39.92 7.31 22.18
CA ALA D 577 -38.59 6.85 22.52
C ALA D 577 -38.06 7.62 23.72
N GLY D 578 -38.95 8.39 24.35
CA GLY D 578 -38.59 9.19 25.51
C GLY D 578 -39.21 8.59 26.76
N ASP D 579 -39.56 9.43 27.73
CA ASP D 579 -40.11 8.94 29.00
C ASP D 579 -41.61 9.24 29.14
N ARG D 580 -42.22 9.79 28.10
CA ARG D 580 -43.64 10.12 28.15
C ARG D 580 -44.28 10.23 26.77
N ILE D 581 -45.60 10.31 26.76
CA ILE D 581 -46.28 10.60 25.52
C ILE D 581 -47.58 11.34 25.82
N TYR D 582 -47.92 12.30 24.97
CA TYR D 582 -49.16 13.04 25.09
C TYR D 582 -50.21 12.43 24.20
N ILE D 583 -51.38 12.17 24.77
CA ILE D 583 -52.50 11.67 23.98
C ILE D 583 -53.67 12.64 24.07
N GLU D 584 -54.20 12.98 22.89
CA GLU D 584 -55.33 13.89 22.73
C GLU D 584 -56.67 13.26 23.05
N GLY D 585 -57.47 14.03 23.78
CA GLY D 585 -58.87 13.78 24.10
C GLY D 585 -59.29 12.46 24.69
N LEU D 586 -58.56 12.00 25.68
CA LEU D 586 -58.78 10.68 26.14
C LEU D 586 -59.58 10.72 27.43
N VAL D 595 -62.21 3.56 28.15
CA VAL D 595 -60.92 3.71 27.48
C VAL D 595 -59.79 2.93 28.17
N ARG D 596 -59.46 1.75 27.63
CA ARG D 596 -58.37 0.93 28.16
C ARG D 596 -57.12 1.04 27.31
N LEU D 597 -55.98 1.31 27.93
CA LEU D 597 -54.72 1.45 27.20
C LEU D 597 -53.75 0.34 27.56
N HIS D 598 -52.82 0.06 26.65
CA HIS D 598 -51.79 -0.95 26.88
C HIS D 598 -50.44 -0.41 26.45
N ILE D 599 -49.54 -0.27 27.40
CA ILE D 599 -48.21 0.25 27.12
C ILE D 599 -47.20 -0.88 27.19
N GLU D 600 -46.45 -1.07 26.10
CA GLU D 600 -45.40 -2.07 26.12
C GLU D 600 -44.06 -1.39 25.85
N ALA D 601 -43.01 -1.93 26.45
CA ALA D 601 -41.67 -1.47 26.14
C ALA D 601 -41.02 -2.48 25.20
N LEU D 602 -40.36 -2.01 24.15
CA LEU D 602 -39.68 -2.92 23.24
C LEU D 602 -38.17 -2.75 23.45
N SER D 603 -37.49 -3.87 23.62
CA SER D 603 -36.03 -3.83 23.83
C SER D 603 -35.35 -3.37 22.56
N GLU D 604 -34.03 -3.26 22.61
CA GLU D 604 -33.26 -2.96 21.42
C GLU D 604 -33.44 -4.05 20.36
N THR D 605 -33.68 -5.28 20.81
CA THR D 605 -33.90 -6.40 19.91
C THR D 605 -35.38 -6.51 19.52
N PHE D 606 -36.16 -5.53 19.93
CA PHE D 606 -37.59 -5.50 19.64
C PHE D 606 -38.37 -6.64 20.28
N VAL D 607 -37.84 -7.18 21.37
CA VAL D 607 -38.64 -8.04 22.25
C VAL D 607 -39.60 -7.16 23.07
N PRO D 608 -40.90 -7.45 22.99
CA PRO D 608 -41.86 -6.63 23.74
C PRO D 608 -41.95 -7.10 25.18
N SER D 609 -42.15 -6.18 26.09
CA SER D 609 -42.53 -6.49 27.46
C SER D 609 -43.99 -6.90 27.53
N ASP D 610 -44.42 -7.40 28.68
CA ASP D 610 -45.84 -7.51 28.95
C ASP D 610 -46.40 -6.11 29.02
N ALA D 611 -47.62 -5.94 28.50
CA ALA D 611 -48.25 -4.63 28.48
C ALA D 611 -48.77 -4.22 29.86
N ARG D 612 -48.40 -3.03 30.30
CA ARG D 612 -49.04 -2.44 31.46
C ARG D 612 -50.43 -1.98 31.05
N MET D 613 -51.43 -2.33 31.85
CA MET D 613 -52.80 -1.91 31.57
C MET D 613 -53.02 -0.59 32.29
N ILE D 614 -53.75 0.30 31.61
CA ILE D 614 -54.22 1.58 32.14
C ILE D 614 -55.68 1.90 31.76
N ASP D 615 -56.40 2.38 32.75
CA ASP D 615 -57.78 2.74 32.61
C ASP D 615 -58.00 4.18 33.02
C1 BMA E . 44.66 -21.64 -8.91
C2 BMA E . 44.30 -23.00 -8.16
C3 BMA E . 45.46 -23.99 -8.21
C4 BMA E . 45.88 -24.19 -9.65
C5 BMA E . 46.21 -22.84 -10.33
C6 BMA E . 46.71 -22.99 -11.78
O2 BMA E . 43.02 -23.54 -8.34
O3 BMA E . 45.09 -25.25 -7.65
O4 BMA E . 46.80 -25.21 -9.82
O5 BMA E . 45.05 -21.98 -10.25
O6 BMA E . 45.74 -23.58 -12.67
C1 MAN E . 46.05 -25.76 -6.73
C2 MAN E . 45.72 -27.23 -6.35
C3 MAN E . 44.32 -27.26 -5.59
C4 MAN E . 44.19 -26.22 -4.47
C5 MAN E . 44.79 -24.88 -4.90
C6 MAN E . 44.76 -23.74 -3.87
O2 MAN E . 46.78 -27.88 -5.75
O3 MAN E . 43.76 -28.48 -5.39
O4 MAN E . 42.84 -26.12 -4.03
O5 MAN E . 46.06 -25.03 -5.51
O6 MAN E . 44.41 -22.44 -4.35
C1 MAN E . 46.09 -23.84 -14.02
C2 MAN E . 44.96 -24.50 -14.79
C3 MAN E . 44.68 -25.83 -14.09
C4 MAN E . 45.93 -26.72 -14.06
C5 MAN E . 47.15 -25.96 -13.51
C6 MAN E . 48.47 -26.74 -13.67
O2 MAN E . 45.14 -24.51 -16.16
O3 MAN E . 43.51 -26.49 -14.42
O4 MAN E . 45.70 -27.99 -13.47
O5 MAN E . 47.24 -24.67 -14.13
O6 MAN E . 49.02 -26.78 -14.96
C1 BMA F . -14.83 -4.43 -43.03
C2 BMA F . -14.80 -2.86 -43.23
C3 BMA F . -15.35 -2.46 -44.60
C4 BMA F . -14.62 -3.23 -45.67
C5 BMA F . -14.69 -4.75 -45.42
C6 BMA F . -14.01 -5.60 -46.54
O2 BMA F . -13.65 -2.16 -42.80
O3 BMA F . -15.19 -1.07 -44.83
O4 BMA F . -14.93 -2.81 -46.96
O5 BMA F . -14.12 -5.04 -44.12
O6 BMA F . -12.61 -5.36 -46.67
C1 MAN F . -16.38 -0.44 -45.32
C2 MAN F . -16.08 1.01 -45.78
C3 MAN F . -15.61 1.87 -44.53
C4 MAN F . -16.51 1.73 -43.30
C5 MAN F . -16.94 0.26 -43.11
C6 MAN F . -17.86 -0.05 -41.92
O2 MAN F . -17.09 1.55 -46.57
O3 MAN F . -15.07 3.10 -44.79
O4 MAN F . -15.89 2.29 -42.14
O5 MAN F . -17.37 -0.33 -44.31
O6 MAN F . -17.58 -1.21 -41.16
C1 MAN F . -11.87 -5.99 -47.70
C2 MAN F . -10.41 -5.57 -47.73
C3 MAN F . -10.40 -4.07 -47.98
C4 MAN F . -11.10 -3.73 -49.30
C5 MAN F . -12.49 -4.38 -49.40
C6 MAN F . -13.13 -4.25 -50.79
O2 MAN F . -9.61 -6.39 -48.49
O3 MAN F . -9.21 -3.40 -47.77
O4 MAN F . -11.05 -2.35 -49.62
O5 MAN F . -12.42 -5.75 -48.98
O6 MAN F . -12.63 -5.10 -51.78
C1 BMA G . 0.78 -5.06 48.07
C2 BMA G . 2.24 -4.54 48.41
C3 BMA G . 2.51 -4.61 49.92
C4 BMA G . 1.42 -3.88 50.67
C5 BMA G . 0.03 -4.42 50.29
C6 BMA G . -1.13 -3.75 51.07
O2 BMA G . 2.71 -3.38 47.76
O3 BMA G . 3.76 -4.02 50.23
O4 BMA G . 1.67 -3.74 52.02
O5 BMA G . -0.16 -4.28 48.85
O6 BMA G . -1.26 -2.34 50.83
C1 MAN G . 4.57 -4.84 51.10
C2 MAN G . 5.81 -4.03 51.61
C3 MAN G . 6.73 -3.68 50.38
C4 MAN G . 7.02 -4.86 49.43
C5 MAN G . 5.76 -5.70 49.22
C6 MAN G . 5.89 -6.93 48.30
O2 MAN G . 6.41 -4.64 52.70
O3 MAN G . 7.73 -2.78 50.60
O4 MAN G . 7.61 -4.40 48.22
O5 MAN G . 5.08 -5.97 50.43
O6 MAN G . 4.83 -7.17 47.38
C1 MAN G . -2.22 -1.59 51.55
C2 MAN G . -2.17 -0.11 51.21
C3 MAN G . -0.79 0.37 51.60
C4 MAN G . -0.52 0.14 53.10
C5 MAN G . -0.83 -1.31 53.51
C6 MAN G . -0.79 -1.53 55.02
O2 MAN G . -3.27 0.60 51.63
O3 MAN G . -0.38 1.61 51.13
O4 MAN G . 0.73 0.64 53.53
O5 MAN G . -2.08 -1.72 52.95
O6 MAN G . -1.88 -1.06 55.74
C1 BMA H . -32.27 32.28 2.61
C2 BMA H . -33.34 31.46 1.76
C3 BMA H . -34.55 32.32 1.40
C4 BMA H . -35.12 32.93 2.67
C5 BMA H . -34.04 33.71 3.45
C6 BMA H . -34.59 34.41 4.71
O2 BMA H . -33.62 30.13 2.14
O3 BMA H . -35.56 31.56 0.76
O4 BMA H . -36.32 33.59 2.46
O5 BMA H . -32.96 32.80 3.77
O6 BMA H . -35.12 33.51 5.70
C1 MAN H . -36.05 32.17 -0.43
C2 MAN H . -37.32 31.42 -0.95
C3 MAN H . -36.90 29.95 -1.36
C4 MAN H . -35.64 29.88 -2.26
C5 MAN H . -34.57 30.86 -1.77
C6 MAN H . -33.26 30.94 -2.57
O2 MAN H . -38.04 32.16 -1.86
O3 MAN H . -37.90 29.06 -1.62
O4 MAN H . -35.16 28.54 -2.36
O5 MAN H . -35.12 32.14 -1.48
O6 MAN H . -32.05 31.02 -1.83
C1 MAN H . -35.73 34.01 6.87
C2 MAN H . -36.27 32.92 7.76
C3 MAN H . -37.33 32.19 6.96
C4 MAN H . -38.45 33.15 6.50
C5 MAN H . -37.87 34.40 5.82
C6 MAN H . -38.92 35.48 5.55
O2 MAN H . -36.59 33.33 9.04
O3 MAN H . -37.78 30.96 7.42
O4 MAN H . -39.49 32.50 5.79
O5 MAN H . -36.78 34.91 6.59
O6 MAN H . -39.34 36.22 6.66
C1 NGT I . 43.33 -16.43 -9.26
C2 NGT I . 43.51 -17.08 -10.63
C3 NGT I . 43.32 -18.62 -10.58
C4 NGT I . 44.07 -19.19 -9.36
C5 NGT I . 43.57 -18.51 -8.09
C6 NGT I . 44.17 -19.12 -6.84
C7 NGT I . 41.44 -16.08 -10.80
C8 NGT I . 40.32 -15.44 -11.50
N2 NGT I . 42.42 -16.55 -11.46
S1 NGT I . 41.58 -16.21 -9.12
O3 NGT I . 43.85 -19.19 -11.77
O4 NGT I . 43.99 -20.61 -9.31
O5 NGT I . 43.94 -17.12 -8.19
O6 NGT I . 45.60 -19.02 -6.85
C1 NGT J . -14.82 -8.30 -39.26
C2 NGT J . -13.87 -8.60 -40.43
C3 NGT J . -13.45 -7.32 -41.17
C4 NGT J . -14.65 -6.43 -41.42
C5 NGT J . -15.32 -6.10 -40.08
C6 NGT J . -16.46 -5.11 -40.23
C7 NGT J . -12.54 -8.86 -38.55
C8 NGT J . -11.41 -9.43 -37.78
N2 NGT J . -12.68 -9.16 -39.79
S1 NGT J . -13.74 -7.87 -37.92
O3 NGT J . -12.87 -7.69 -42.42
O4 NGT J . -14.32 -5.27 -42.18
O5 NGT J . -15.83 -7.35 -39.55
O6 NGT J . -17.47 -5.61 -41.11
C1 NGT K . -2.27 -7.01 44.07
C2 NGT K . -2.99 -5.93 44.88
C3 NGT K . -1.99 -4.99 45.61
C4 NGT K . -0.89 -5.82 46.28
C5 NGT K . -0.18 -6.68 45.22
C6 NGT K . 1.00 -7.42 45.79
C7 NGT K . -3.23 -5.21 42.71
C8 NGT K . -3.90 -4.51 41.59
N2 NGT K . -3.70 -5.12 43.89
S1 NGT K . -1.89 -6.21 42.54
O3 NGT K . -2.70 -4.26 46.61
O4 NGT K . 0.00 -5.01 47.03
O5 NGT K . -1.18 -7.61 44.73
O6 NGT K . 0.61 -8.29 46.86
C1 NGT L . -27.08 32.39 4.07
C2 NGT L . -28.03 32.65 5.25
C3 NGT L . -29.44 32.07 4.99
C4 NGT L . -29.90 32.42 3.57
C5 NGT L . -28.88 31.87 2.56
C6 NGT L . -29.34 32.07 1.13
C7 NGT L . -26.65 30.97 6.02
C8 NGT L . -25.94 30.18 7.05
N2 NGT L . -27.45 31.90 6.36
S1 NGT L . -26.48 30.76 4.36
O3 NGT L . -30.34 32.65 5.94
O4 NGT L . -31.22 31.98 3.32
O5 NGT L . -27.65 32.60 2.80
O6 NGT L . -29.55 33.46 0.83
#